data_7B8R
#
_entry.id   7B8R
#
_cell.length_a   108.515
_cell.length_b   145.422
_cell.length_c   174.173
_cell.angle_alpha   90.000
_cell.angle_beta   90.000
_cell.angle_gamma   90.000
#
_symmetry.space_group_name_H-M   'P 21 21 21'
#
loop_
_entity.id
_entity.type
_entity.pdbx_description
1 polymer 'Multidrug efflux pump subunit AcrB,Multidrug efflux pump subunit AcrB'
2 polymer DARPin
3 non-polymer DI(HYDROXYETHYL)ETHER
4 non-polymer (4S,4AR,5S,5AR,6R,12AS)-4-(DIMETHYLAMINO)-3,5,10,12,12A-PENTAHYDROXY-6-METHYL-1,11-DIOXO-1,4,4A,5,5A,6,11,12A-OCTAHYDROTETRACENE-2-CARBOXAMIDE
5 water water
#
loop_
_entity_poly.entity_id
_entity_poly.type
_entity_poly.pdbx_seq_one_letter_code
_entity_poly.pdbx_strand_id
1 'polypeptide(L)'
;SAPPAVTISASYPGADAKTVQDTVTQVIEQNMNGIDNLMYMSSNSDSTGTVQITLTFESGTDADIAQVQVQNKLQLAMPL
LPQEVQQQGVSVEKSSSSFLMVVGVINTDGTMTQEDISDYVAANMKDAISRTSGVGDVQLFGSQYAMRIWMNPNELNKFQ
LTPVDVITAIKAQNAQVAAGQLGGTPPVKGQQLNASIIAQTRLTSTEEFGKILLKVNQDGSRVLLRDVAKIELGGENYDI
IAEFNGQPASGLGIKLATGANALDTAAAIRAELAKMEPFFPSGLKIVYPYDTGGSGGSGGSSSFLPDEDQGVFMTMVQLP
AGATQERTQKVLNEVTHYYLTKEKNNVESVFAVNGFGFAGRGQNTGIAFVSLKDWADRPGEENKVEAITMRATRAFSQIK
DAMVFAFNLPAIVELGTATGFDFELIDQAGLGHEKLTQARNQLLAEAAKHPDMLTSVRPNGLEDTPQFKIDIDQEKAQAL
GVSINDINTTLGAAWGGSYVNDFIDRGRVKKVYVMSEAKYRMLPDDIGDWYVRAADGQMVPFSAFSSSRWEYGSPRLERY
NGLPSMEILGQAAPGKSTGEAMELMEQLASKLPTGVGYDWTGMSYQERLSSAL
;
A,B,C
2 'polypeptide(L)'
;MRGSHHHHHHGSDLGKKLLEAARAGRDDEVRILMANGADVNAADVVGWTPLHLAAYWGHLEIVEVLLKNGADVNAYDTLG
STPLHLAAHFGHLEIVEVLLKNGADVNAKDDNGITPLHLAANRGHLEIVEVLLKYGADVNAQDKFGKTAFDISINNGNED
LAEILQKLN
;
D,E,F
#
loop_
_chem_comp.id
_chem_comp.type
_chem_comp.name
_chem_comp.formula
DXT non-polymer (4S,4AR,5S,5AR,6R,12AS)-4-(DIMETHYLAMINO)-3,5,10,12,12A-PENTAHYDROXY-6-METHYL-1,11-DIOXO-1,4,4A,5,5A,6,11,12A-OCTAHYDROTETRACENE-2-CARBOXAMIDE 'C22 H24 N2 O8'
PEG non-polymer DI(HYDROXYETHYL)ETHER 'C4 H10 O3'
#
# COMPACT_ATOMS: atom_id res chain seq x y z
N ALA A 2 19.60 -31.01 -0.51
CA ALA A 2 18.46 -30.16 -0.22
C ALA A 2 18.52 -28.87 -1.03
N PRO A 3 17.63 -28.76 -2.03
CA PRO A 3 17.56 -27.52 -2.81
C PRO A 3 16.97 -26.40 -1.98
N PRO A 4 17.48 -25.17 -2.13
CA PRO A 4 16.94 -24.06 -1.34
C PRO A 4 15.53 -23.70 -1.78
N ALA A 5 14.69 -23.36 -0.80
CA ALA A 5 13.30 -23.04 -1.04
C ALA A 5 12.93 -21.74 -0.34
N VAL A 6 12.19 -20.88 -1.04
CA VAL A 6 11.65 -19.65 -0.49
C VAL A 6 10.15 -19.83 -0.34
N THR A 7 9.60 -19.36 0.79
CA THR A 7 8.21 -19.60 1.13
C THR A 7 7.48 -18.28 1.32
N ILE A 8 6.34 -18.15 0.64
CA ILE A 8 5.42 -17.03 0.83
C ILE A 8 4.24 -17.54 1.64
N SER A 9 3.92 -16.84 2.73
CA SER A 9 2.80 -17.19 3.57
C SER A 9 1.91 -15.98 3.78
N ALA A 10 0.60 -16.18 3.68
CA ALA A 10 -0.37 -15.13 3.90
C ALA A 10 -1.56 -15.70 4.64
N SER A 11 -2.31 -14.82 5.30
CA SER A 11 -3.45 -15.21 6.11
C SER A 11 -4.67 -14.39 5.74
N TYR A 12 -5.83 -15.05 5.68
CA TYR A 12 -7.10 -14.39 5.37
C TYR A 12 -8.12 -14.96 6.34
N PRO A 13 -8.33 -14.29 7.47
CA PRO A 13 -9.18 -14.86 8.53
C PRO A 13 -10.61 -15.07 8.06
N GLY A 14 -11.12 -16.28 8.30
CA GLY A 14 -12.48 -16.63 7.94
C GLY A 14 -12.70 -17.02 6.50
N ALA A 15 -11.64 -17.10 5.69
CA ALA A 15 -11.77 -17.40 4.28
C ALA A 15 -11.68 -18.90 4.04
N ASP A 16 -12.48 -19.38 3.09
CA ASP A 16 -12.44 -20.76 2.64
C ASP A 16 -11.30 -20.95 1.63
N ALA A 17 -11.05 -22.21 1.27
CA ALA A 17 -9.92 -22.52 0.40
C ALA A 17 -10.07 -21.86 -0.96
N LYS A 18 -11.28 -21.87 -1.53
CA LYS A 18 -11.49 -21.29 -2.85
C LYS A 18 -11.28 -19.78 -2.82
N THR A 19 -11.80 -19.11 -1.78
CA THR A 19 -11.61 -17.67 -1.65
C THR A 19 -10.13 -17.33 -1.55
N VAL A 20 -9.37 -18.10 -0.76
CA VAL A 20 -7.93 -17.85 -0.61
C VAL A 20 -7.23 -17.99 -1.96
N GLN A 21 -7.54 -19.08 -2.68
CA GLN A 21 -6.85 -19.36 -3.94
C GLN A 21 -7.16 -18.29 -4.99
N ASP A 22 -8.40 -17.81 -5.04
CA ASP A 22 -8.83 -16.96 -6.13
C ASP A 22 -8.64 -15.47 -5.86
N THR A 23 -8.42 -15.07 -4.61
CA THR A 23 -8.16 -13.67 -4.29
C THR A 23 -6.73 -13.40 -3.84
N VAL A 24 -5.96 -14.44 -3.51
CA VAL A 24 -4.59 -14.25 -3.03
C VAL A 24 -3.63 -15.09 -3.85
N THR A 25 -3.80 -16.42 -3.83
CA THR A 25 -2.80 -17.32 -4.39
C THR A 25 -2.59 -17.05 -5.88
N GLN A 26 -3.67 -16.99 -6.65
CA GLN A 26 -3.54 -16.83 -8.10
C GLN A 26 -2.89 -15.49 -8.46
N VAL A 27 -3.23 -14.42 -7.74
CA VAL A 27 -2.65 -13.12 -8.03
C VAL A 27 -1.13 -13.15 -7.84
N ILE A 28 -0.68 -13.79 -6.76
CA ILE A 28 0.76 -13.87 -6.50
C ILE A 28 1.43 -14.77 -7.54
N GLU A 29 0.84 -15.94 -7.81
CA GLU A 29 1.47 -16.90 -8.70
C GLU A 29 1.67 -16.34 -10.10
N GLN A 30 0.70 -15.56 -10.59
CA GLN A 30 0.82 -15.00 -11.94
C GLN A 30 1.99 -14.04 -12.08
N ASN A 31 2.60 -13.61 -10.98
CA ASN A 31 3.76 -12.74 -11.00
C ASN A 31 5.06 -13.49 -10.73
N MET A 32 5.00 -14.79 -10.42
CA MET A 32 6.20 -15.56 -10.09
C MET A 32 6.83 -16.11 -11.37
N ASN A 33 7.34 -15.18 -12.18
CA ASN A 33 8.12 -15.51 -13.37
C ASN A 33 9.24 -14.50 -13.51
N GLY A 34 10.20 -14.82 -14.36
CA GLY A 34 11.40 -14.00 -14.45
C GLY A 34 12.26 -14.08 -13.20
N ILE A 35 12.22 -15.22 -12.50
CA ILE A 35 13.03 -15.44 -11.31
C ILE A 35 14.13 -16.41 -11.66
N ASP A 36 15.38 -16.03 -11.39
CA ASP A 36 16.53 -16.84 -11.80
C ASP A 36 16.60 -18.13 -11.00
N ASN A 37 16.96 -19.21 -11.69
CA ASN A 37 17.31 -20.51 -11.08
C ASN A 37 16.11 -21.15 -10.38
N LEU A 38 14.91 -20.87 -10.86
CA LEU A 38 13.69 -21.46 -10.30
C LEU A 38 13.40 -22.78 -10.98
N MET A 39 13.26 -23.85 -10.18
CA MET A 39 12.94 -25.17 -10.70
C MET A 39 11.44 -25.40 -10.82
N TYR A 40 10.71 -25.16 -9.75
CA TYR A 40 9.27 -25.32 -9.76
C TYR A 40 8.66 -24.56 -8.60
N MET A 41 7.34 -24.44 -8.64
CA MET A 41 6.56 -23.70 -7.67
C MET A 41 5.32 -24.51 -7.32
N SER A 42 4.96 -24.53 -6.04
CA SER A 42 3.77 -25.23 -5.59
C SER A 42 3.11 -24.41 -4.49
N SER A 43 1.83 -24.67 -4.26
CA SER A 43 1.09 -23.87 -3.29
C SER A 43 -0.08 -24.66 -2.73
N ASN A 44 -0.45 -24.33 -1.49
CA ASN A 44 -1.64 -24.84 -0.84
C ASN A 44 -2.51 -23.66 -0.40
N SER A 45 -3.81 -23.74 -0.68
CA SER A 45 -4.77 -22.76 -0.22
C SER A 45 -5.79 -23.48 0.66
N ASP A 46 -5.81 -23.13 1.94
CA ASP A 46 -6.53 -23.89 2.97
C ASP A 46 -7.78 -23.16 3.41
N SER A 47 -8.76 -23.94 3.88
CA SER A 47 -9.95 -23.37 4.49
C SER A 47 -9.72 -22.89 5.92
N THR A 48 -8.49 -22.99 6.42
CA THR A 48 -8.05 -22.22 7.57
C THR A 48 -7.82 -20.75 7.22
N GLY A 49 -8.01 -20.36 5.96
CA GLY A 49 -7.71 -19.02 5.53
C GLY A 49 -6.24 -18.74 5.30
N THR A 50 -5.44 -19.79 5.08
CA THR A 50 -4.01 -19.69 4.96
C THR A 50 -3.57 -20.11 3.55
N VAL A 51 -2.56 -19.45 3.01
CA VAL A 51 -1.91 -19.88 1.79
C VAL A 51 -0.41 -19.96 2.02
N GLN A 52 0.21 -20.99 1.48
CA GLN A 52 1.66 -21.14 1.48
C GLN A 52 2.11 -21.45 0.07
N ILE A 53 3.01 -20.61 -0.45
CA ILE A 53 3.58 -20.81 -1.79
C ILE A 53 5.05 -21.12 -1.60
N THR A 54 5.48 -22.27 -2.12
CA THR A 54 6.87 -22.70 -2.03
C THR A 54 7.51 -22.61 -3.41
N LEU A 55 8.64 -21.91 -3.48
CA LEU A 55 9.43 -21.78 -4.70
C LEU A 55 10.78 -22.44 -4.47
N THR A 56 11.04 -23.50 -5.21
CA THR A 56 12.24 -24.32 -5.03
C THR A 56 13.26 -23.98 -6.09
N PHE A 57 14.50 -23.79 -5.67
CA PHE A 57 15.57 -23.33 -6.55
C PHE A 57 16.63 -24.41 -6.70
N GLU A 58 17.36 -24.33 -7.81
CA GLU A 58 18.45 -25.28 -8.07
C GLU A 58 19.50 -25.18 -6.98
N SER A 59 20.10 -26.32 -6.66
CA SER A 59 21.17 -26.36 -5.67
C SER A 59 22.30 -25.43 -6.10
N GLY A 60 22.88 -24.74 -5.12
CA GLY A 60 23.89 -23.72 -5.39
C GLY A 60 23.36 -22.32 -5.50
N THR A 61 22.05 -22.14 -5.59
CA THR A 61 21.47 -20.80 -5.64
C THR A 61 21.70 -20.08 -4.32
N ASP A 62 22.08 -18.80 -4.40
CA ASP A 62 22.18 -17.96 -3.21
C ASP A 62 20.79 -17.71 -2.66
N ALA A 63 20.56 -18.13 -1.41
CA ALA A 63 19.24 -17.95 -0.80
C ALA A 63 18.89 -16.48 -0.64
N ASP A 64 19.90 -15.63 -0.36
CA ASP A 64 19.65 -14.20 -0.28
C ASP A 64 19.07 -13.66 -1.58
N ILE A 65 19.70 -14.00 -2.70
CA ILE A 65 19.25 -13.51 -4.00
C ILE A 65 17.85 -14.04 -4.30
N ALA A 66 17.60 -15.31 -4.00
CA ALA A 66 16.32 -15.92 -4.33
C ALA A 66 15.18 -15.26 -3.54
N GLN A 67 15.40 -14.99 -2.26
CA GLN A 67 14.38 -14.30 -1.46
C GLN A 67 14.12 -12.90 -2.01
N VAL A 68 15.17 -12.21 -2.43
CA VAL A 68 15.02 -10.85 -2.96
C VAL A 68 14.21 -10.87 -4.25
N GLN A 69 14.52 -11.81 -5.15
CA GLN A 69 13.81 -11.86 -6.42
C GLN A 69 12.37 -12.32 -6.25
N VAL A 70 12.10 -13.21 -5.30
CA VAL A 70 10.72 -13.62 -5.04
C VAL A 70 9.92 -12.45 -4.47
N GLN A 71 10.49 -11.73 -3.52
CA GLN A 71 9.77 -10.62 -2.90
C GLN A 71 9.49 -9.51 -3.90
N ASN A 72 10.43 -9.24 -4.80
CA ASN A 72 10.23 -8.16 -5.76
C ASN A 72 9.07 -8.48 -6.70
N LYS A 73 8.90 -9.75 -7.08
CA LYS A 73 7.73 -10.11 -7.87
C LYS A 73 6.47 -10.07 -7.03
N LEU A 74 6.56 -10.44 -5.75
CA LEU A 74 5.39 -10.40 -4.88
C LEU A 74 4.88 -8.98 -4.67
N GLN A 75 5.78 -7.99 -4.71
CA GLN A 75 5.35 -6.61 -4.55
C GLN A 75 4.40 -6.18 -5.67
N LEU A 76 4.49 -6.80 -6.84
CA LEU A 76 3.56 -6.50 -7.92
C LEU A 76 2.15 -6.94 -7.56
N ALA A 77 2.00 -7.98 -6.74
CA ALA A 77 0.69 -8.49 -6.37
C ALA A 77 0.13 -7.83 -5.12
N MET A 78 0.99 -7.31 -4.24
CA MET A 78 0.56 -6.80 -2.93
C MET A 78 -0.58 -5.81 -3.00
N PRO A 79 -0.58 -4.78 -3.87
CA PRO A 79 -1.72 -3.85 -3.89
C PRO A 79 -3.00 -4.45 -4.41
N LEU A 80 -2.96 -5.63 -5.04
CA LEU A 80 -4.16 -6.29 -5.51
C LEU A 80 -4.75 -7.25 -4.48
N LEU A 81 -4.07 -7.48 -3.37
CA LEU A 81 -4.54 -8.42 -2.38
C LEU A 81 -5.58 -7.77 -1.47
N PRO A 82 -6.51 -8.55 -0.93
CA PRO A 82 -7.47 -8.01 0.03
C PRO A 82 -6.75 -7.31 1.19
N GLN A 83 -7.34 -6.21 1.65
CA GLN A 83 -6.76 -5.48 2.76
C GLN A 83 -6.67 -6.37 4.00
N GLU A 84 -7.65 -7.26 4.19
CA GLU A 84 -7.60 -8.20 5.32
C GLU A 84 -6.35 -9.06 5.27
N VAL A 85 -5.86 -9.37 4.08
CA VAL A 85 -4.66 -10.19 3.95
C VAL A 85 -3.40 -9.35 4.19
N GLN A 86 -3.35 -8.15 3.59
CA GLN A 86 -2.22 -7.26 3.81
C GLN A 86 -2.03 -6.93 5.28
N GLN A 87 -3.14 -6.74 6.00
CA GLN A 87 -3.07 -6.34 7.40
C GLN A 87 -2.50 -7.43 8.29
N GLN A 88 -2.64 -8.69 7.91
CA GLN A 88 -2.09 -9.77 8.72
C GLN A 88 -0.58 -9.87 8.60
N GLY A 89 0.00 -9.22 7.59
CA GLY A 89 1.43 -9.31 7.36
C GLY A 89 1.79 -10.52 6.52
N VAL A 90 2.07 -10.28 5.25
CA VAL A 90 2.57 -11.33 4.37
C VAL A 90 4.05 -11.57 4.68
N SER A 91 4.45 -12.83 4.72
CA SER A 91 5.81 -13.20 5.07
C SER A 91 6.50 -13.90 3.89
N VAL A 92 7.79 -13.62 3.73
CA VAL A 92 8.64 -14.29 2.76
C VAL A 92 9.89 -14.77 3.50
N GLU A 93 10.13 -16.07 3.47
CA GLU A 93 11.19 -16.67 4.27
C GLU A 93 12.05 -17.62 3.43
N LYS A 94 13.27 -17.83 3.90
CA LYS A 94 14.26 -18.71 3.26
C LYS A 94 14.77 -19.67 4.32
N SER A 95 14.01 -20.71 4.61
CA SER A 95 14.35 -21.63 5.67
C SER A 95 14.18 -23.07 5.22
N SER A 96 14.85 -23.97 5.94
CA SER A 96 14.57 -25.39 5.83
C SER A 96 13.10 -25.65 6.15
N SER A 97 12.59 -26.76 5.64
CA SER A 97 11.20 -27.14 5.89
C SER A 97 11.02 -27.84 7.23
N SER A 98 12.10 -28.27 7.86
CA SER A 98 12.04 -29.06 9.08
C SER A 98 12.50 -28.24 10.27
N PHE A 99 12.14 -28.71 11.47
CA PHE A 99 12.48 -28.00 12.69
C PHE A 99 13.89 -28.36 13.13
N LEU A 100 14.68 -27.33 13.43
CA LEU A 100 15.99 -27.53 14.03
C LEU A 100 15.87 -27.85 15.52
N MET A 101 14.94 -27.21 16.21
CA MET A 101 14.71 -27.46 17.62
C MET A 101 13.33 -26.93 17.99
N VAL A 102 12.81 -27.42 19.11
CA VAL A 102 11.58 -26.93 19.69
C VAL A 102 11.89 -26.44 21.10
N VAL A 103 11.55 -25.18 21.38
CA VAL A 103 11.68 -24.62 22.71
C VAL A 103 10.33 -24.72 23.39
N GLY A 104 10.22 -25.59 24.39
CA GLY A 104 8.98 -25.73 25.13
C GLY A 104 8.95 -24.82 26.35
N VAL A 105 7.74 -24.42 26.72
CA VAL A 105 7.53 -23.56 27.88
C VAL A 105 6.36 -24.11 28.68
N ILE A 106 6.59 -24.34 29.97
CA ILE A 106 5.58 -24.83 30.90
C ILE A 106 5.58 -23.94 32.13
N ASN A 107 4.56 -24.13 32.97
CA ASN A 107 4.47 -23.45 34.27
C ASN A 107 4.41 -24.54 35.34
N THR A 108 5.54 -24.76 36.02
CA THR A 108 5.62 -25.83 37.01
C THR A 108 4.70 -25.60 38.20
N ASP A 109 4.33 -24.36 38.48
CA ASP A 109 3.39 -24.06 39.54
C ASP A 109 1.94 -24.16 39.09
N GLY A 110 1.70 -24.50 37.83
CA GLY A 110 0.34 -24.63 37.30
C GLY A 110 -0.51 -23.39 37.47
N THR A 111 0.12 -22.22 37.58
CA THR A 111 -0.59 -20.97 37.76
C THR A 111 -0.86 -20.25 36.43
N MET A 112 -0.62 -20.92 35.30
CA MET A 112 -0.85 -20.34 34.00
C MET A 112 -1.46 -21.39 33.09
N THR A 113 -2.56 -21.03 32.42
CA THR A 113 -3.17 -21.92 31.45
C THR A 113 -2.34 -21.96 30.17
N GLN A 114 -2.72 -22.89 29.27
CA GLN A 114 -2.10 -22.95 27.95
C GLN A 114 -2.23 -21.60 27.23
N GLU A 115 -3.41 -20.97 27.33
CA GLU A 115 -3.61 -19.68 26.70
C GLU A 115 -2.68 -18.62 27.28
N ASP A 116 -2.49 -18.65 28.61
CA ASP A 116 -1.59 -17.69 29.26
C ASP A 116 -0.15 -17.91 28.81
N ILE A 117 0.32 -19.15 28.83
CA ILE A 117 1.70 -19.44 28.46
C ILE A 117 1.95 -19.05 27.01
N SER A 118 1.00 -19.35 26.12
CA SER A 118 1.18 -19.01 24.70
C SER A 118 1.32 -17.51 24.51
N ASP A 119 0.51 -16.72 25.23
CA ASP A 119 0.63 -15.28 25.11
C ASP A 119 1.96 -14.79 25.65
N TYR A 120 2.42 -15.32 26.79
CA TYR A 120 3.70 -14.90 27.32
C TYR A 120 4.83 -15.16 26.34
N VAL A 121 4.77 -16.31 25.65
CA VAL A 121 5.83 -16.64 24.71
C VAL A 121 5.78 -15.72 23.51
N ALA A 122 4.58 -15.45 22.99
CA ALA A 122 4.45 -14.61 21.81
C ALA A 122 4.88 -13.17 22.09
N ALA A 123 4.59 -12.68 23.29
CA ALA A 123 4.77 -11.27 23.60
C ALA A 123 6.13 -10.95 24.24
N ASN A 124 6.83 -11.94 24.79
CA ASN A 124 8.09 -11.71 25.45
C ASN A 124 9.25 -12.52 24.89
N MET A 125 9.00 -13.49 24.03
CA MET A 125 10.04 -14.42 23.61
C MET A 125 10.18 -14.55 22.11
N LYS A 126 9.06 -14.58 21.37
CA LYS A 126 9.09 -14.98 19.96
C LYS A 126 9.88 -13.99 19.10
N ASP A 127 9.70 -12.69 19.33
CA ASP A 127 10.30 -11.68 18.47
C ASP A 127 11.83 -11.76 18.50
N ALA A 128 12.40 -11.75 19.72
CA ALA A 128 13.86 -11.78 19.84
C ALA A 128 14.45 -13.04 19.23
N ILE A 129 13.75 -14.16 19.36
CA ILE A 129 14.18 -15.37 18.68
C ILE A 129 14.07 -15.19 17.16
N SER A 130 12.99 -14.58 16.70
CA SER A 130 12.78 -14.39 15.27
C SER A 130 13.85 -13.50 14.64
N ARG A 131 14.44 -12.60 15.42
CA ARG A 131 15.49 -11.73 14.91
C ARG A 131 16.87 -12.33 14.99
N THR A 132 17.02 -13.48 15.65
CA THR A 132 18.32 -14.13 15.76
C THR A 132 18.80 -14.59 14.39
N SER A 133 20.08 -14.32 14.10
CA SER A 133 20.63 -14.68 12.81
C SER A 133 20.70 -16.20 12.66
N GLY A 134 20.38 -16.68 11.46
CA GLY A 134 20.28 -18.11 11.21
C GLY A 134 18.91 -18.69 11.46
N VAL A 135 18.01 -17.94 12.08
CA VAL A 135 16.65 -18.41 12.35
C VAL A 135 15.78 -18.06 11.15
N GLY A 136 15.39 -19.07 10.38
CA GLY A 136 14.66 -18.84 9.14
C GLY A 136 13.16 -18.74 9.31
N ASP A 137 12.61 -19.42 10.32
CA ASP A 137 11.18 -19.44 10.57
C ASP A 137 10.94 -19.82 12.03
N VAL A 138 9.95 -19.17 12.65
CA VAL A 138 9.55 -19.52 14.01
C VAL A 138 8.05 -19.78 13.99
N GLN A 139 7.65 -20.96 14.44
CA GLN A 139 6.24 -21.34 14.55
C GLN A 139 5.84 -21.34 16.01
N LEU A 140 4.88 -20.49 16.36
CA LEU A 140 4.35 -20.48 17.72
C LEU A 140 3.32 -21.59 17.89
N PHE A 141 3.51 -22.43 18.90
CA PHE A 141 2.58 -23.51 19.19
C PHE A 141 1.55 -22.99 20.18
N GLY A 142 0.62 -22.20 19.65
CA GLY A 142 -0.34 -21.42 20.39
C GLY A 142 -0.59 -20.12 19.67
N SER A 143 -1.13 -19.14 20.40
CA SER A 143 -1.52 -17.88 19.79
C SER A 143 -1.33 -16.74 20.79
N GLN A 144 -0.86 -15.61 20.29
CA GLN A 144 -0.79 -14.41 21.11
C GLN A 144 -2.20 -13.95 21.48
N TYR A 145 -2.32 -13.33 22.65
CA TYR A 145 -3.61 -12.77 23.05
C TYR A 145 -4.04 -11.68 22.08
N ALA A 146 -5.34 -11.63 21.83
CA ALA A 146 -6.00 -10.48 21.25
C ALA A 146 -7.08 -10.03 22.22
N MET A 147 -7.54 -8.79 22.05
CA MET A 147 -8.77 -8.38 22.71
C MET A 147 -9.93 -9.01 21.95
N ARG A 148 -10.62 -9.96 22.58
CA ARG A 148 -11.72 -10.67 21.96
C ARG A 148 -13.04 -10.04 22.37
N ILE A 149 -13.82 -9.62 21.38
CA ILE A 149 -15.19 -9.13 21.58
C ILE A 149 -16.13 -10.22 21.07
N TRP A 150 -16.77 -10.94 21.98
CA TRP A 150 -17.65 -12.06 21.64
C TRP A 150 -19.09 -11.55 21.59
N MET A 151 -19.61 -11.34 20.39
CA MET A 151 -20.90 -10.68 20.20
C MET A 151 -22.07 -11.62 20.49
N ASN A 152 -23.15 -11.02 20.99
CA ASN A 152 -24.41 -11.71 21.26
C ASN A 152 -25.46 -11.19 20.29
N PRO A 153 -25.94 -12.00 19.35
CA PRO A 153 -26.90 -11.48 18.36
C PRO A 153 -28.25 -11.12 18.95
N ASN A 154 -28.64 -11.72 20.08
CA ASN A 154 -29.91 -11.35 20.70
C ASN A 154 -29.85 -9.93 21.25
N GLU A 155 -28.77 -9.60 21.96
CA GLU A 155 -28.65 -8.25 22.51
C GLU A 155 -28.44 -7.21 21.42
N LEU A 156 -27.69 -7.57 20.38
CA LEU A 156 -27.51 -6.65 19.25
C LEU A 156 -28.83 -6.34 18.58
N ASN A 157 -29.68 -7.35 18.40
CA ASN A 157 -31.01 -7.10 17.83
C ASN A 157 -31.90 -6.33 18.79
N LYS A 158 -31.71 -6.52 20.10
CA LYS A 158 -32.54 -5.82 21.08
C LYS A 158 -32.34 -4.31 21.00
N PHE A 159 -31.17 -3.85 20.57
CA PHE A 159 -30.85 -2.44 20.52
C PHE A 159 -30.69 -1.94 19.08
N GLN A 160 -31.20 -2.67 18.11
CA GLN A 160 -31.12 -2.29 16.69
C GLN A 160 -29.68 -2.05 16.26
N LEU A 161 -28.78 -2.92 16.71
CA LEU A 161 -27.35 -2.81 16.42
C LEU A 161 -26.88 -4.05 15.68
N THR A 162 -25.89 -3.85 14.81
CA THR A 162 -25.29 -4.95 14.06
C THR A 162 -23.79 -4.99 14.36
N PRO A 163 -23.06 -6.01 13.91
CA PRO A 163 -21.59 -5.97 14.07
C PRO A 163 -20.95 -4.78 13.38
N VAL A 164 -21.57 -4.23 12.33
CA VAL A 164 -21.03 -3.04 11.68
C VAL A 164 -20.97 -1.88 12.67
N ASP A 165 -22.01 -1.72 13.47
CA ASP A 165 -22.01 -0.67 14.50
C ASP A 165 -20.93 -0.95 15.54
N VAL A 166 -20.76 -2.20 15.92
CA VAL A 166 -19.71 -2.56 16.90
C VAL A 166 -18.34 -2.24 16.34
N ILE A 167 -18.08 -2.67 15.11
CA ILE A 167 -16.78 -2.42 14.48
C ILE A 167 -16.53 -0.91 14.35
N THR A 168 -17.57 -0.15 14.01
CA THR A 168 -17.40 1.29 13.86
C THR A 168 -17.09 1.95 15.19
N ALA A 169 -17.78 1.55 16.26
CA ALA A 169 -17.54 2.15 17.57
C ALA A 169 -16.15 1.80 18.10
N ILE A 170 -15.64 0.60 17.79
CA ILE A 170 -14.32 0.23 18.25
C ILE A 170 -13.25 1.03 17.52
N LYS A 171 -13.44 1.26 16.22
CA LYS A 171 -12.47 2.09 15.49
C LYS A 171 -12.48 3.52 15.99
N ALA A 172 -13.64 4.02 16.43
CA ALA A 172 -13.74 5.41 16.86
C ALA A 172 -13.26 5.60 18.30
N GLN A 173 -13.51 4.62 19.18
CA GLN A 173 -13.24 4.79 20.60
C GLN A 173 -12.04 4.00 21.09
N ASN A 174 -11.40 3.21 20.24
CA ASN A 174 -10.08 2.65 20.51
C ASN A 174 -9.16 3.21 19.42
N ALA A 175 -8.76 4.47 19.60
CA ALA A 175 -8.03 5.20 18.58
C ALA A 175 -6.82 5.89 19.22
N GLN A 176 -5.79 6.11 18.40
CA GLN A 176 -4.58 6.79 18.79
C GLN A 176 -4.50 8.06 17.96
N VAL A 177 -4.84 9.20 18.57
CA VAL A 177 -5.10 10.44 17.85
C VAL A 177 -3.85 11.32 17.85
N ALA A 178 -3.44 11.73 16.65
CA ALA A 178 -2.42 12.76 16.49
C ALA A 178 -3.11 14.12 16.60
N ALA A 179 -2.83 14.86 17.66
CA ALA A 179 -3.61 16.05 18.00
C ALA A 179 -2.83 17.35 17.96
N GLY A 180 -1.55 17.32 17.60
CA GLY A 180 -0.80 18.56 17.48
C GLY A 180 -0.25 19.06 18.80
N GLN A 181 0.03 20.37 18.83
CA GLN A 181 0.62 20.99 20.01
C GLN A 181 0.03 22.36 20.24
N LEU A 182 0.24 22.86 21.46
CA LEU A 182 0.10 24.28 21.76
C LEU A 182 1.46 24.93 21.58
N GLY A 183 1.48 26.10 20.94
CA GLY A 183 2.73 26.79 20.71
C GLY A 183 3.65 26.09 19.74
N GLY A 184 3.12 25.27 18.85
CA GLY A 184 3.94 24.68 17.81
C GLY A 184 4.37 25.71 16.78
N THR A 185 5.39 25.34 16.02
CA THR A 185 5.90 26.23 15.00
C THR A 185 5.02 26.18 13.76
N PRO A 186 4.84 27.32 13.07
CA PRO A 186 5.32 28.64 13.48
C PRO A 186 4.44 29.24 14.56
N PRO A 187 5.05 29.77 15.61
CA PRO A 187 4.27 30.34 16.71
C PRO A 187 4.04 31.83 16.49
N VAL A 188 3.20 32.40 17.35
CA VAL A 188 3.23 33.84 17.53
C VAL A 188 4.49 34.18 18.32
N LYS A 189 5.30 35.10 17.79
CA LYS A 189 6.55 35.45 18.45
C LYS A 189 6.28 35.86 19.89
N GLY A 190 7.17 35.45 20.78
CA GLY A 190 6.99 35.66 22.21
C GLY A 190 6.28 34.53 22.92
N GLN A 191 5.79 33.53 22.20
CA GLN A 191 5.13 32.39 22.83
C GLN A 191 6.09 31.71 23.80
N GLN A 192 5.60 31.48 25.02
CA GLN A 192 6.37 30.77 26.05
C GLN A 192 5.98 29.31 26.19
N LEU A 193 4.68 29.01 26.11
CA LEU A 193 4.19 27.66 26.32
C LEU A 193 4.35 26.82 25.06
N ASN A 194 4.85 25.60 25.24
CA ASN A 194 4.91 24.63 24.14
C ASN A 194 4.67 23.25 24.74
N ALA A 195 3.56 22.62 24.35
CA ALA A 195 3.18 21.34 24.92
C ALA A 195 2.38 20.54 23.91
N SER A 196 2.63 19.23 23.87
CA SER A 196 1.87 18.35 23.00
C SER A 196 0.44 18.23 23.51
N ILE A 197 -0.52 18.16 22.58
CA ILE A 197 -1.90 17.84 22.90
C ILE A 197 -2.07 16.33 22.82
N ILE A 198 -2.57 15.74 23.90
CA ILE A 198 -2.85 14.31 23.96
C ILE A 198 -4.37 14.15 23.95
N ALA A 199 -4.89 13.44 22.96
CA ALA A 199 -6.31 13.14 22.91
C ALA A 199 -6.53 11.68 23.22
N GLN A 200 -7.40 11.00 22.45
CA GLN A 200 -7.62 9.58 22.66
C GLN A 200 -6.34 8.81 22.43
N THR A 201 -6.21 7.71 23.18
CA THR A 201 -5.10 6.77 23.04
C THR A 201 -5.67 5.37 23.05
N ARG A 202 -4.86 4.42 22.57
CA ARG A 202 -5.28 3.02 22.52
C ARG A 202 -5.75 2.54 23.89
N LEU A 203 -6.92 1.88 23.91
CA LEU A 203 -7.37 1.23 25.12
C LEU A 203 -6.41 0.09 25.49
N THR A 204 -6.39 -0.25 26.78
CA THR A 204 -5.40 -1.18 27.29
C THR A 204 -5.98 -2.35 28.08
N SER A 205 -7.29 -2.50 28.16
CA SER A 205 -7.85 -3.50 29.07
C SER A 205 -9.30 -3.81 28.70
N THR A 206 -9.76 -4.98 29.15
CA THR A 206 -11.15 -5.38 28.92
C THR A 206 -12.12 -4.38 29.54
N GLU A 207 -11.76 -3.83 30.71
CA GLU A 207 -12.59 -2.81 31.35
C GLU A 207 -12.86 -1.64 30.40
N GLU A 208 -11.80 -1.11 29.79
CA GLU A 208 -11.96 0.02 28.88
C GLU A 208 -12.82 -0.34 27.68
N PHE A 209 -12.57 -1.51 27.07
CA PHE A 209 -13.37 -1.93 25.93
C PHE A 209 -14.81 -2.13 26.34
N GLY A 210 -15.04 -2.59 27.57
CA GLY A 210 -16.40 -2.85 28.02
C GLY A 210 -17.28 -1.62 28.05
N LYS A 211 -16.69 -0.43 28.23
CA LYS A 211 -17.47 0.79 28.34
C LYS A 211 -17.45 1.64 27.08
N ILE A 212 -17.02 1.08 25.95
CA ILE A 212 -17.21 1.76 24.68
C ILE A 212 -18.70 2.02 24.48
N LEU A 213 -19.05 3.23 24.06
CA LEU A 213 -20.44 3.66 23.97
C LEU A 213 -20.97 3.38 22.57
N LEU A 214 -21.96 2.50 22.46
CA LEU A 214 -22.53 2.15 21.16
C LEU A 214 -23.64 3.09 20.74
N LYS A 215 -24.55 3.44 21.64
CA LYS A 215 -25.59 4.41 21.30
C LYS A 215 -26.23 4.94 22.58
N VAL A 216 -26.91 6.07 22.43
CA VAL A 216 -27.71 6.67 23.48
C VAL A 216 -29.16 6.58 23.03
N ASN A 217 -29.99 5.91 23.84
CA ASN A 217 -31.41 5.87 23.56
C ASN A 217 -32.01 7.27 23.74
N GLN A 218 -33.18 7.48 23.14
CA GLN A 218 -33.83 8.79 23.24
C GLN A 218 -34.23 9.10 24.67
N ASP A 219 -34.49 8.08 25.48
CA ASP A 219 -34.83 8.28 26.89
C ASP A 219 -33.61 8.55 27.76
N GLY A 220 -32.41 8.55 27.19
CA GLY A 220 -31.20 8.90 27.91
C GLY A 220 -30.33 7.72 28.30
N SER A 221 -30.84 6.49 28.22
CA SER A 221 -30.06 5.32 28.64
C SER A 221 -28.93 5.05 27.66
N ARG A 222 -27.88 4.41 28.17
CA ARG A 222 -26.67 4.13 27.42
C ARG A 222 -26.56 2.65 27.10
N VAL A 223 -26.14 2.35 25.87
CA VAL A 223 -25.83 0.99 25.45
C VAL A 223 -24.31 0.89 25.34
N LEU A 224 -23.70 0.15 26.26
CA LEU A 224 -22.26 -0.06 26.27
C LEU A 224 -21.92 -1.39 25.58
N LEU A 225 -20.65 -1.51 25.16
CA LEU A 225 -20.23 -2.71 24.46
C LEU A 225 -20.35 -3.95 25.33
N ARG A 226 -20.15 -3.81 26.65
CA ARG A 226 -20.32 -4.95 27.54
C ARG A 226 -21.78 -5.37 27.68
N ASP A 227 -22.72 -4.61 27.11
CA ASP A 227 -24.12 -4.98 27.12
C ASP A 227 -24.52 -5.87 25.95
N VAL A 228 -23.69 -5.94 24.91
CA VAL A 228 -23.96 -6.76 23.74
C VAL A 228 -22.87 -7.78 23.48
N ALA A 229 -21.86 -7.89 24.34
CA ALA A 229 -20.75 -8.77 24.06
C ALA A 229 -20.02 -9.12 25.35
N LYS A 230 -19.42 -10.30 25.36
CA LYS A 230 -18.45 -10.67 26.38
C LYS A 230 -17.07 -10.21 25.92
N ILE A 231 -16.27 -9.71 26.85
CA ILE A 231 -14.99 -9.09 26.52
C ILE A 231 -13.91 -9.74 27.38
N GLU A 232 -12.86 -10.23 26.73
CA GLU A 232 -11.78 -10.92 27.41
C GLU A 232 -10.56 -10.98 26.50
N LEU A 233 -9.40 -11.16 27.11
CA LEU A 233 -8.21 -11.50 26.35
C LEU A 233 -8.31 -12.95 25.86
N GLY A 234 -7.90 -13.18 24.62
CA GLY A 234 -7.96 -14.51 24.06
C GLY A 234 -7.13 -14.57 22.80
N GLY A 235 -6.84 -15.80 22.38
CA GLY A 235 -5.96 -15.98 21.24
C GLY A 235 -6.50 -15.34 19.98
N GLU A 236 -5.57 -14.85 19.15
CA GLU A 236 -5.93 -14.44 17.79
C GLU A 236 -6.70 -15.55 17.10
N ASN A 237 -6.26 -16.79 17.28
CA ASN A 237 -6.99 -17.97 16.86
C ASN A 237 -6.86 -19.02 17.96
N TYR A 238 -7.75 -20.01 17.91
CA TYR A 238 -7.81 -21.04 18.93
C TYR A 238 -7.50 -22.42 18.36
N ASP A 239 -6.66 -22.47 17.31
CA ASP A 239 -6.46 -23.69 16.54
C ASP A 239 -5.30 -24.55 17.03
N ILE A 240 -4.32 -23.98 17.72
CA ILE A 240 -3.10 -24.69 18.07
C ILE A 240 -2.97 -24.74 19.59
N ILE A 241 -2.92 -25.95 20.14
CA ILE A 241 -2.81 -26.16 21.58
C ILE A 241 -1.81 -27.29 21.83
N ALA A 242 -0.86 -27.04 22.72
CA ALA A 242 0.26 -27.95 22.94
C ALA A 242 0.25 -28.49 24.37
N GLU A 243 0.87 -29.65 24.53
CA GLU A 243 1.01 -30.29 25.83
C GLU A 243 2.42 -30.87 25.96
N PHE A 244 2.98 -30.77 27.16
CA PHE A 244 4.30 -31.34 27.47
C PHE A 244 4.12 -32.37 28.57
N ASN A 245 4.35 -33.64 28.23
CA ASN A 245 4.09 -34.76 29.15
C ASN A 245 2.70 -34.65 29.77
N GLY A 246 1.73 -34.29 28.94
CA GLY A 246 0.34 -34.21 29.36
C GLY A 246 -0.04 -32.97 30.14
N GLN A 247 0.89 -32.04 30.36
CA GLN A 247 0.57 -30.81 31.08
C GLN A 247 0.55 -29.62 30.13
N PRO A 248 -0.19 -28.56 30.47
CA PRO A 248 -0.32 -27.43 29.54
C PRO A 248 1.03 -26.83 29.18
N ALA A 249 1.16 -26.41 27.93
CA ALA A 249 2.44 -25.94 27.43
C ALA A 249 2.22 -25.04 26.22
N SER A 250 3.27 -24.30 25.88
CA SER A 250 3.37 -23.67 24.57
C SER A 250 4.79 -23.88 24.07
N GLY A 251 5.16 -23.23 22.99
CA GLY A 251 6.52 -23.38 22.52
C GLY A 251 6.74 -22.71 21.18
N LEU A 252 8.01 -22.73 20.78
CA LEU A 252 8.46 -22.19 19.50
C LEU A 252 9.11 -23.31 18.71
N GLY A 253 8.57 -23.58 17.53
CA GLY A 253 9.25 -24.45 16.59
C GLY A 253 10.15 -23.61 15.71
N ILE A 254 11.45 -23.91 15.69
CA ILE A 254 12.43 -23.08 15.02
C ILE A 254 13.01 -23.85 13.84
N LYS A 255 12.95 -23.25 12.66
CA LYS A 255 13.54 -23.80 11.45
C LYS A 255 14.81 -23.03 11.10
N LEU A 256 15.78 -23.74 10.53
CA LEU A 256 17.08 -23.16 10.22
C LEU A 256 17.01 -22.41 8.89
N ALA A 257 17.57 -21.20 8.87
CA ALA A 257 17.67 -20.45 7.63
C ALA A 257 18.59 -21.19 6.65
N THR A 258 18.27 -21.06 5.37
CA THR A 258 19.02 -21.78 4.34
C THR A 258 20.50 -21.41 4.40
N GLY A 259 21.35 -22.42 4.47
CA GLY A 259 22.79 -22.22 4.49
C GLY A 259 23.36 -21.80 5.82
N ALA A 260 22.55 -21.60 6.84
CA ALA A 260 23.05 -21.18 8.14
C ALA A 260 23.65 -22.37 8.90
N ASN A 261 24.56 -22.06 9.81
CA ASN A 261 25.22 -23.09 10.61
C ASN A 261 24.31 -23.52 11.75
N ALA A 262 24.05 -24.83 11.83
CA ALA A 262 23.08 -25.34 12.79
C ALA A 262 23.58 -25.20 14.22
N LEU A 263 24.87 -25.42 14.45
CA LEU A 263 25.39 -25.36 15.81
C LEU A 263 25.50 -23.91 16.30
N ASP A 264 25.96 -23.01 15.43
CA ASP A 264 26.06 -21.60 15.81
C ASP A 264 24.69 -21.01 16.07
N THR A 265 23.71 -21.33 15.22
CA THR A 265 22.37 -20.81 15.40
C THR A 265 21.72 -21.34 16.68
N ALA A 266 21.92 -22.63 16.96
CA ALA A 266 21.40 -23.20 18.20
C ALA A 266 22.00 -22.52 19.43
N ALA A 267 23.29 -22.18 19.35
CA ALA A 267 23.94 -21.53 20.49
C ALA A 267 23.43 -20.11 20.68
N ALA A 268 23.16 -19.40 19.58
CA ALA A 268 22.62 -18.04 19.69
C ALA A 268 21.21 -18.06 20.27
N ILE A 269 20.43 -19.09 19.95
CA ILE A 269 19.07 -19.19 20.48
C ILE A 269 19.09 -19.41 21.99
N ARG A 270 19.94 -20.33 22.45
CA ARG A 270 20.04 -20.58 23.89
C ARG A 270 20.58 -19.35 24.62
N ALA A 271 21.55 -18.65 24.00
CA ALA A 271 22.05 -17.42 24.60
C ALA A 271 20.97 -16.36 24.69
N GLU A 272 20.09 -16.28 23.68
CA GLU A 272 18.97 -15.34 23.75
C GLU A 272 17.97 -15.76 24.81
N LEU A 273 17.73 -17.06 24.96
CA LEU A 273 16.83 -17.53 26.00
C LEU A 273 17.38 -17.22 27.39
N ALA A 274 18.70 -17.26 27.54
CA ALA A 274 19.31 -16.98 28.84
C ALA A 274 19.06 -15.54 29.28
N LYS A 275 18.92 -14.62 28.33
CA LYS A 275 18.63 -13.23 28.67
C LYS A 275 17.23 -13.05 29.24
N MET A 276 16.30 -13.94 28.90
CA MET A 276 14.90 -13.75 29.25
C MET A 276 14.46 -14.52 30.49
N GLU A 277 15.14 -15.62 30.82
CA GLU A 277 14.78 -16.42 32.00
C GLU A 277 14.70 -15.62 33.29
N PRO A 278 15.67 -14.76 33.66
CA PRO A 278 15.59 -14.08 34.97
C PRO A 278 14.34 -13.23 35.16
N PHE A 279 13.58 -12.96 34.10
CA PHE A 279 12.40 -12.10 34.18
C PHE A 279 11.11 -12.86 33.94
N PHE A 280 11.17 -14.19 33.87
CA PHE A 280 9.98 -15.01 33.80
C PHE A 280 9.10 -14.75 35.03
N PRO A 281 7.79 -14.87 34.88
CA PRO A 281 6.91 -14.87 36.06
C PRO A 281 7.09 -16.15 36.85
N SER A 282 6.48 -16.18 38.02
CA SER A 282 6.66 -17.32 38.94
C SER A 282 6.18 -18.61 38.30
N GLY A 283 7.04 -19.63 38.31
CA GLY A 283 6.67 -20.95 37.86
C GLY A 283 6.97 -21.27 36.41
N LEU A 284 7.25 -20.26 35.59
CA LEU A 284 7.50 -20.52 34.18
C LEU A 284 8.89 -21.11 33.97
N LYS A 285 8.98 -22.09 33.07
CA LYS A 285 10.22 -22.82 32.88
C LYS A 285 10.34 -23.26 31.43
N ILE A 286 11.56 -23.16 30.89
CA ILE A 286 11.87 -23.64 29.54
C ILE A 286 12.23 -25.12 29.62
N VAL A 287 11.68 -25.90 28.68
CA VAL A 287 12.08 -27.29 28.49
C VAL A 287 12.47 -27.46 27.03
N TYR A 288 13.20 -28.55 26.76
CA TYR A 288 13.79 -28.80 25.45
C TYR A 288 13.36 -30.16 24.95
N PRO A 289 12.18 -30.24 24.34
CA PRO A 289 11.61 -31.54 23.95
C PRO A 289 12.05 -32.06 22.59
N TYR A 290 12.82 -31.31 21.81
CA TYR A 290 13.20 -31.76 20.47
C TYR A 290 14.46 -30.99 20.04
N ASP A 291 15.61 -31.67 20.10
CA ASP A 291 16.87 -31.12 19.63
C ASP A 291 17.46 -32.07 18.60
N THR A 292 17.77 -31.54 17.43
CA THR A 292 18.36 -32.34 16.36
C THR A 292 19.88 -32.24 16.36
N GLN A 310 20.31 -41.11 17.18
CA GLN A 310 19.70 -39.81 16.93
C GLN A 310 19.19 -39.17 18.22
N GLY A 311 18.26 -39.85 18.90
CA GLY A 311 17.78 -39.42 20.19
C GLY A 311 16.42 -38.77 20.20
N VAL A 312 15.86 -38.44 19.03
CA VAL A 312 14.53 -37.84 18.92
C VAL A 312 13.84 -38.41 17.69
N PHE A 313 12.53 -38.23 17.66
CA PHE A 313 11.74 -38.53 16.47
C PHE A 313 10.38 -37.85 16.61
N MET A 314 9.61 -37.91 15.53
CA MET A 314 8.31 -37.27 15.46
C MET A 314 7.23 -38.30 15.15
N THR A 315 5.99 -37.92 15.45
CA THR A 315 4.82 -38.74 15.15
C THR A 315 3.76 -37.82 14.53
N MET A 316 3.38 -38.12 13.29
CA MET A 316 2.37 -37.33 12.62
C MET A 316 0.99 -37.94 12.85
N VAL A 317 0.00 -37.07 12.97
CA VAL A 317 -1.38 -37.45 13.24
C VAL A 317 -2.26 -36.74 12.22
N GLN A 318 -2.96 -37.52 11.40
CA GLN A 318 -3.78 -36.97 10.31
C GLN A 318 -5.15 -37.63 10.37
N LEU A 319 -6.16 -36.85 10.71
CA LEU A 319 -7.55 -37.29 10.69
C LEU A 319 -8.20 -36.84 9.39
N PRO A 320 -9.30 -37.48 8.99
CA PRO A 320 -9.98 -37.04 7.76
C PRO A 320 -10.46 -35.60 7.89
N ALA A 321 -10.46 -34.90 6.76
CA ALA A 321 -10.96 -33.53 6.75
C ALA A 321 -12.39 -33.48 7.26
N GLY A 322 -12.69 -32.45 8.04
CA GLY A 322 -13.95 -32.37 8.76
C GLY A 322 -13.86 -32.82 10.20
N ALA A 323 -12.75 -33.41 10.61
CA ALA A 323 -12.59 -33.84 12.00
C ALA A 323 -12.37 -32.64 12.91
N THR A 324 -13.03 -32.66 14.06
CA THR A 324 -12.95 -31.55 15.00
C THR A 324 -11.65 -31.61 15.80
N GLN A 325 -11.37 -30.49 16.49
CA GLN A 325 -10.23 -30.43 17.39
C GLN A 325 -10.39 -31.39 18.56
N GLU A 326 -11.63 -31.63 19.01
CA GLU A 326 -11.88 -32.56 20.10
C GLU A 326 -11.53 -33.99 19.68
N ARG A 327 -11.87 -34.37 18.45
CA ARG A 327 -11.56 -35.72 17.99
C ARG A 327 -10.07 -35.90 17.74
N THR A 328 -9.40 -34.85 17.27
CA THR A 328 -7.95 -34.94 17.10
C THR A 328 -7.25 -35.07 18.45
N GLN A 329 -7.77 -34.39 19.48
CA GLN A 329 -7.17 -34.50 20.80
C GLN A 329 -7.25 -35.91 21.35
N LYS A 330 -8.33 -36.63 21.03
CA LYS A 330 -8.45 -38.01 21.50
C LYS A 330 -7.35 -38.88 20.91
N VAL A 331 -7.04 -38.69 19.63
CA VAL A 331 -6.01 -39.50 18.99
C VAL A 331 -4.64 -39.14 19.53
N LEU A 332 -4.37 -37.85 19.73
CA LEU A 332 -3.11 -37.43 20.31
C LEU A 332 -2.96 -38.00 21.73
N ASN A 333 -4.05 -38.06 22.48
CA ASN A 333 -4.02 -38.66 23.82
C ASN A 333 -3.59 -40.12 23.74
N GLU A 334 -4.09 -40.86 22.76
CA GLU A 334 -3.68 -42.26 22.59
C GLU A 334 -2.21 -42.35 22.20
N VAL A 335 -1.73 -41.44 21.36
CA VAL A 335 -0.32 -41.44 20.99
C VAL A 335 0.54 -41.13 22.20
N THR A 336 0.16 -40.11 22.98
CA THR A 336 0.93 -39.73 24.15
C THR A 336 0.90 -40.83 25.21
N HIS A 337 -0.27 -41.45 25.41
CA HIS A 337 -0.40 -42.55 26.35
C HIS A 337 0.59 -43.67 26.05
N TYR A 338 0.69 -44.04 24.77
CA TYR A 338 1.60 -45.12 24.38
C TYR A 338 3.03 -44.81 24.80
N TYR A 339 3.51 -43.61 24.49
CA TYR A 339 4.89 -43.25 24.81
C TYR A 339 5.09 -43.13 26.32
N LEU A 340 4.07 -42.67 27.05
CA LEU A 340 4.21 -42.46 28.48
C LEU A 340 4.04 -43.74 29.30
N THR A 341 3.46 -44.78 28.71
CA THR A 341 3.27 -46.05 29.41
C THR A 341 4.11 -47.17 28.78
N LYS A 342 3.87 -47.49 27.51
CA LYS A 342 4.54 -48.63 26.90
C LYS A 342 6.04 -48.39 26.73
N GLU A 343 6.45 -47.15 26.48
CA GLU A 343 7.85 -46.83 26.22
C GLU A 343 8.47 -45.96 27.29
N LYS A 344 7.90 -45.94 28.50
CA LYS A 344 8.35 -45.01 29.53
C LYS A 344 9.79 -45.23 29.94
N ASN A 345 10.34 -46.43 29.71
CA ASN A 345 11.75 -46.67 30.00
C ASN A 345 12.67 -46.07 28.94
N ASN A 346 12.17 -45.84 27.73
CA ASN A 346 12.95 -45.24 26.66
C ASN A 346 12.67 -43.76 26.46
N VAL A 347 11.41 -43.35 26.61
CA VAL A 347 10.98 -41.99 26.27
C VAL A 347 11.24 -41.06 27.45
N GLU A 348 11.90 -39.93 27.18
CA GLU A 348 12.14 -38.92 28.20
C GLU A 348 11.02 -37.89 28.26
N SER A 349 10.49 -37.47 27.11
CA SER A 349 9.44 -36.47 27.11
C SER A 349 8.66 -36.52 25.80
N VAL A 350 7.42 -36.07 25.84
CA VAL A 350 6.57 -35.94 24.67
C VAL A 350 6.04 -34.52 24.62
N PHE A 351 6.14 -33.88 23.45
CA PHE A 351 5.58 -32.55 23.20
C PHE A 351 4.58 -32.71 22.07
N ALA A 352 3.29 -32.69 22.41
CA ALA A 352 2.21 -32.94 21.46
C ALA A 352 1.52 -31.63 21.11
N VAL A 353 1.27 -31.44 19.82
CA VAL A 353 0.68 -30.20 19.32
C VAL A 353 -0.58 -30.55 18.53
N ASN A 354 -1.73 -30.08 19.01
CA ASN A 354 -3.01 -30.26 18.34
C ASN A 354 -3.27 -29.07 17.42
N GLY A 355 -3.64 -29.34 16.18
CA GLY A 355 -3.98 -28.30 15.22
C GLY A 355 -2.84 -27.88 14.31
N PHE A 356 -1.63 -28.37 14.54
CA PHE A 356 -0.49 -28.12 13.66
C PHE A 356 0.14 -29.46 13.31
N GLY A 357 0.36 -29.70 12.01
CA GLY A 357 0.85 -30.97 11.55
C GLY A 357 1.98 -30.82 10.54
N PHE A 358 2.53 -31.97 10.17
CA PHE A 358 3.54 -32.04 9.12
C PHE A 358 3.08 -31.32 7.87
N ALA A 359 1.80 -31.46 7.52
CA ALA A 359 1.23 -30.89 6.31
C ALA A 359 0.63 -29.50 6.52
N GLY A 360 1.04 -28.81 7.58
CA GLY A 360 0.52 -27.48 7.84
C GLY A 360 -0.44 -27.43 9.01
N ARG A 361 -1.47 -26.58 8.91
CA ARG A 361 -2.37 -26.28 10.01
C ARG A 361 -3.78 -26.72 9.66
N GLY A 362 -4.51 -27.17 10.68
CA GLY A 362 -5.90 -27.61 10.52
C GLY A 362 -6.43 -28.37 11.72
N GLN A 363 -7.74 -28.32 11.92
CA GLN A 363 -8.38 -28.96 13.07
C GLN A 363 -8.17 -30.48 13.11
N ASN A 364 -7.72 -31.08 12.01
CA ASN A 364 -7.66 -32.52 11.85
C ASN A 364 -6.23 -33.04 11.78
N THR A 365 -5.25 -32.25 12.22
CA THR A 365 -3.86 -32.66 12.17
C THR A 365 -3.21 -32.41 13.53
N GLY A 366 -2.12 -33.13 13.76
CA GLY A 366 -1.35 -32.95 14.97
C GLY A 366 0.01 -33.58 14.78
N ILE A 367 0.90 -33.28 15.73
CA ILE A 367 2.26 -33.78 15.70
C ILE A 367 2.71 -33.98 17.15
N ALA A 368 3.59 -34.95 17.35
CA ALA A 368 4.22 -35.17 18.64
C ALA A 368 5.73 -35.22 18.42
N PHE A 369 6.46 -34.42 19.20
CA PHE A 369 7.91 -34.52 19.25
C PHE A 369 8.29 -35.39 20.45
N VAL A 370 9.08 -36.43 20.21
CA VAL A 370 9.47 -37.38 21.25
C VAL A 370 10.97 -37.27 21.46
N SER A 371 11.37 -37.06 22.70
CA SER A 371 12.77 -37.05 23.10
C SER A 371 13.04 -38.30 23.94
N LEU A 372 14.12 -39.01 23.62
CA LEU A 372 14.45 -40.25 24.29
C LEU A 372 15.47 -40.00 25.41
N LYS A 373 15.57 -40.97 26.30
CA LYS A 373 16.56 -40.92 27.37
C LYS A 373 17.97 -41.05 26.78
N ASP A 374 18.96 -41.05 27.66
CA ASP A 374 20.36 -41.10 27.25
C ASP A 374 20.64 -42.32 26.38
N TRP A 375 21.66 -42.19 25.53
CA TRP A 375 22.07 -43.30 24.67
C TRP A 375 22.50 -44.50 25.50
N ALA A 376 23.34 -44.26 26.50
CA ALA A 376 23.80 -45.34 27.37
C ALA A 376 22.70 -45.87 28.28
N ASP A 377 21.63 -45.09 28.49
CA ASP A 377 20.50 -45.52 29.29
C ASP A 377 19.55 -46.42 28.52
N ARG A 378 19.80 -46.68 27.24
CA ARG A 378 18.95 -47.51 26.41
C ARG A 378 19.80 -48.58 25.72
N PRO A 379 20.31 -49.56 26.48
CA PRO A 379 21.10 -50.62 25.85
C PRO A 379 20.21 -51.63 25.17
N GLY A 380 20.67 -52.13 24.02
CA GLY A 380 19.95 -53.17 23.33
C GLY A 380 19.47 -52.80 21.94
N GLU A 381 19.32 -53.81 21.09
CA GLU A 381 18.81 -53.60 19.73
C GLU A 381 17.42 -52.98 19.75
N GLU A 382 16.55 -53.50 20.62
CA GLU A 382 15.14 -53.13 20.63
C GLU A 382 14.89 -51.73 21.19
N ASN A 383 15.91 -51.06 21.73
CA ASN A 383 15.72 -49.76 22.38
C ASN A 383 16.32 -48.60 21.59
N LYS A 384 16.59 -48.80 20.31
CA LYS A 384 17.08 -47.73 19.45
C LYS A 384 15.92 -47.11 18.68
N VAL A 385 16.21 -45.94 18.08
CA VAL A 385 15.15 -45.14 17.45
C VAL A 385 14.39 -45.94 16.41
N GLU A 386 15.10 -46.69 15.57
CA GLU A 386 14.43 -47.44 14.51
C GLU A 386 13.52 -48.52 15.10
N ALA A 387 13.99 -49.24 16.11
CA ALA A 387 13.14 -50.24 16.75
C ALA A 387 11.95 -49.59 17.44
N ILE A 388 12.17 -48.44 18.08
CA ILE A 388 11.08 -47.77 18.80
C ILE A 388 10.04 -47.24 17.83
N THR A 389 10.49 -46.53 16.78
CA THR A 389 9.54 -45.99 15.82
C THR A 389 8.81 -47.09 15.06
N MET A 390 9.48 -48.22 14.80
CA MET A 390 8.80 -49.34 14.15
C MET A 390 7.67 -49.87 15.03
N ARG A 391 7.97 -50.17 16.29
CA ARG A 391 6.94 -50.66 17.20
C ARG A 391 5.82 -49.63 17.37
N ALA A 392 6.17 -48.35 17.47
CA ALA A 392 5.17 -47.31 17.64
C ALA A 392 4.23 -47.28 16.44
N THR A 393 4.77 -47.22 15.23
CA THR A 393 3.94 -47.17 14.03
C THR A 393 3.08 -48.42 13.91
N ARG A 394 3.62 -49.58 14.28
CA ARG A 394 2.82 -50.81 14.25
C ARG A 394 1.69 -50.74 15.26
N ALA A 395 1.96 -50.23 16.46
CA ALA A 395 0.90 -50.09 17.45
C ALA A 395 -0.12 -49.05 17.03
N PHE A 396 0.33 -47.96 16.39
CA PHE A 396 -0.58 -46.94 15.89
C PHE A 396 -1.30 -47.36 14.62
N SER A 397 -0.82 -48.42 13.94
CA SER A 397 -1.59 -49.02 12.85
C SER A 397 -2.99 -49.37 13.32
N GLN A 398 -3.12 -49.73 14.60
CA GLN A 398 -4.39 -50.07 15.19
C GLN A 398 -5.40 -48.92 15.20
N ILE A 399 -4.94 -47.68 15.17
CA ILE A 399 -5.83 -46.53 15.29
C ILE A 399 -6.59 -46.31 13.99
N LYS A 400 -7.91 -46.36 14.05
CA LYS A 400 -8.76 -46.24 12.88
C LYS A 400 -9.34 -44.83 12.78
N ASP A 401 -9.63 -44.41 11.55
CA ASP A 401 -10.05 -43.05 11.25
C ASP A 401 -8.97 -42.04 11.63
N ALA A 402 -7.70 -42.44 11.44
CA ALA A 402 -6.55 -41.56 11.63
C ALA A 402 -5.28 -42.23 11.11
N MET A 403 -4.54 -41.52 10.26
CA MET A 403 -3.19 -41.96 9.90
C MET A 403 -2.22 -41.50 10.98
N VAL A 404 -1.57 -42.45 11.64
CA VAL A 404 -0.56 -42.15 12.65
C VAL A 404 0.71 -42.91 12.28
N PHE A 405 1.83 -42.18 12.21
CA PHE A 405 3.10 -42.78 11.84
C PHE A 405 4.22 -42.17 12.67
N ALA A 406 5.08 -43.02 13.22
CA ALA A 406 6.25 -42.59 13.97
C ALA A 406 7.48 -42.76 13.09
N PHE A 407 8.24 -41.68 12.92
CA PHE A 407 9.37 -41.71 12.00
C PHE A 407 10.47 -40.76 12.46
N ASN A 408 11.70 -41.23 12.36
CA ASN A 408 12.87 -40.39 12.55
C ASN A 408 13.16 -39.69 11.23
N LEU A 409 13.23 -38.35 11.25
CA LEU A 409 13.19 -37.58 10.00
C LEU A 409 14.29 -37.96 9.02
N PRO A 410 15.59 -37.98 9.38
CA PRO A 410 16.60 -38.30 8.36
C PRO A 410 16.48 -39.71 7.80
N ALA A 411 15.88 -40.64 8.55
CA ALA A 411 15.84 -42.03 8.10
C ALA A 411 14.73 -42.27 7.07
N ILE A 412 13.65 -41.50 7.12
CA ILE A 412 12.61 -41.65 6.10
C ILE A 412 12.91 -40.85 4.85
N VAL A 413 13.62 -39.72 4.99
CA VAL A 413 14.13 -39.02 3.81
C VAL A 413 14.99 -39.96 2.98
N GLU A 414 15.87 -40.70 3.65
CA GLU A 414 16.74 -41.67 2.98
C GLU A 414 15.93 -42.71 2.22
N LEU A 415 14.96 -43.33 2.89
CA LEU A 415 14.17 -44.37 2.26
C LEU A 415 13.40 -43.83 1.06
N GLY A 416 12.58 -42.81 1.29
CA GLY A 416 11.84 -42.16 0.22
C GLY A 416 12.72 -41.79 -0.96
N THR A 417 13.78 -41.03 -0.71
CA THR A 417 14.73 -40.66 -1.75
C THR A 417 15.15 -41.86 -2.59
N ALA A 418 15.45 -42.98 -1.92
CA ALA A 418 15.97 -44.14 -2.63
C ALA A 418 14.89 -44.94 -3.33
N THR A 419 13.64 -44.89 -2.84
CA THR A 419 12.61 -45.80 -3.33
C THR A 419 11.32 -45.13 -3.79
N GLY A 420 11.00 -43.91 -3.35
CA GLY A 420 9.72 -43.31 -3.62
C GLY A 420 9.73 -42.35 -4.80
N PHE A 421 8.52 -41.88 -5.16
CA PHE A 421 8.35 -40.90 -6.22
C PHE A 421 7.31 -39.87 -5.81
N ASP A 422 7.32 -38.73 -6.49
CA ASP A 422 6.45 -37.60 -6.19
C ASP A 422 5.78 -37.15 -7.49
N PHE A 423 4.49 -37.43 -7.62
CA PHE A 423 3.74 -37.27 -8.86
C PHE A 423 2.75 -36.12 -8.72
N GLU A 424 2.61 -35.32 -9.77
CA GLU A 424 1.68 -34.20 -9.79
C GLU A 424 0.71 -34.37 -10.95
N LEU A 425 -0.57 -34.50 -10.64
CA LEU A 425 -1.63 -34.49 -11.65
C LEU A 425 -2.10 -33.05 -11.83
N ILE A 426 -2.03 -32.55 -13.05
CA ILE A 426 -2.21 -31.13 -13.34
C ILE A 426 -3.43 -30.94 -14.24
N ASP A 427 -4.31 -30.01 -13.85
CA ASP A 427 -5.40 -29.56 -14.70
C ASP A 427 -4.84 -28.54 -15.69
N GLN A 428 -4.73 -28.93 -16.97
CA GLN A 428 -4.13 -28.09 -17.99
C GLN A 428 -5.14 -27.59 -19.01
N ALA A 429 -6.44 -27.59 -18.65
CA ALA A 429 -7.46 -27.16 -19.61
C ALA A 429 -8.69 -26.55 -18.96
N GLY A 430 -8.58 -26.02 -17.74
CA GLY A 430 -9.73 -25.41 -17.08
C GLY A 430 -10.84 -26.39 -16.76
N LEU A 431 -10.49 -27.66 -16.53
CA LEU A 431 -11.52 -28.66 -16.25
C LEU A 431 -12.20 -28.43 -14.91
N GLY A 432 -11.50 -27.86 -13.94
CA GLY A 432 -12.06 -27.59 -12.64
C GLY A 432 -11.70 -28.65 -11.62
N HIS A 433 -12.06 -28.36 -10.37
CA HIS A 433 -11.62 -29.21 -9.25
C HIS A 433 -12.28 -30.57 -9.28
N GLU A 434 -13.58 -30.62 -9.60
CA GLU A 434 -14.31 -31.89 -9.54
C GLU A 434 -13.82 -32.86 -10.60
N LYS A 435 -13.62 -32.38 -11.83
CA LYS A 435 -13.11 -33.26 -12.88
C LYS A 435 -11.67 -33.68 -12.61
N LEU A 436 -10.87 -32.80 -11.99
CA LEU A 436 -9.52 -33.20 -11.60
C LEU A 436 -9.57 -34.30 -10.54
N THR A 437 -10.53 -34.22 -9.62
CA THR A 437 -10.71 -35.29 -8.65
C THR A 437 -11.06 -36.61 -9.35
N GLN A 438 -12.00 -36.55 -10.30
CA GLN A 438 -12.38 -37.75 -11.04
C GLN A 438 -11.18 -38.36 -11.75
N ALA A 439 -10.38 -37.53 -12.42
CA ALA A 439 -9.19 -38.04 -13.10
C ALA A 439 -8.20 -38.64 -12.10
N ARG A 440 -8.10 -38.04 -10.90
CA ARG A 440 -7.22 -38.58 -9.89
C ARG A 440 -7.68 -39.96 -9.43
N ASN A 441 -8.97 -40.10 -9.15
CA ASN A 441 -9.50 -41.38 -8.69
C ASN A 441 -9.33 -42.46 -9.75
N GLN A 442 -9.50 -42.09 -11.03
CA GLN A 442 -9.28 -43.04 -12.11
C GLN A 442 -7.83 -43.52 -12.15
N LEU A 443 -6.89 -42.60 -11.93
CA LEU A 443 -5.48 -42.98 -11.87
C LEU A 443 -5.17 -43.81 -10.63
N LEU A 444 -5.83 -43.51 -9.50
CA LEU A 444 -5.56 -44.23 -8.27
C LEU A 444 -6.08 -45.67 -8.34
N ALA A 445 -7.30 -45.85 -8.87
CA ALA A 445 -7.87 -47.19 -8.95
C ALA A 445 -7.10 -48.05 -9.95
N GLU A 446 -6.66 -47.46 -11.06
CA GLU A 446 -5.89 -48.21 -12.04
C GLU A 446 -4.52 -48.57 -11.49
N ALA A 447 -3.90 -47.67 -10.72
CA ALA A 447 -2.62 -47.97 -10.09
C ALA A 447 -2.74 -49.13 -9.12
N ALA A 448 -3.90 -49.31 -8.51
CA ALA A 448 -4.12 -50.43 -7.61
C ALA A 448 -4.18 -51.77 -8.32
N LYS A 449 -4.24 -51.77 -9.66
CA LYS A 449 -4.25 -53.00 -10.45
C LYS A 449 -2.85 -53.45 -10.83
N HIS A 450 -1.80 -52.83 -10.29
CA HIS A 450 -0.42 -53.19 -10.60
C HIS A 450 0.41 -53.26 -9.31
N PRO A 451 0.09 -54.21 -8.41
CA PRO A 451 0.92 -54.35 -7.20
C PRO A 451 2.33 -54.82 -7.50
N ASP A 452 2.58 -55.37 -8.68
CA ASP A 452 3.91 -55.84 -9.04
C ASP A 452 4.88 -54.71 -9.31
N MET A 453 4.39 -53.50 -9.59
CA MET A 453 5.23 -52.36 -9.88
C MET A 453 5.02 -51.17 -8.96
N LEU A 454 3.79 -50.93 -8.50
CA LEU A 454 3.45 -49.78 -7.66
C LEU A 454 2.80 -50.27 -6.38
N THR A 455 3.23 -49.71 -5.24
CA THR A 455 2.66 -50.05 -3.95
C THR A 455 2.24 -48.78 -3.23
N SER A 456 1.01 -48.78 -2.73
CA SER A 456 0.43 -47.68 -1.95
C SER A 456 0.55 -46.35 -2.71
N VAL A 457 -0.27 -46.23 -3.73
CA VAL A 457 -0.44 -44.99 -4.48
C VAL A 457 -1.52 -44.18 -3.78
N ARG A 458 -1.15 -42.99 -3.30
CA ARG A 458 -2.03 -42.24 -2.42
C ARG A 458 -1.93 -40.75 -2.71
N PRO A 459 -3.01 -40.01 -2.51
CA PRO A 459 -2.95 -38.55 -2.61
C PRO A 459 -2.35 -37.95 -1.35
N ASN A 460 -1.62 -36.85 -1.52
CA ASN A 460 -1.02 -36.15 -0.40
C ASN A 460 -1.96 -35.13 0.23
N GLY A 461 -3.08 -34.80 -0.41
CA GLY A 461 -3.97 -33.77 0.03
C GLY A 461 -5.16 -34.28 0.80
N LEU A 462 -6.22 -33.48 0.82
CA LEU A 462 -7.43 -33.75 1.58
C LEU A 462 -8.61 -33.98 0.65
N GLU A 463 -9.65 -34.60 1.18
CA GLU A 463 -10.87 -34.87 0.42
C GLU A 463 -11.87 -33.74 0.61
N ASP A 464 -12.78 -33.62 -0.36
CA ASP A 464 -13.85 -32.64 -0.26
C ASP A 464 -14.74 -32.95 0.95
N THR A 465 -15.24 -31.90 1.59
CA THR A 465 -16.07 -31.99 2.77
C THR A 465 -17.34 -31.19 2.56
N PRO A 466 -18.39 -31.47 3.33
CA PRO A 466 -19.61 -30.65 3.24
C PRO A 466 -19.33 -29.20 3.62
N GLN A 467 -19.85 -28.28 2.83
CA GLN A 467 -19.78 -26.86 3.14
C GLN A 467 -21.18 -26.25 3.01
N PHE A 468 -21.37 -25.15 3.73
CA PHE A 468 -22.66 -24.48 3.86
C PHE A 468 -22.71 -23.33 2.86
N LYS A 469 -23.46 -23.52 1.77
CA LYS A 469 -23.53 -22.53 0.70
C LYS A 469 -24.75 -21.64 0.93
N ILE A 470 -24.53 -20.35 1.11
CA ILE A 470 -25.60 -19.40 1.35
C ILE A 470 -25.63 -18.40 0.19
N ASP A 471 -26.83 -18.16 -0.34
CA ASP A 471 -27.04 -17.27 -1.48
C ASP A 471 -27.77 -16.03 -1.00
N ILE A 472 -27.15 -14.87 -1.20
CA ILE A 472 -27.79 -13.60 -0.87
C ILE A 472 -28.64 -13.16 -2.07
N ASP A 473 -29.95 -13.09 -1.86
CA ASP A 473 -30.85 -12.64 -2.91
C ASP A 473 -30.71 -11.14 -3.09
N GLN A 474 -30.12 -10.72 -4.22
CA GLN A 474 -29.84 -9.30 -4.44
C GLN A 474 -31.13 -8.48 -4.49
N GLU A 475 -32.17 -9.02 -5.12
CA GLU A 475 -33.40 -8.25 -5.29
C GLU A 475 -34.10 -8.01 -3.96
N LYS A 476 -34.15 -9.03 -3.09
CA LYS A 476 -34.76 -8.86 -1.78
C LYS A 476 -33.98 -7.84 -0.94
N ALA A 477 -32.65 -7.90 -0.99
CA ALA A 477 -31.84 -6.95 -0.24
C ALA A 477 -32.06 -5.52 -0.73
N GLN A 478 -32.12 -5.32 -2.06
CA GLN A 478 -32.38 -4.00 -2.59
C GLN A 478 -33.79 -3.53 -2.23
N ALA A 479 -34.78 -4.44 -2.32
CA ALA A 479 -36.15 -4.06 -2.02
C ALA A 479 -36.31 -3.64 -0.56
N LEU A 480 -35.61 -4.31 0.35
CA LEU A 480 -35.72 -4.01 1.77
C LEU A 480 -34.80 -2.87 2.21
N GLY A 481 -33.89 -2.42 1.35
CA GLY A 481 -32.97 -1.37 1.73
C GLY A 481 -31.78 -1.84 2.55
N VAL A 482 -31.39 -3.10 2.40
CA VAL A 482 -30.27 -3.67 3.14
C VAL A 482 -29.07 -3.76 2.20
N SER A 483 -27.97 -3.13 2.58
CA SER A 483 -26.80 -3.06 1.72
C SER A 483 -26.00 -4.37 1.77
N ILE A 484 -25.35 -4.67 0.65
CA ILE A 484 -24.58 -5.91 0.55
C ILE A 484 -23.36 -5.87 1.45
N ASN A 485 -22.74 -4.69 1.58
CA ASN A 485 -21.58 -4.56 2.46
C ASN A 485 -21.94 -4.87 3.91
N ASP A 486 -23.11 -4.42 4.35
CA ASP A 486 -23.55 -4.70 5.71
C ASP A 486 -23.86 -6.18 5.91
N ILE A 487 -24.45 -6.82 4.89
CA ILE A 487 -24.76 -8.25 4.98
C ILE A 487 -23.47 -9.05 5.10
N ASN A 488 -22.52 -8.79 4.19
CA ASN A 488 -21.28 -9.57 4.19
C ASN A 488 -20.44 -9.29 5.43
N THR A 489 -20.42 -8.04 5.89
CA THR A 489 -19.69 -7.74 7.12
C THR A 489 -20.32 -8.43 8.32
N THR A 490 -21.65 -8.42 8.41
CA THR A 490 -22.33 -9.07 9.52
C THR A 490 -22.07 -10.58 9.51
N LEU A 491 -22.20 -11.20 8.33
CA LEU A 491 -21.96 -12.63 8.21
C LEU A 491 -20.51 -12.97 8.54
N GLY A 492 -19.56 -12.26 7.92
CA GLY A 492 -18.16 -12.61 8.06
C GLY A 492 -17.60 -12.33 9.44
N ALA A 493 -17.97 -11.19 10.02
CA ALA A 493 -17.46 -10.86 11.35
C ALA A 493 -18.00 -11.82 12.41
N ALA A 494 -19.26 -12.20 12.29
CA ALA A 494 -19.87 -13.05 13.30
C ALA A 494 -19.37 -14.48 13.20
N TRP A 495 -19.34 -15.04 11.99
CA TRP A 495 -19.02 -16.46 11.80
C TRP A 495 -17.56 -16.71 11.51
N GLY A 496 -16.80 -15.69 11.12
CA GLY A 496 -15.40 -15.89 10.82
C GLY A 496 -14.47 -15.08 11.69
N GLY A 497 -14.99 -14.02 12.29
CA GLY A 497 -14.14 -13.10 13.03
C GLY A 497 -13.55 -12.03 12.14
N SER A 498 -13.35 -10.86 12.72
CA SER A 498 -12.84 -9.72 11.97
C SER A 498 -11.80 -8.97 12.79
N TYR A 499 -10.65 -8.73 12.18
CA TYR A 499 -9.58 -7.92 12.75
C TYR A 499 -9.95 -6.45 12.63
N VAL A 500 -10.23 -5.79 13.75
CA VAL A 500 -10.76 -4.43 13.75
C VAL A 500 -9.64 -3.40 13.74
N ASN A 501 -8.85 -3.37 14.81
CA ASN A 501 -7.66 -2.53 14.89
C ASN A 501 -6.78 -3.06 16.02
N ASP A 502 -5.80 -2.26 16.45
CA ASP A 502 -4.85 -2.68 17.45
C ASP A 502 -5.13 -2.02 18.79
N PHE A 503 -4.61 -2.64 19.85
CA PHE A 503 -4.65 -2.07 21.19
C PHE A 503 -3.32 -2.35 21.86
N ILE A 504 -3.15 -1.88 23.10
CA ILE A 504 -1.90 -2.00 23.83
C ILE A 504 -2.15 -2.87 25.04
N ASP A 505 -1.61 -4.09 25.02
CA ASP A 505 -1.68 -5.00 26.16
C ASP A 505 -0.33 -4.99 26.86
N ARG A 506 -0.28 -4.37 28.04
CA ARG A 506 0.92 -4.31 28.86
C ARG A 506 2.12 -3.81 28.07
N GLY A 507 1.90 -2.71 27.33
CA GLY A 507 2.96 -2.05 26.60
C GLY A 507 3.27 -2.61 25.23
N ARG A 508 2.55 -3.64 24.78
CA ARG A 508 2.81 -4.25 23.48
C ARG A 508 1.57 -4.13 22.60
N VAL A 509 1.79 -3.73 21.34
CA VAL A 509 0.70 -3.64 20.37
C VAL A 509 0.19 -5.03 20.06
N LYS A 510 -1.13 -5.21 20.11
CA LYS A 510 -1.78 -6.48 19.85
C LYS A 510 -3.09 -6.21 19.12
N LYS A 511 -3.72 -7.27 18.62
CA LYS A 511 -4.89 -7.14 17.76
C LYS A 511 -6.20 -7.13 18.57
N VAL A 512 -7.24 -6.58 17.95
CA VAL A 512 -8.60 -6.60 18.46
C VAL A 512 -9.47 -7.34 17.46
N TYR A 513 -10.22 -8.33 17.93
CA TYR A 513 -11.08 -9.14 17.07
C TYR A 513 -12.52 -9.12 17.58
N VAL A 514 -13.47 -8.98 16.66
CA VAL A 514 -14.88 -9.18 16.94
C VAL A 514 -15.31 -10.49 16.29
N MET A 515 -16.21 -11.20 16.97
CA MET A 515 -16.69 -12.50 16.53
C MET A 515 -17.86 -12.89 17.41
N SER A 516 -18.77 -13.69 16.85
CA SER A 516 -19.87 -14.22 17.65
C SER A 516 -19.34 -15.07 18.78
N GLU A 517 -19.99 -14.97 19.94
CA GLU A 517 -19.78 -15.98 20.97
C GLU A 517 -20.12 -17.35 20.40
N ALA A 518 -19.44 -18.37 20.91
CA ALA A 518 -19.46 -19.69 20.28
C ALA A 518 -20.88 -20.20 20.05
N LYS A 519 -21.74 -20.09 21.08
CA LYS A 519 -23.05 -20.74 21.02
C LYS A 519 -23.96 -20.19 19.93
N TYR A 520 -23.64 -19.05 19.33
CA TYR A 520 -24.47 -18.49 18.27
C TYR A 520 -23.87 -18.70 16.88
N ARG A 521 -22.82 -19.49 16.74
CA ARG A 521 -22.24 -19.78 15.44
C ARG A 521 -21.90 -21.26 15.32
N MET A 522 -22.76 -22.12 15.84
CA MET A 522 -22.55 -23.56 15.83
C MET A 522 -23.45 -24.33 14.88
N LEU A 523 -24.70 -23.90 14.72
CA LEU A 523 -25.67 -24.68 13.96
C LEU A 523 -26.26 -23.84 12.82
N PRO A 524 -26.70 -24.49 11.74
CA PRO A 524 -27.20 -23.72 10.58
C PRO A 524 -28.38 -22.83 10.89
N ASP A 525 -29.21 -23.19 11.87
CA ASP A 525 -30.34 -22.31 12.22
C ASP A 525 -29.89 -21.06 12.97
N ASP A 526 -28.65 -21.01 13.44
CA ASP A 526 -28.14 -19.78 14.04
C ASP A 526 -28.02 -18.66 13.03
N ILE A 527 -27.95 -18.99 11.74
CA ILE A 527 -27.89 -17.98 10.68
C ILE A 527 -29.06 -17.01 10.81
N GLY A 528 -30.24 -17.53 11.15
CA GLY A 528 -31.42 -16.69 11.28
C GLY A 528 -31.45 -15.81 12.51
N ASP A 529 -30.54 -16.02 13.46
CA ASP A 529 -30.49 -15.20 14.66
C ASP A 529 -29.82 -13.85 14.44
N TRP A 530 -29.24 -13.63 13.27
CA TRP A 530 -28.46 -12.42 13.01
C TRP A 530 -29.28 -11.45 12.17
N TYR A 531 -29.26 -10.18 12.57
CA TYR A 531 -30.07 -9.15 11.96
C TYR A 531 -29.16 -8.06 11.38
N VAL A 532 -29.60 -7.48 10.28
CA VAL A 532 -28.92 -6.36 9.63
C VAL A 532 -29.91 -5.20 9.59
N ARG A 533 -29.43 -4.00 9.92
CA ARG A 533 -30.29 -2.83 9.94
C ARG A 533 -30.44 -2.28 8.52
N ALA A 534 -31.69 -2.10 8.09
CA ALA A 534 -31.98 -1.57 6.77
C ALA A 534 -31.81 -0.06 6.76
N ALA A 535 -31.89 0.52 5.55
CA ALA A 535 -31.71 1.96 5.40
C ALA A 535 -32.77 2.74 6.19
N ASP A 536 -33.98 2.20 6.30
CA ASP A 536 -35.06 2.86 7.03
C ASP A 536 -35.09 2.52 8.51
N GLY A 537 -34.07 1.80 9.01
CA GLY A 537 -33.96 1.53 10.42
C GLY A 537 -34.54 0.20 10.88
N GLN A 538 -35.32 -0.48 10.04
CA GLN A 538 -35.89 -1.76 10.42
C GLN A 538 -34.82 -2.84 10.47
N MET A 539 -34.89 -3.69 11.47
CA MET A 539 -33.98 -4.83 11.57
C MET A 539 -34.51 -5.99 10.74
N VAL A 540 -33.67 -6.52 9.86
CA VAL A 540 -34.06 -7.57 8.93
C VAL A 540 -33.25 -8.82 9.25
N PRO A 541 -33.89 -9.95 9.53
CA PRO A 541 -33.14 -11.18 9.82
C PRO A 541 -32.51 -11.73 8.55
N PHE A 542 -31.48 -12.57 8.75
CA PHE A 542 -30.75 -13.12 7.61
C PHE A 542 -31.65 -13.99 6.74
N SER A 543 -32.63 -14.66 7.33
CA SER A 543 -33.52 -15.53 6.57
C SER A 543 -34.42 -14.76 5.62
N ALA A 544 -34.57 -13.45 5.81
CA ALA A 544 -35.46 -12.68 4.95
C ALA A 544 -34.86 -12.44 3.57
N PHE A 545 -33.54 -12.50 3.42
CA PHE A 545 -32.90 -12.20 2.14
C PHE A 545 -31.86 -13.25 1.75
N SER A 546 -31.91 -14.45 2.34
CA SER A 546 -30.91 -15.46 2.04
C SER A 546 -31.56 -16.83 1.99
N SER A 547 -30.88 -17.74 1.29
CA SER A 547 -31.24 -19.15 1.22
C SER A 547 -29.96 -19.95 1.25
N SER A 548 -30.05 -21.21 1.70
CA SER A 548 -28.85 -21.99 1.90
C SER A 548 -29.10 -23.46 1.56
N ARG A 549 -28.00 -24.16 1.29
CA ARG A 549 -28.03 -25.58 0.93
C ARG A 549 -26.66 -26.16 1.22
N TRP A 550 -26.63 -27.48 1.43
CA TRP A 550 -25.36 -28.17 1.59
C TRP A 550 -24.77 -28.48 0.22
N GLU A 551 -23.43 -28.47 0.16
CA GLU A 551 -22.70 -28.88 -1.03
C GLU A 551 -21.33 -29.37 -0.57
N TYR A 552 -20.53 -29.84 -1.52
CA TYR A 552 -19.18 -30.30 -1.23
C TYR A 552 -18.16 -29.36 -1.85
N GLY A 553 -17.01 -29.26 -1.19
CA GLY A 553 -15.93 -28.41 -1.65
C GLY A 553 -14.64 -28.78 -0.95
N SER A 554 -13.54 -28.22 -1.46
CA SER A 554 -12.22 -28.62 -1.00
C SER A 554 -11.79 -27.79 0.20
N PRO A 555 -11.16 -28.42 1.19
CA PRO A 555 -10.50 -27.68 2.27
C PRO A 555 -9.02 -27.41 2.04
N ARG A 556 -8.43 -27.95 0.97
CA ARG A 556 -7.04 -27.64 0.61
C ARG A 556 -6.90 -27.78 -0.90
N LEU A 557 -6.90 -26.65 -1.60
CA LEU A 557 -6.69 -26.63 -3.05
C LEU A 557 -5.20 -26.52 -3.33
N GLU A 558 -4.66 -27.48 -4.08
CA GLU A 558 -3.25 -27.48 -4.45
C GLU A 558 -3.07 -26.91 -5.84
N ARG A 559 -1.90 -26.32 -6.07
CA ARG A 559 -1.52 -25.81 -7.38
C ARG A 559 -0.05 -26.10 -7.62
N TYR A 560 0.29 -26.46 -8.86
CA TYR A 560 1.67 -26.74 -9.23
C TYR A 560 2.02 -25.92 -10.47
N ASN A 561 3.06 -25.11 -10.35
CA ASN A 561 3.51 -24.22 -11.44
C ASN A 561 2.36 -23.37 -11.96
N GLY A 562 1.48 -22.95 -11.04
CA GLY A 562 0.41 -22.03 -11.37
C GLY A 562 -0.89 -22.65 -11.85
N LEU A 563 -0.97 -23.98 -11.92
CA LEU A 563 -2.18 -24.63 -12.38
C LEU A 563 -2.72 -25.58 -11.32
N PRO A 564 -4.04 -25.78 -11.25
CA PRO A 564 -4.60 -26.68 -10.24
C PRO A 564 -3.99 -28.06 -10.36
N SER A 565 -3.71 -28.67 -9.21
CA SER A 565 -2.94 -29.90 -9.20
C SER A 565 -3.32 -30.77 -8.01
N MET A 566 -2.92 -32.04 -8.08
CA MET A 566 -3.13 -32.98 -7.00
C MET A 566 -1.89 -33.86 -6.90
N GLU A 567 -1.19 -33.74 -5.77
CA GLU A 567 0.04 -34.49 -5.55
C GLU A 567 -0.28 -35.93 -5.19
N ILE A 568 0.40 -36.87 -5.85
CA ILE A 568 0.21 -38.29 -5.63
C ILE A 568 1.57 -38.91 -5.33
N LEU A 569 1.65 -39.66 -4.23
CA LEU A 569 2.89 -40.27 -3.77
C LEU A 569 2.80 -41.79 -3.85
N GLY A 570 3.95 -42.43 -3.93
CA GLY A 570 4.02 -43.88 -3.95
C GLY A 570 5.46 -44.33 -4.02
N GLN A 571 5.64 -45.65 -3.93
CA GLN A 571 6.96 -46.26 -3.99
C GLN A 571 6.98 -47.39 -5.00
N ALA A 572 8.16 -47.65 -5.54
CA ALA A 572 8.33 -48.80 -6.42
C ALA A 572 8.12 -50.09 -5.65
N ALA A 573 7.65 -51.11 -6.35
CA ALA A 573 7.46 -52.42 -5.75
C ALA A 573 8.82 -53.03 -5.38
N PRO A 574 8.85 -53.99 -4.44
CA PRO A 574 10.12 -54.60 -4.05
C PRO A 574 10.94 -55.12 -5.23
N GLY A 575 12.11 -54.54 -5.43
CA GLY A 575 12.99 -54.97 -6.50
C GLY A 575 13.04 -54.00 -7.68
N LYS A 576 11.86 -53.62 -8.18
CA LYS A 576 11.80 -52.73 -9.34
C LYS A 576 12.40 -51.38 -9.02
N SER A 577 13.10 -50.80 -9.99
CA SER A 577 13.78 -49.53 -9.78
C SER A 577 12.78 -48.37 -9.79
N THR A 578 13.28 -47.20 -9.40
CA THR A 578 12.45 -46.00 -9.41
C THR A 578 11.99 -45.67 -10.82
N GLY A 579 12.89 -45.75 -11.80
CA GLY A 579 12.54 -45.40 -13.16
C GLY A 579 11.47 -46.32 -13.76
N GLU A 580 11.44 -47.58 -13.32
CA GLU A 580 10.42 -48.50 -13.80
C GLU A 580 9.06 -48.16 -13.20
N ALA A 581 9.03 -47.71 -11.95
CA ALA A 581 7.77 -47.28 -11.34
C ALA A 581 7.28 -45.98 -11.97
N MET A 582 8.21 -45.05 -12.23
CA MET A 582 7.83 -43.80 -12.89
C MET A 582 7.33 -44.05 -14.31
N GLU A 583 7.93 -45.02 -15.01
CA GLU A 583 7.53 -45.30 -16.38
C GLU A 583 6.09 -45.76 -16.45
N LEU A 584 5.67 -46.62 -15.50
CA LEU A 584 4.30 -47.11 -15.51
C LEU A 584 3.32 -46.00 -15.18
N MET A 585 3.70 -45.08 -14.28
CA MET A 585 2.82 -43.96 -13.97
C MET A 585 2.55 -43.11 -15.20
N GLU A 586 3.59 -42.89 -16.02
CA GLU A 586 3.41 -42.11 -17.24
C GLU A 586 2.50 -42.82 -18.23
N GLN A 587 2.63 -44.15 -18.33
CA GLN A 587 1.72 -44.92 -19.17
C GLN A 587 0.28 -44.80 -18.70
N LEU A 588 0.06 -45.02 -17.40
CA LEU A 588 -1.29 -44.88 -16.85
C LEU A 588 -1.84 -43.48 -17.06
N ALA A 589 -0.99 -42.47 -16.91
CA ALA A 589 -1.44 -41.08 -17.05
C ALA A 589 -1.90 -40.77 -18.46
N SER A 590 -1.31 -41.42 -19.46
CA SER A 590 -1.64 -41.14 -20.85
C SER A 590 -3.08 -41.53 -21.20
N LYS A 591 -3.77 -42.27 -20.34
CA LYS A 591 -5.13 -42.71 -20.61
C LYS A 591 -6.17 -41.95 -19.78
N LEU A 592 -5.77 -40.86 -19.13
CA LEU A 592 -6.69 -40.04 -18.37
C LEU A 592 -7.42 -39.08 -19.32
N PRO A 593 -8.54 -38.49 -18.88
CA PRO A 593 -9.31 -37.61 -19.76
C PRO A 593 -8.47 -36.49 -20.34
N THR A 594 -8.91 -36.00 -21.51
CA THR A 594 -8.19 -34.94 -22.20
C THR A 594 -8.12 -33.68 -21.34
N GLY A 595 -6.97 -33.03 -21.36
CA GLY A 595 -6.73 -31.84 -20.58
C GLY A 595 -6.01 -32.08 -19.27
N VAL A 596 -5.89 -33.33 -18.84
CA VAL A 596 -5.20 -33.69 -17.61
C VAL A 596 -3.77 -34.07 -17.96
N GLY A 597 -2.81 -33.31 -17.45
CA GLY A 597 -1.40 -33.60 -17.62
C GLY A 597 -0.74 -34.00 -16.33
N TYR A 598 0.59 -34.01 -16.37
CA TYR A 598 1.35 -34.46 -15.19
C TYR A 598 2.77 -33.94 -15.27
N ASP A 599 3.43 -33.95 -14.11
CA ASP A 599 4.85 -33.63 -14.01
C ASP A 599 5.42 -34.36 -12.79
N TRP A 600 6.74 -34.37 -12.70
CA TRP A 600 7.46 -34.97 -11.58
C TRP A 600 8.10 -33.87 -10.74
N THR A 601 8.01 -34.01 -9.42
CA THR A 601 8.54 -33.03 -8.50
C THR A 601 9.30 -33.73 -7.38
N GLY A 602 9.94 -32.94 -6.53
CA GLY A 602 10.61 -33.48 -5.35
C GLY A 602 11.72 -34.44 -5.71
N MET A 603 11.65 -35.66 -5.18
CA MET A 603 12.63 -36.70 -5.50
C MET A 603 12.72 -36.91 -7.00
N SER A 604 11.57 -37.14 -7.64
CA SER A 604 11.51 -37.57 -9.02
C SER A 604 12.01 -36.53 -10.01
N TYR A 605 12.17 -35.28 -9.57
CA TYR A 605 12.67 -34.23 -10.46
C TYR A 605 14.14 -34.48 -10.82
N ALA B 2 34.06 -0.36 11.51
CA ALA B 2 32.89 -0.18 12.37
C ALA B 2 31.73 -1.03 11.89
N PRO B 3 30.94 -1.55 12.82
CA PRO B 3 29.76 -2.34 12.43
C PRO B 3 28.77 -1.48 11.67
N PRO B 4 28.30 -1.95 10.52
CA PRO B 4 27.38 -1.14 9.71
C PRO B 4 26.02 -1.01 10.35
N ALA B 5 25.39 0.13 10.12
CA ALA B 5 24.08 0.46 10.69
C ALA B 5 23.13 0.90 9.59
N VAL B 6 21.93 0.35 9.60
CA VAL B 6 20.85 0.73 8.68
C VAL B 6 19.81 1.50 9.49
N THR B 7 19.39 2.65 8.98
CA THR B 7 18.48 3.53 9.69
C THR B 7 17.15 3.61 8.96
N ILE B 8 16.06 3.37 9.68
CA ILE B 8 14.71 3.61 9.19
C ILE B 8 14.22 4.92 9.79
N SER B 9 13.63 5.77 8.97
CA SER B 9 13.06 7.03 9.42
C SER B 9 11.64 7.15 8.87
N ALA B 10 10.72 7.60 9.72
CA ALA B 10 9.36 7.87 9.31
C ALA B 10 8.84 9.05 10.11
N SER B 11 7.77 9.66 9.62
CA SER B 11 7.21 10.85 10.24
C SER B 11 5.69 10.76 10.24
N TYR B 12 5.10 11.29 11.31
CA TYR B 12 3.66 11.28 11.53
C TYR B 12 3.30 12.69 11.93
N PRO B 13 2.89 13.54 10.97
CA PRO B 13 2.63 14.96 11.27
C PRO B 13 1.64 15.16 12.40
N GLY B 14 2.06 15.88 13.44
CA GLY B 14 1.19 16.19 14.56
C GLY B 14 1.08 15.11 15.61
N ALA B 15 1.79 13.99 15.47
CA ALA B 15 1.72 12.93 16.45
C ALA B 15 2.66 13.20 17.61
N ASP B 16 2.25 12.76 18.80
CA ASP B 16 3.10 12.76 19.97
C ASP B 16 3.97 11.50 19.99
N ALA B 17 4.89 11.44 20.95
CA ALA B 17 5.85 10.36 20.99
C ALA B 17 5.17 9.00 21.22
N LYS B 18 4.18 8.95 22.11
CA LYS B 18 3.50 7.69 22.38
C LYS B 18 2.69 7.24 21.16
N THR B 19 2.02 8.19 20.49
CA THR B 19 1.29 7.85 19.28
C THR B 19 2.23 7.28 18.22
N VAL B 20 3.39 7.92 18.03
CA VAL B 20 4.38 7.42 17.07
C VAL B 20 4.83 6.03 17.46
N GLN B 21 5.19 5.85 18.74
CA GLN B 21 5.71 4.56 19.18
C GLN B 21 4.70 3.44 18.99
N ASP B 22 3.42 3.71 19.29
CA ASP B 22 2.43 2.65 19.36
C ASP B 22 1.73 2.37 18.04
N THR B 23 1.81 3.26 17.06
CA THR B 23 1.24 2.99 15.75
C THR B 23 2.29 2.74 14.68
N VAL B 24 3.56 3.05 14.94
CA VAL B 24 4.60 2.92 13.93
C VAL B 24 5.76 2.08 14.44
N THR B 25 6.42 2.56 15.49
CA THR B 25 7.70 1.99 15.91
C THR B 25 7.56 0.53 16.31
N GLN B 26 6.59 0.23 17.18
CA GLN B 26 6.37 -1.16 17.58
C GLN B 26 6.00 -2.04 16.40
N VAL B 27 5.21 -1.50 15.47
CA VAL B 27 4.78 -2.28 14.31
C VAL B 27 5.98 -2.67 13.45
N ILE B 28 6.87 -1.71 13.20
CA ILE B 28 8.06 -2.01 12.40
C ILE B 28 8.97 -2.98 13.13
N GLU B 29 9.22 -2.73 14.42
CA GLU B 29 10.09 -3.61 15.20
C GLU B 29 9.58 -5.05 15.20
N GLN B 30 8.28 -5.24 15.34
CA GLN B 30 7.71 -6.58 15.38
C GLN B 30 7.85 -7.33 14.06
N ASN B 31 8.22 -6.64 12.98
CA ASN B 31 8.33 -7.26 11.66
C ASN B 31 9.74 -7.19 11.10
N MET B 32 10.74 -6.94 11.94
CA MET B 32 12.14 -6.96 11.52
C MET B 32 12.77 -8.33 11.73
N ASN B 33 12.03 -9.40 11.44
CA ASN B 33 12.50 -10.76 11.64
C ASN B 33 13.11 -11.32 10.36
N GLY B 34 13.88 -12.39 10.51
CA GLY B 34 14.43 -13.08 9.37
C GLY B 34 15.53 -12.33 8.63
N ILE B 35 16.18 -11.37 9.29
CA ILE B 35 17.27 -10.60 8.71
C ILE B 35 18.59 -11.13 9.24
N ASP B 36 19.56 -11.33 8.36
CA ASP B 36 20.82 -11.94 8.73
C ASP B 36 21.74 -10.96 9.46
N ASN B 37 22.49 -11.48 10.43
CA ASN B 37 23.64 -10.79 11.03
C ASN B 37 23.26 -9.53 11.79
N LEU B 38 22.04 -9.46 12.31
CA LEU B 38 21.60 -8.30 13.09
C LEU B 38 22.16 -8.41 14.51
N MET B 39 22.96 -7.42 14.91
CA MET B 39 23.53 -7.40 16.26
C MET B 39 22.50 -6.91 17.27
N TYR B 40 22.00 -5.69 17.09
CA TYR B 40 20.95 -5.17 17.96
C TYR B 40 20.17 -4.10 17.21
N MET B 41 19.11 -3.63 17.86
CA MET B 41 18.16 -2.71 17.27
C MET B 41 17.78 -1.70 18.34
N SER B 42 17.70 -0.42 17.95
CA SER B 42 17.34 0.64 18.87
C SER B 42 16.45 1.64 18.15
N SER B 43 15.64 2.37 18.92
CA SER B 43 14.69 3.28 18.30
C SER B 43 14.37 4.45 19.22
N ASN B 44 14.07 5.59 18.60
CA ASN B 44 13.53 6.76 19.26
C ASN B 44 12.19 7.11 18.62
N SER B 45 11.21 7.44 19.45
CA SER B 45 9.93 7.96 18.99
C SER B 45 9.72 9.32 19.64
N ASP B 46 9.63 10.37 18.82
CA ASP B 46 9.67 11.76 19.27
C ASP B 46 8.30 12.41 19.18
N SER B 47 8.09 13.43 20.01
CA SER B 47 6.90 14.26 19.93
C SER B 47 6.98 15.31 18.81
N THR B 48 8.04 15.28 18.00
CA THR B 48 8.02 15.97 16.72
C THR B 48 7.28 15.15 15.67
N GLY B 49 6.78 13.97 16.02
CA GLY B 49 6.14 13.08 15.08
C GLY B 49 7.08 12.18 14.32
N THR B 50 8.29 11.95 14.83
CA THR B 50 9.35 11.30 14.09
C THR B 50 9.80 10.03 14.81
N VAL B 51 10.05 8.98 14.03
CA VAL B 51 10.65 7.75 14.53
C VAL B 51 11.93 7.48 13.76
N GLN B 52 12.97 7.05 14.47
CA GLN B 52 14.20 6.59 13.87
C GLN B 52 14.56 5.25 14.48
N ILE B 53 14.69 4.22 13.65
CA ILE B 53 15.07 2.88 14.09
C ILE B 53 16.43 2.57 13.51
N THR B 54 17.38 2.23 14.38
CA THR B 54 18.75 1.92 13.98
C THR B 54 19.00 0.43 14.16
N LEU B 55 19.28 -0.25 13.05
CA LEU B 55 19.63 -1.67 13.08
C LEU B 55 21.13 -1.79 12.83
N THR B 56 21.85 -2.27 13.84
CA THR B 56 23.30 -2.42 13.77
C THR B 56 23.64 -3.88 13.50
N PHE B 57 24.55 -4.11 12.57
CA PHE B 57 24.88 -5.45 12.12
C PHE B 57 26.28 -5.84 12.55
N GLU B 58 26.55 -7.14 12.49
CA GLU B 58 27.87 -7.64 12.86
C GLU B 58 28.94 -7.08 11.94
N SER B 59 30.14 -6.89 12.49
CA SER B 59 31.25 -6.41 11.68
C SER B 59 31.53 -7.40 10.55
N GLY B 60 31.81 -6.85 9.37
CA GLY B 60 31.98 -7.66 8.18
C GLY B 60 30.73 -7.90 7.38
N THR B 61 29.57 -7.51 7.89
CA THR B 61 28.32 -7.63 7.15
C THR B 61 28.35 -6.73 5.92
N ASP B 62 27.87 -7.26 4.80
CA ASP B 62 27.70 -6.46 3.59
C ASP B 62 26.57 -5.47 3.81
N ALA B 63 26.90 -4.17 3.80
CA ALA B 63 25.90 -3.14 4.02
C ALA B 63 24.82 -3.14 2.95
N ASP B 64 25.19 -3.50 1.72
CA ASP B 64 24.21 -3.61 0.65
C ASP B 64 23.15 -4.66 0.98
N ILE B 65 23.59 -5.82 1.48
CA ILE B 65 22.66 -6.90 1.79
C ILE B 65 21.77 -6.50 2.98
N ALA B 66 22.39 -5.95 4.02
CA ALA B 66 21.63 -5.54 5.20
C ALA B 66 20.54 -4.55 4.85
N GLN B 67 20.87 -3.53 4.03
CA GLN B 67 19.88 -2.55 3.66
C GLN B 67 18.72 -3.18 2.89
N VAL B 68 19.03 -4.06 1.94
CA VAL B 68 17.98 -4.66 1.12
C VAL B 68 17.06 -5.54 1.96
N GLN B 69 17.64 -6.34 2.86
CA GLN B 69 16.82 -7.20 3.71
C GLN B 69 15.93 -6.36 4.61
N VAL B 70 16.44 -5.26 5.15
CA VAL B 70 15.63 -4.38 5.99
C VAL B 70 14.52 -3.75 5.15
N GLN B 71 14.87 -3.24 3.97
CA GLN B 71 13.87 -2.61 3.10
C GLN B 71 12.75 -3.58 2.76
N ASN B 72 13.09 -4.83 2.43
CA ASN B 72 12.08 -5.79 2.03
C ASN B 72 11.14 -6.13 3.19
N LYS B 73 11.68 -6.29 4.39
CA LYS B 73 10.84 -6.53 5.56
C LYS B 73 9.95 -5.33 5.84
N LEU B 74 10.50 -4.11 5.69
CA LEU B 74 9.70 -2.91 5.91
C LEU B 74 8.59 -2.79 4.86
N GLN B 75 8.88 -3.20 3.61
CA GLN B 75 7.86 -3.20 2.58
C GLN B 75 6.67 -4.06 2.96
N LEU B 76 6.93 -5.26 3.51
CA LEU B 76 5.84 -6.14 3.90
C LEU B 76 5.07 -5.60 5.10
N ALA B 77 5.68 -4.73 5.90
CA ALA B 77 4.99 -4.13 7.04
C ALA B 77 4.33 -2.79 6.70
N MET B 78 4.61 -2.23 5.53
CA MET B 78 4.02 -0.95 5.15
C MET B 78 2.49 -0.92 5.24
N PRO B 79 1.73 -1.95 4.85
CA PRO B 79 0.26 -1.88 5.01
C PRO B 79 -0.20 -1.84 6.45
N LEU B 80 0.70 -2.03 7.41
CA LEU B 80 0.31 -2.02 8.82
C LEU B 80 0.45 -0.64 9.47
N LEU B 81 1.07 0.31 8.78
CA LEU B 81 1.33 1.65 9.27
C LEU B 81 0.17 2.58 8.92
N PRO B 82 -0.03 3.64 9.71
CA PRO B 82 -1.08 4.61 9.36
C PRO B 82 -0.84 5.19 7.98
N GLN B 83 -1.95 5.45 7.27
CA GLN B 83 -1.85 6.04 5.94
C GLN B 83 -1.10 7.36 5.98
N GLU B 84 -1.28 8.12 7.07
CA GLU B 84 -0.60 9.40 7.22
C GLU B 84 0.92 9.24 7.25
N VAL B 85 1.40 8.08 7.71
CA VAL B 85 2.84 7.82 7.75
C VAL B 85 3.35 7.30 6.41
N GLN B 86 2.61 6.38 5.79
CA GLN B 86 2.98 5.88 4.47
C GLN B 86 3.14 7.02 3.47
N GLN B 87 2.17 7.94 3.45
CA GLN B 87 2.15 8.99 2.44
C GLN B 87 3.23 10.04 2.66
N GLN B 88 3.84 10.10 3.84
CA GLN B 88 5.01 10.95 4.02
C GLN B 88 6.26 10.34 3.41
N GLY B 89 6.23 9.04 3.10
CA GLY B 89 7.43 8.37 2.63
C GLY B 89 8.34 7.98 3.77
N VAL B 90 8.73 6.72 3.82
CA VAL B 90 9.67 6.21 4.80
C VAL B 90 11.01 6.01 4.10
N SER B 91 12.10 6.27 4.81
CA SER B 91 13.43 6.16 4.25
C SER B 91 14.21 5.06 4.97
N VAL B 92 15.06 4.37 4.22
CA VAL B 92 15.95 3.37 4.76
C VAL B 92 17.34 3.65 4.19
N GLU B 93 18.30 3.90 5.07
CA GLU B 93 19.60 4.40 4.65
C GLU B 93 20.71 3.57 5.29
N LYS B 94 21.83 3.50 4.58
CA LYS B 94 23.05 2.86 5.05
C LYS B 94 24.15 3.91 4.98
N SER B 95 24.25 4.72 6.03
CA SER B 95 25.23 5.80 6.03
C SER B 95 25.84 5.92 7.42
N SER B 96 27.00 6.57 7.45
CA SER B 96 27.57 6.97 8.73
C SER B 96 26.61 7.88 9.47
N SER B 97 26.79 7.97 10.79
CA SER B 97 25.95 8.85 11.59
C SER B 97 26.44 10.29 11.58
N SER B 98 27.69 10.51 11.22
CA SER B 98 28.31 11.83 11.23
C SER B 98 28.26 12.46 9.84
N PHE B 99 28.41 13.78 9.82
CA PHE B 99 28.37 14.52 8.56
C PHE B 99 29.73 14.47 7.87
N LEU B 100 29.71 14.19 6.57
CA LEU B 100 30.92 14.29 5.76
C LEU B 100 31.23 15.75 5.42
N MET B 101 30.20 16.52 5.07
CA MET B 101 30.37 17.93 4.76
C MET B 101 29.01 18.61 4.83
N VAL B 102 29.05 19.94 4.91
CA VAL B 102 27.86 20.78 4.87
C VAL B 102 27.99 21.71 3.69
N VAL B 103 26.95 21.74 2.85
CA VAL B 103 26.87 22.67 1.74
C VAL B 103 25.98 23.81 2.20
N GLY B 104 26.55 25.01 2.34
CA GLY B 104 25.81 26.18 2.79
C GLY B 104 25.39 27.05 1.62
N VAL B 105 24.22 27.65 1.75
CA VAL B 105 23.66 28.52 0.71
C VAL B 105 23.17 29.80 1.38
N ILE B 106 23.68 30.93 0.90
CA ILE B 106 23.28 32.25 1.36
C ILE B 106 22.89 33.09 0.15
N ASN B 107 22.32 34.26 0.41
CA ASN B 107 22.04 35.25 -0.63
C ASN B 107 22.83 36.51 -0.27
N THR B 108 23.89 36.78 -1.04
CA THR B 108 24.72 37.94 -0.78
C THR B 108 23.95 39.25 -0.96
N ASP B 109 23.00 39.28 -1.90
CA ASP B 109 22.16 40.46 -2.11
C ASP B 109 21.06 40.60 -1.07
N GLY B 110 20.94 39.67 -0.13
CA GLY B 110 19.92 39.72 0.90
C GLY B 110 18.51 39.82 0.36
N THR B 111 18.31 39.42 -0.90
CA THR B 111 17.01 39.49 -1.55
C THR B 111 16.18 38.23 -1.36
N MET B 112 16.66 37.28 -0.55
CA MET B 112 15.93 36.05 -0.28
C MET B 112 15.98 35.78 1.21
N THR B 113 14.81 35.51 1.80
CA THR B 113 14.76 35.19 3.22
C THR B 113 15.27 33.77 3.47
N GLN B 114 15.35 33.41 4.75
CA GLN B 114 15.78 32.07 5.13
C GLN B 114 14.88 31.01 4.49
N GLU B 115 13.58 31.29 4.42
CA GLU B 115 12.63 30.32 3.90
C GLU B 115 12.66 30.25 2.38
N ASP B 116 12.90 31.39 1.72
CA ASP B 116 13.11 31.39 0.28
C ASP B 116 14.31 30.53 -0.11
N ILE B 117 15.42 30.70 0.61
CA ILE B 117 16.64 29.94 0.31
C ILE B 117 16.41 28.46 0.55
N SER B 118 15.72 28.12 1.65
CA SER B 118 15.47 26.71 1.96
C SER B 118 14.66 26.03 0.87
N ASP B 119 13.63 26.72 0.36
CA ASP B 119 12.85 26.13 -0.73
C ASP B 119 13.69 25.97 -1.99
N TYR B 120 14.52 26.96 -2.31
CA TYR B 120 15.35 26.82 -3.50
C TYR B 120 16.26 25.60 -3.39
N VAL B 121 16.89 25.43 -2.23
CA VAL B 121 17.77 24.28 -2.04
C VAL B 121 16.98 22.98 -2.15
N ALA B 122 15.84 22.91 -1.46
CA ALA B 122 15.04 21.70 -1.48
C ALA B 122 14.53 21.39 -2.88
N ALA B 123 14.15 22.43 -3.63
CA ALA B 123 13.49 22.22 -4.91
C ALA B 123 14.45 22.14 -6.10
N ASN B 124 15.66 22.70 -5.98
CA ASN B 124 16.58 22.77 -7.11
C ASN B 124 17.93 22.09 -6.86
N MET B 125 18.24 21.71 -5.64
CA MET B 125 19.59 21.20 -5.35
C MET B 125 19.60 19.85 -4.66
N LYS B 126 18.69 19.62 -3.71
CA LYS B 126 18.78 18.47 -2.82
C LYS B 126 18.70 17.16 -3.58
N ASP B 127 17.79 17.06 -4.54
CA ASP B 127 17.54 15.77 -5.19
C ASP B 127 18.74 15.31 -5.99
N ALA B 128 19.37 16.22 -6.74
CA ALA B 128 20.56 15.82 -7.50
C ALA B 128 21.72 15.45 -6.58
N ILE B 129 21.85 16.12 -5.43
CA ILE B 129 22.87 15.72 -4.47
C ILE B 129 22.53 14.36 -3.88
N SER B 130 21.25 14.13 -3.56
CA SER B 130 20.83 12.86 -2.97
C SER B 130 21.06 11.68 -3.89
N ARG B 131 21.14 11.90 -5.20
CA ARG B 131 21.37 10.84 -6.17
C ARG B 131 22.84 10.62 -6.47
N THR B 132 23.73 11.46 -5.92
CA THR B 132 25.16 11.30 -6.15
C THR B 132 25.66 10.04 -5.44
N SER B 133 26.45 9.24 -6.15
CA SER B 133 26.98 8.01 -5.57
C SER B 133 27.85 8.33 -4.35
N GLY B 134 27.68 7.52 -3.30
CA GLY B 134 28.40 7.72 -2.07
C GLY B 134 27.69 8.58 -1.05
N VAL B 135 26.59 9.21 -1.42
CA VAL B 135 25.81 10.06 -0.51
C VAL B 135 24.79 9.17 0.20
N GLY B 136 25.00 8.93 1.50
CA GLY B 136 24.12 8.03 2.22
C GLY B 136 22.90 8.71 2.80
N ASP B 137 23.01 9.99 3.14
CA ASP B 137 21.89 10.71 3.75
C ASP B 137 22.12 12.21 3.53
N VAL B 138 21.04 12.94 3.28
CA VAL B 138 21.08 14.38 3.13
C VAL B 138 20.07 15.00 4.07
N GLN B 139 20.53 15.85 4.97
CA GLN B 139 19.67 16.63 5.84
C GLN B 139 19.52 18.04 5.27
N LEU B 140 18.29 18.46 5.04
CA LEU B 140 18.02 19.84 4.67
C LEU B 140 17.91 20.69 5.92
N PHE B 141 18.73 21.74 5.99
CA PHE B 141 18.70 22.65 7.13
C PHE B 141 17.69 23.76 6.84
N GLY B 142 16.43 23.33 6.83
CA GLY B 142 15.33 24.14 6.36
C GLY B 142 14.22 23.21 5.91
N SER B 143 13.25 23.79 5.20
CA SER B 143 12.12 23.01 4.71
C SER B 143 11.73 23.47 3.31
N GLN B 144 11.27 22.53 2.50
CA GLN B 144 10.68 22.87 1.21
C GLN B 144 9.35 23.57 1.41
N TYR B 145 9.01 24.46 0.48
CA TYR B 145 7.70 25.10 0.51
C TYR B 145 6.60 24.06 0.35
N ALA B 146 5.52 24.27 1.08
CA ALA B 146 4.23 23.66 0.79
C ALA B 146 3.22 24.78 0.55
N MET B 147 2.08 24.41 -0.01
CA MET B 147 0.96 25.35 -0.06
C MET B 147 0.27 25.33 1.30
N ARG B 148 0.38 26.43 2.04
CA ARG B 148 -0.11 26.49 3.41
C ARG B 148 -1.47 27.17 3.44
N ILE B 149 -2.47 26.44 3.93
CA ILE B 149 -3.81 26.96 4.18
C ILE B 149 -3.89 27.22 5.68
N TRP B 150 -3.84 28.49 6.09
CA TRP B 150 -3.87 28.86 7.50
C TRP B 150 -5.31 29.20 7.87
N MET B 151 -5.99 28.27 8.55
CA MET B 151 -7.42 28.37 8.79
C MET B 151 -7.73 29.34 9.93
N ASN B 152 -8.89 30.00 9.80
CA ASN B 152 -9.41 30.92 10.81
C ASN B 152 -10.68 30.32 11.41
N PRO B 153 -10.69 29.91 12.68
CA PRO B 153 -11.88 29.26 13.23
C PRO B 153 -13.07 30.18 13.35
N ASN B 154 -12.85 31.49 13.47
CA ASN B 154 -13.98 32.42 13.55
C ASN B 154 -14.77 32.45 12.25
N GLU B 155 -14.05 32.55 11.11
CA GLU B 155 -14.74 32.62 9.83
C GLU B 155 -15.31 31.26 9.44
N LEU B 156 -14.64 30.17 9.81
CA LEU B 156 -15.19 28.85 9.58
C LEU B 156 -16.53 28.67 10.30
N ASN B 157 -16.59 29.08 11.57
CA ASN B 157 -17.84 28.99 12.31
C ASN B 157 -18.91 29.89 11.70
N LYS B 158 -18.53 31.11 11.29
CA LYS B 158 -19.48 32.05 10.71
C LYS B 158 -20.21 31.44 9.52
N PHE B 159 -19.50 30.70 8.68
CA PHE B 159 -20.10 30.04 7.53
C PHE B 159 -20.42 28.57 7.82
N GLN B 160 -20.39 28.18 9.10
CA GLN B 160 -20.72 26.81 9.53
C GLN B 160 -19.92 25.76 8.75
N LEU B 161 -18.61 25.96 8.72
CA LEU B 161 -17.70 25.02 8.09
C LEU B 161 -16.67 24.56 9.13
N THR B 162 -16.04 23.43 8.84
CA THR B 162 -15.00 22.84 9.67
C THR B 162 -13.78 22.57 8.80
N PRO B 163 -12.65 22.21 9.40
CA PRO B 163 -11.52 21.75 8.59
C PRO B 163 -11.84 20.53 7.73
N VAL B 164 -12.81 19.70 8.13
CA VAL B 164 -13.20 18.58 7.28
C VAL B 164 -13.74 19.10 5.96
N ASP B 165 -14.55 20.16 5.99
CA ASP B 165 -15.07 20.73 4.75
C ASP B 165 -13.97 21.32 3.89
N VAL B 166 -12.98 21.95 4.52
CA VAL B 166 -11.87 22.53 3.78
C VAL B 166 -11.05 21.44 3.09
N ILE B 167 -10.75 20.37 3.85
CA ILE B 167 -9.95 19.27 3.31
C ILE B 167 -10.68 18.59 2.16
N THR B 168 -11.99 18.38 2.31
CA THR B 168 -12.77 17.74 1.26
C THR B 168 -12.79 18.59 0.00
N ALA B 169 -12.89 19.91 0.15
CA ALA B 169 -12.95 20.78 -1.01
C ALA B 169 -11.59 20.86 -1.71
N ILE B 170 -10.50 20.84 -0.94
CA ILE B 170 -9.17 20.89 -1.55
C ILE B 170 -8.92 19.63 -2.37
N LYS B 171 -9.26 18.46 -1.82
CA LYS B 171 -9.10 17.21 -2.57
C LYS B 171 -9.95 17.20 -3.82
N ALA B 172 -11.11 17.86 -3.78
CA ALA B 172 -12.02 17.85 -4.92
C ALA B 172 -11.61 18.85 -6.00
N GLN B 173 -11.01 19.97 -5.63
CA GLN B 173 -10.75 21.05 -6.57
C GLN B 173 -9.28 21.29 -6.84
N ASN B 174 -8.38 20.61 -6.15
CA ASN B 174 -6.98 20.51 -6.50
C ASN B 174 -6.73 19.05 -6.87
N ALA B 175 -7.18 18.68 -8.07
CA ALA B 175 -7.15 17.29 -8.52
C ALA B 175 -6.52 17.20 -9.89
N GLN B 176 -6.00 16.02 -10.21
CA GLN B 176 -5.43 15.71 -11.52
C GLN B 176 -6.25 14.56 -12.10
N VAL B 177 -7.09 14.87 -13.09
CA VAL B 177 -8.10 13.95 -13.58
C VAL B 177 -7.59 13.23 -14.83
N ALA B 178 -7.68 11.90 -14.82
CA ALA B 178 -7.50 11.10 -16.02
C ALA B 178 -8.85 10.98 -16.71
N ALA B 179 -8.96 11.54 -17.91
CA ALA B 179 -10.25 11.71 -18.57
C ALA B 179 -10.36 11.02 -19.92
N GLY B 180 -9.34 10.30 -20.35
CA GLY B 180 -9.44 9.57 -21.60
C GLY B 180 -9.15 10.44 -22.82
N GLN B 181 -9.65 9.99 -23.96
CA GLN B 181 -9.35 10.62 -25.24
C GLN B 181 -10.59 10.69 -26.11
N LEU B 182 -10.64 11.72 -26.94
CA LEU B 182 -11.53 11.69 -28.09
C LEU B 182 -10.98 10.70 -29.11
N GLY B 183 -11.86 9.89 -29.67
CA GLY B 183 -11.43 8.83 -30.58
C GLY B 183 -10.47 7.85 -29.94
N GLY B 184 -10.63 7.59 -28.65
CA GLY B 184 -9.79 6.62 -27.97
C GLY B 184 -10.05 5.20 -28.44
N THR B 185 -9.11 4.32 -28.13
CA THR B 185 -9.24 2.93 -28.53
C THR B 185 -10.06 2.16 -27.51
N PRO B 186 -10.86 1.18 -27.96
CA PRO B 186 -11.10 0.87 -29.37
C PRO B 186 -12.08 1.86 -30.00
N PRO B 187 -11.79 2.32 -31.21
CA PRO B 187 -12.63 3.37 -31.81
C PRO B 187 -13.67 2.83 -32.77
N VAL B 188 -14.62 3.69 -33.16
CA VAL B 188 -15.51 3.35 -34.25
C VAL B 188 -14.74 3.44 -35.57
N LYS B 189 -15.26 2.74 -36.57
CA LYS B 189 -14.68 2.82 -37.91
C LYS B 189 -14.91 4.21 -38.48
N GLY B 190 -13.92 4.69 -39.23
CA GLY B 190 -14.02 6.00 -39.85
C GLY B 190 -13.70 7.16 -38.95
N GLN B 191 -13.25 6.91 -37.71
CA GLN B 191 -12.89 8.00 -36.81
C GLN B 191 -11.72 8.78 -37.38
N GLN B 192 -11.82 10.11 -37.33
CA GLN B 192 -10.80 10.98 -37.90
C GLN B 192 -9.98 11.75 -36.88
N LEU B 193 -10.49 11.93 -35.66
CA LEU B 193 -9.84 12.77 -34.66
C LEU B 193 -9.45 11.94 -33.46
N ASN B 194 -8.21 12.09 -33.01
CA ASN B 194 -7.71 11.52 -31.77
C ASN B 194 -7.07 12.64 -30.97
N ALA B 195 -7.52 12.85 -29.73
CA ALA B 195 -7.00 13.92 -28.91
C ALA B 195 -7.23 13.59 -27.45
N SER B 196 -6.27 13.96 -26.61
CA SER B 196 -6.43 13.78 -25.17
C SER B 196 -7.49 14.72 -24.63
N ILE B 197 -8.30 14.20 -23.72
CA ILE B 197 -9.23 15.03 -22.95
C ILE B 197 -8.51 15.51 -21.70
N ILE B 198 -8.56 16.81 -21.45
CA ILE B 198 -7.95 17.44 -20.30
C ILE B 198 -9.08 17.99 -19.42
N ALA B 199 -9.17 17.48 -18.20
CA ALA B 199 -10.16 17.93 -17.23
C ALA B 199 -9.43 18.73 -16.15
N GLN B 200 -9.71 18.53 -14.87
CA GLN B 200 -9.01 19.29 -13.84
C GLN B 200 -7.53 18.94 -13.80
N THR B 201 -6.72 19.94 -13.46
CA THR B 201 -5.29 19.78 -13.27
C THR B 201 -4.91 20.42 -11.94
N ARG B 202 -3.79 19.97 -11.36
CA ARG B 202 -3.34 20.51 -10.09
C ARG B 202 -3.29 22.03 -10.14
N LEU B 203 -3.68 22.66 -9.03
CA LEU B 203 -3.49 24.10 -8.90
C LEU B 203 -2.01 24.40 -8.71
N THR B 204 -1.62 25.63 -9.04
CA THR B 204 -0.22 26.00 -9.11
C THR B 204 0.13 27.27 -8.35
N SER B 205 -0.82 27.90 -7.66
CA SER B 205 -0.57 29.22 -7.12
C SER B 205 -1.51 29.48 -5.95
N THR B 206 -1.10 30.41 -5.09
CA THR B 206 -1.96 30.80 -3.96
C THR B 206 -3.29 31.34 -4.43
N GLU B 207 -3.31 32.02 -5.58
CA GLU B 207 -4.56 32.58 -6.10
C GLU B 207 -5.55 31.49 -6.47
N GLU B 208 -5.08 30.42 -7.10
CA GLU B 208 -5.96 29.32 -7.47
C GLU B 208 -6.55 28.64 -6.24
N PHE B 209 -5.73 28.44 -5.20
CA PHE B 209 -6.25 27.86 -3.97
C PHE B 209 -7.24 28.80 -3.30
N GLY B 210 -6.99 30.12 -3.40
CA GLY B 210 -7.86 31.08 -2.74
C GLY B 210 -9.28 31.07 -3.25
N LYS B 211 -9.48 30.67 -4.51
CA LYS B 211 -10.83 30.67 -5.09
C LYS B 211 -11.45 29.28 -5.12
N ILE B 212 -10.86 28.30 -4.42
CA ILE B 212 -11.56 27.05 -4.19
C ILE B 212 -12.90 27.37 -3.55
N LEU B 213 -13.97 26.79 -4.10
CA LEU B 213 -15.33 27.14 -3.70
C LEU B 213 -15.80 26.19 -2.61
N LEU B 214 -15.99 26.73 -1.40
CA LEU B 214 -16.38 25.90 -0.27
C LEU B 214 -17.88 25.66 -0.24
N LYS B 215 -18.69 26.69 -0.45
CA LYS B 215 -20.13 26.54 -0.43
C LYS B 215 -20.79 27.74 -1.08
N VAL B 216 -22.02 27.54 -1.55
CA VAL B 216 -22.88 28.61 -2.02
C VAL B 216 -23.98 28.80 -0.98
N ASN B 217 -24.01 29.99 -0.38
CA ASN B 217 -25.05 30.30 0.59
C ASN B 217 -26.42 30.23 -0.07
N GLN B 218 -27.45 30.07 0.77
CA GLN B 218 -28.80 29.87 0.26
C GLN B 218 -29.33 31.08 -0.51
N ASP B 219 -28.76 32.26 -0.27
CA ASP B 219 -29.16 33.45 -1.02
C ASP B 219 -28.43 33.57 -2.35
N GLY B 220 -27.36 32.81 -2.56
CA GLY B 220 -26.60 32.84 -3.79
C GLY B 220 -25.16 33.28 -3.64
N SER B 221 -24.76 33.85 -2.50
CA SER B 221 -23.39 34.29 -2.32
C SER B 221 -22.45 33.09 -2.19
N ARG B 222 -21.18 33.32 -2.51
CA ARG B 222 -20.17 32.28 -2.55
C ARG B 222 -19.19 32.45 -1.40
N VAL B 223 -18.81 31.32 -0.79
CA VAL B 223 -17.80 31.29 0.25
C VAL B 223 -16.56 30.62 -0.34
N LEU B 224 -15.51 31.41 -0.55
CA LEU B 224 -14.26 30.91 -1.09
C LEU B 224 -13.30 30.54 0.02
N LEU B 225 -12.28 29.75 -0.34
CA LEU B 225 -11.30 29.31 0.65
C LEU B 225 -10.56 30.50 1.26
N ARG B 226 -10.29 31.54 0.46
CA ARG B 226 -9.64 32.73 0.98
C ARG B 226 -10.53 33.52 1.94
N ASP B 227 -11.82 33.17 2.04
CA ASP B 227 -12.70 33.82 2.99
C ASP B 227 -12.62 33.21 4.38
N VAL B 228 -12.01 32.03 4.53
CA VAL B 228 -11.86 31.37 5.82
C VAL B 228 -10.41 31.07 6.16
N ALA B 229 -9.46 31.49 5.32
CA ALA B 229 -8.07 31.12 5.53
C ALA B 229 -7.16 32.10 4.81
N LYS B 230 -5.95 32.23 5.33
CA LYS B 230 -4.86 32.88 4.61
C LYS B 230 -4.08 31.82 3.85
N ILE B 231 -3.75 32.13 2.59
CA ILE B 231 -3.12 31.17 1.69
C ILE B 231 -1.77 31.72 1.27
N GLU B 232 -0.72 30.93 1.49
CA GLU B 232 0.64 31.38 1.22
C GLU B 232 1.54 30.16 1.08
N LEU B 233 2.63 30.35 0.35
CA LEU B 233 3.69 29.35 0.35
C LEU B 233 4.44 29.41 1.67
N GLY B 234 4.72 28.24 2.23
CA GLY B 234 5.46 28.16 3.49
C GLY B 234 5.96 26.75 3.69
N GLY B 235 6.92 26.62 4.60
CA GLY B 235 7.58 25.35 4.78
C GLY B 235 6.63 24.25 5.20
N GLU B 236 6.96 23.02 4.81
CA GLU B 236 6.24 21.86 5.31
C GLU B 236 6.27 21.82 6.83
N ASN B 237 7.39 22.23 7.42
CA ASN B 237 7.47 22.47 8.85
C ASN B 237 8.38 23.69 9.06
N TYR B 238 8.32 24.25 10.26
CA TYR B 238 9.02 25.49 10.57
C TYR B 238 10.04 25.29 11.70
N ASP B 239 10.55 24.07 11.84
CA ASP B 239 11.35 23.71 13.00
C ASP B 239 12.84 23.94 12.82
N ILE B 240 13.32 24.09 11.60
CA ILE B 240 14.76 24.14 11.33
C ILE B 240 15.08 25.43 10.59
N ILE B 241 15.86 26.30 11.22
CA ILE B 241 16.35 27.54 10.63
C ILE B 241 17.86 27.60 10.83
N ALA B 242 18.57 28.08 9.81
CA ALA B 242 20.03 28.11 9.86
C ALA B 242 20.54 29.51 9.59
N GLU B 243 21.78 29.75 10.02
CA GLU B 243 22.46 31.02 9.81
C GLU B 243 23.92 30.77 9.50
N PHE B 244 24.48 31.62 8.62
CA PHE B 244 25.90 31.58 8.25
C PHE B 244 26.51 32.92 8.62
N ASN B 245 27.32 32.94 9.68
CA ASN B 245 27.91 34.16 10.21
C ASN B 245 26.83 35.20 10.51
N GLY B 246 25.74 34.76 11.12
CA GLY B 246 24.65 35.64 11.49
C GLY B 246 23.65 35.95 10.40
N GLN B 247 23.95 35.63 9.14
CA GLN B 247 23.15 35.94 7.98
C GLN B 247 22.21 34.79 7.65
N PRO B 248 21.01 35.07 7.15
CA PRO B 248 20.07 34.00 6.80
C PRO B 248 20.67 33.02 5.80
N ALA B 249 20.39 31.74 6.01
CA ALA B 249 21.02 30.70 5.22
C ALA B 249 20.17 29.45 5.23
N SER B 250 20.44 28.57 4.27
CA SER B 250 20.00 27.19 4.32
C SER B 250 21.19 26.30 3.98
N GLY B 251 20.97 25.00 3.81
CA GLY B 251 22.07 24.14 3.46
C GLY B 251 21.69 22.68 3.50
N LEU B 252 22.68 21.85 3.14
CA LEU B 252 22.53 20.41 3.10
C LEU B 252 23.61 19.78 3.98
N GLY B 253 23.20 18.97 4.94
CA GLY B 253 24.14 18.15 5.68
C GLY B 253 24.25 16.79 5.03
N ILE B 254 25.45 16.43 4.56
CA ILE B 254 25.67 15.23 3.76
C ILE B 254 26.44 14.22 4.59
N LYS B 255 25.95 12.99 4.61
CA LYS B 255 26.61 11.88 5.31
C LYS B 255 27.10 10.85 4.30
N LEU B 256 28.26 10.26 4.59
CA LEU B 256 28.90 9.33 3.68
C LEU B 256 28.25 7.95 3.78
N ALA B 257 27.87 7.40 2.63
CA ALA B 257 27.31 6.06 2.60
C ALA B 257 28.33 5.05 3.11
N THR B 258 27.85 4.04 3.83
CA THR B 258 28.72 3.02 4.40
C THR B 258 29.54 2.36 3.31
N GLY B 259 30.87 2.47 3.42
CA GLY B 259 31.77 1.88 2.47
C GLY B 259 32.18 2.76 1.30
N ALA B 260 31.58 3.95 1.18
CA ALA B 260 31.96 4.84 0.09
C ALA B 260 33.27 5.54 0.42
N ASN B 261 33.90 6.09 -0.62
CA ASN B 261 35.15 6.83 -0.49
C ASN B 261 34.83 8.28 -0.16
N ALA B 262 35.34 8.76 0.97
CA ALA B 262 35.01 10.11 1.43
C ALA B 262 35.52 11.18 0.46
N LEU B 263 36.74 11.02 -0.04
CA LEU B 263 37.30 12.02 -0.95
C LEU B 263 36.58 12.01 -2.29
N ASP B 264 36.37 10.82 -2.86
CA ASP B 264 35.70 10.73 -4.15
C ASP B 264 34.27 11.26 -4.06
N THR B 265 33.58 10.98 -2.96
CA THR B 265 32.21 11.45 -2.81
C THR B 265 32.14 12.97 -2.71
N ALA B 266 33.06 13.58 -1.96
CA ALA B 266 33.07 15.03 -1.85
C ALA B 266 33.32 15.68 -3.20
N ALA B 267 34.24 15.12 -4.00
CA ALA B 267 34.53 15.68 -5.32
C ALA B 267 33.32 15.55 -6.24
N ALA B 268 32.61 14.42 -6.17
CA ALA B 268 31.41 14.27 -6.97
C ALA B 268 30.34 15.27 -6.57
N ILE B 269 30.22 15.53 -5.26
CA ILE B 269 29.28 16.55 -4.79
C ILE B 269 29.67 17.92 -5.33
N ARG B 270 30.96 18.24 -5.30
CA ARG B 270 31.41 19.54 -5.80
C ARG B 270 31.14 19.68 -7.29
N ALA B 271 31.36 18.62 -8.05
CA ALA B 271 31.07 18.66 -9.49
C ALA B 271 29.58 18.83 -9.76
N GLU B 272 28.73 18.24 -8.92
CA GLU B 272 27.29 18.42 -9.09
C GLU B 272 26.89 19.85 -8.78
N LEU B 273 27.48 20.45 -7.75
CA LEU B 273 27.16 21.83 -7.41
C LEU B 273 27.60 22.79 -8.52
N ALA B 274 28.73 22.50 -9.16
CA ALA B 274 29.21 23.36 -10.24
C ALA B 274 28.22 23.39 -11.40
N LYS B 275 27.47 22.31 -11.61
CA LYS B 275 26.45 22.30 -12.66
C LYS B 275 25.28 23.22 -12.31
N MET B 276 24.99 23.39 -11.02
CA MET B 276 23.82 24.16 -10.63
C MET B 276 24.09 25.65 -10.54
N GLU B 277 25.31 26.05 -10.22
CA GLU B 277 25.61 27.46 -9.96
C GLU B 277 25.24 28.41 -11.10
N PRO B 278 25.51 28.10 -12.38
CA PRO B 278 25.19 29.09 -13.44
C PRO B 278 23.72 29.45 -13.52
N PHE B 279 22.83 28.69 -12.90
CA PHE B 279 21.40 28.92 -12.98
C PHE B 279 20.80 29.44 -11.68
N PHE B 280 21.63 29.67 -10.67
CA PHE B 280 21.16 30.28 -9.43
C PHE B 280 20.50 31.63 -9.72
N PRO B 281 19.48 32.00 -8.95
CA PRO B 281 18.98 33.38 -9.00
C PRO B 281 20.04 34.34 -8.48
N SER B 282 19.83 35.62 -8.78
CA SER B 282 20.82 36.63 -8.43
C SER B 282 21.01 36.71 -6.92
N GLY B 283 22.28 36.74 -6.49
CA GLY B 283 22.62 36.84 -5.10
C GLY B 283 22.92 35.51 -4.42
N LEU B 284 22.40 34.41 -4.95
CA LEU B 284 22.58 33.11 -4.31
C LEU B 284 24.01 32.63 -4.49
N LYS B 285 24.62 32.18 -3.39
CA LYS B 285 26.01 31.76 -3.37
C LYS B 285 26.17 30.53 -2.49
N ILE B 286 27.01 29.61 -2.94
CA ILE B 286 27.37 28.44 -2.15
C ILE B 286 28.53 28.79 -1.24
N VAL B 287 28.41 28.46 0.04
CA VAL B 287 29.53 28.50 0.96
C VAL B 287 29.75 27.09 1.49
N TYR B 288 30.97 26.83 1.96
CA TYR B 288 31.38 25.50 2.41
C TYR B 288 31.83 25.62 3.87
N PRO B 289 30.89 25.57 4.82
CA PRO B 289 31.23 25.85 6.21
C PRO B 289 31.73 24.67 7.02
N TYR B 290 31.79 23.47 6.43
CA TYR B 290 32.17 22.28 7.20
C TYR B 290 32.67 21.23 6.22
N ASP B 291 33.98 21.05 6.15
CA ASP B 291 34.62 20.05 5.30
C ASP B 291 35.52 19.19 6.17
N THR B 292 35.21 17.91 6.27
CA THR B 292 36.04 16.98 7.01
C THR B 292 37.11 16.38 6.11
N ASP B 309 45.80 20.24 11.62
CA ASP B 309 44.72 19.62 12.37
C ASP B 309 43.49 19.42 11.50
N GLN B 310 42.33 19.24 12.15
CA GLN B 310 41.09 19.02 11.42
C GLN B 310 40.68 20.26 10.63
N GLY B 311 40.83 21.43 11.23
CA GLY B 311 40.33 22.66 10.63
C GLY B 311 38.87 22.94 10.88
N VAL B 312 38.12 21.97 11.41
CA VAL B 312 36.69 22.12 11.68
C VAL B 312 36.37 21.46 13.01
N PHE B 313 35.22 21.84 13.57
CA PHE B 313 34.64 21.15 14.71
C PHE B 313 33.19 21.59 14.83
N MET B 314 32.46 20.93 15.74
CA MET B 314 31.06 21.21 15.97
C MET B 314 30.84 21.67 17.40
N THR B 315 29.68 22.28 17.62
CA THR B 315 29.23 22.64 18.96
C THR B 315 27.76 22.30 19.06
N MET B 316 27.39 21.51 20.06
CA MET B 316 26.01 21.11 20.24
C MET B 316 25.36 21.91 21.35
N VAL B 317 24.07 22.18 21.16
CA VAL B 317 23.27 22.97 22.09
C VAL B 317 22.05 22.15 22.44
N GLN B 318 21.85 21.89 23.72
CA GLN B 318 20.70 21.11 24.19
C GLN B 318 20.09 21.84 25.38
N LEU B 319 18.91 22.39 25.18
CA LEU B 319 18.12 23.00 26.22
C LEU B 319 17.19 21.96 26.83
N PRO B 320 16.66 22.21 28.03
CA PRO B 320 15.70 21.25 28.61
C PRO B 320 14.48 21.11 27.72
N ALA B 321 13.93 19.90 27.69
CA ALA B 321 12.71 19.65 26.93
C ALA B 321 11.60 20.59 27.41
N GLY B 322 10.91 21.20 26.45
CA GLY B 322 9.95 22.24 26.71
C GLY B 322 10.38 23.62 26.26
N ALA B 323 11.67 23.80 26.00
CA ALA B 323 12.17 25.10 25.55
C ALA B 323 11.68 25.40 24.14
N THR B 324 11.39 26.67 23.88
CA THR B 324 10.89 27.07 22.58
C THR B 324 12.03 27.31 21.60
N GLN B 325 11.66 27.45 20.33
CA GLN B 325 12.63 27.79 19.30
C GLN B 325 13.28 29.15 19.57
N GLU B 326 12.49 30.11 20.08
CA GLU B 326 13.02 31.44 20.37
C GLU B 326 14.11 31.39 21.43
N ARG B 327 13.92 30.55 22.46
CA ARG B 327 14.91 30.49 23.54
C ARG B 327 16.17 29.73 23.10
N THR B 328 16.00 28.67 22.30
CA THR B 328 17.18 28.01 21.74
C THR B 328 17.97 28.97 20.86
N GLN B 329 17.27 29.83 20.11
CA GLN B 329 17.96 30.79 19.25
C GLN B 329 18.82 31.75 20.05
N LYS B 330 18.37 32.13 21.24
CA LYS B 330 19.18 33.01 22.09
C LYS B 330 20.48 32.34 22.50
N VAL B 331 20.43 31.04 22.79
CA VAL B 331 21.63 30.32 23.18
C VAL B 331 22.58 30.16 21.99
N LEU B 332 22.02 29.87 20.81
CA LEU B 332 22.85 29.80 19.61
C LEU B 332 23.51 31.13 19.30
N ASN B 333 22.82 32.23 19.60
CA ASN B 333 23.38 33.55 19.32
C ASN B 333 24.64 33.80 20.15
N GLU B 334 24.63 33.37 21.42
CA GLU B 334 25.81 33.55 22.25
C GLU B 334 26.93 32.61 21.87
N VAL B 335 26.60 31.40 21.42
CA VAL B 335 27.62 30.48 20.90
C VAL B 335 28.27 31.09 19.66
N THR B 336 27.46 31.56 18.71
CA THR B 336 27.99 32.20 17.52
C THR B 336 28.79 33.44 17.87
N HIS B 337 28.25 34.27 18.78
CA HIS B 337 28.92 35.50 19.17
C HIS B 337 30.32 35.25 19.69
N TYR B 338 30.50 34.17 20.46
CA TYR B 338 31.81 33.86 21.03
C TYR B 338 32.82 33.55 19.93
N TYR B 339 32.43 32.73 18.95
CA TYR B 339 33.34 32.41 17.86
C TYR B 339 33.61 33.62 16.97
N LEU B 340 32.62 34.50 16.80
CA LEU B 340 32.77 35.64 15.92
C LEU B 340 33.47 36.84 16.57
N THR B 341 33.62 36.84 17.90
CA THR B 341 34.34 37.90 18.60
C THR B 341 35.59 37.35 19.28
N LYS B 342 35.43 36.47 20.27
CA LYS B 342 36.57 36.03 21.06
C LYS B 342 37.57 35.24 20.21
N GLU B 343 37.07 34.41 19.29
CA GLU B 343 37.95 33.60 18.44
C GLU B 343 38.03 34.16 17.02
N LYS B 344 37.83 35.48 16.88
CA LYS B 344 37.97 36.20 15.61
C LYS B 344 39.12 35.70 14.76
N ASN B 345 40.32 35.66 15.32
CA ASN B 345 41.53 35.39 14.55
C ASN B 345 41.68 33.92 14.16
N ASN B 346 40.89 33.02 14.74
CA ASN B 346 40.98 31.60 14.44
C ASN B 346 39.83 31.06 13.61
N VAL B 347 38.65 31.66 13.71
CA VAL B 347 37.43 31.11 13.13
C VAL B 347 37.16 31.77 11.78
N GLU B 348 37.00 30.94 10.75
CA GLU B 348 36.62 31.44 9.44
C GLU B 348 35.11 31.67 9.35
N SER B 349 34.32 30.71 9.82
CA SER B 349 32.88 30.80 9.69
C SER B 349 32.19 29.97 10.77
N VAL B 350 30.93 30.29 10.99
CA VAL B 350 30.04 29.53 11.86
C VAL B 350 28.74 29.31 11.10
N PHE B 351 28.36 28.06 10.90
CA PHE B 351 27.06 27.70 10.33
C PHE B 351 26.24 27.09 11.45
N ALA B 352 25.23 27.82 11.91
CA ALA B 352 24.43 27.44 13.07
C ALA B 352 23.03 27.04 12.63
N VAL B 353 22.53 25.94 13.18
CA VAL B 353 21.23 25.39 12.83
C VAL B 353 20.41 25.27 14.10
N ASN B 354 19.25 25.92 14.12
CA ASN B 354 18.30 25.85 15.23
C ASN B 354 17.22 24.84 14.88
N GLY B 355 16.96 23.91 15.80
CA GLY B 355 15.95 22.89 15.61
C GLY B 355 16.50 21.54 15.21
N PHE B 356 17.80 21.45 14.94
CA PHE B 356 18.46 20.20 14.59
C PHE B 356 19.63 20.00 15.54
N GLY B 357 19.72 18.81 16.13
CA GLY B 357 20.73 18.55 17.14
C GLY B 357 21.60 17.37 16.76
N PHE B 358 22.73 17.26 17.47
CA PHE B 358 23.66 16.15 17.28
C PHE B 358 22.93 14.81 17.31
N ALA B 359 21.94 14.68 18.17
CA ALA B 359 21.11 13.47 18.26
C ALA B 359 19.65 13.91 18.25
N GLY B 360 18.98 13.72 17.12
CA GLY B 360 17.57 13.99 17.04
C GLY B 360 17.22 15.36 16.49
N ARG B 361 15.99 15.78 16.77
CA ARG B 361 15.39 16.97 16.17
C ARG B 361 14.38 17.52 17.16
N GLY B 362 14.37 18.85 17.32
CA GLY B 362 13.43 19.47 18.24
C GLY B 362 13.65 20.95 18.50
N GLN B 363 12.60 21.63 18.99
CA GLN B 363 12.67 23.06 19.28
C GLN B 363 13.70 23.40 20.34
N ASN B 364 14.21 22.42 21.07
CA ASN B 364 15.10 22.65 22.20
C ASN B 364 16.53 22.21 21.92
N THR B 365 16.90 22.07 20.66
CA THR B 365 18.24 21.61 20.31
C THR B 365 18.77 22.41 19.13
N GLY B 366 20.09 22.43 19.02
CA GLY B 366 20.75 23.18 17.97
C GLY B 366 22.17 22.69 17.80
N ILE B 367 22.79 23.13 16.70
CA ILE B 367 24.14 22.73 16.37
C ILE B 367 24.80 23.87 15.59
N ALA B 368 26.12 24.00 15.76
CA ALA B 368 26.91 24.98 15.03
C ALA B 368 28.16 24.29 14.49
N PHE B 369 28.35 24.38 13.18
CA PHE B 369 29.57 23.90 12.53
C PHE B 369 30.55 25.06 12.42
N VAL B 370 31.76 24.87 12.95
CA VAL B 370 32.77 25.91 12.98
C VAL B 370 33.90 25.53 12.04
N SER B 371 34.29 26.47 11.18
CA SER B 371 35.40 26.29 10.25
C SER B 371 36.52 27.25 10.64
N LEU B 372 37.74 26.72 10.76
CA LEU B 372 38.87 27.52 11.17
C LEU B 372 39.59 28.10 9.96
N LYS B 373 40.20 29.27 10.16
CA LYS B 373 41.08 29.83 9.16
C LYS B 373 42.25 28.88 8.89
N ASP B 374 43.01 29.19 7.85
CA ASP B 374 44.05 28.27 7.41
C ASP B 374 45.03 27.97 8.53
N TRP B 375 45.45 26.71 8.60
CA TRP B 375 46.38 26.24 9.63
C TRP B 375 47.63 27.10 9.69
N ALA B 376 48.08 27.63 8.55
CA ALA B 376 49.28 28.46 8.54
C ALA B 376 49.03 29.81 9.21
N ASP B 377 47.79 30.28 9.22
CA ASP B 377 47.44 31.54 9.86
C ASP B 377 47.07 31.39 11.33
N ARG B 378 47.17 30.18 11.88
CA ARG B 378 46.88 29.92 13.29
C ARG B 378 48.12 29.33 13.97
N PRO B 379 49.22 30.07 14.03
CA PRO B 379 50.44 29.50 14.62
C PRO B 379 50.34 29.45 16.13
N GLY B 380 51.04 28.49 16.71
CA GLY B 380 51.01 28.30 18.15
C GLY B 380 50.07 27.18 18.55
N GLU B 381 50.45 26.47 19.61
CA GLU B 381 49.65 25.32 20.05
C GLU B 381 48.31 25.75 20.63
N GLU B 382 48.22 26.96 21.16
CA GLU B 382 46.96 27.46 21.71
C GLU B 382 45.95 27.84 20.64
N ASN B 383 46.35 27.87 19.36
CA ASN B 383 45.46 28.21 18.27
C ASN B 383 45.14 27.02 17.38
N LYS B 384 45.31 25.80 17.89
CA LYS B 384 44.95 24.59 17.18
C LYS B 384 43.58 24.10 17.65
N VAL B 385 43.01 23.14 16.90
CA VAL B 385 41.64 22.70 17.15
C VAL B 385 41.45 22.27 18.59
N GLU B 386 42.39 21.49 19.12
CA GLU B 386 42.22 20.92 20.45
C GLU B 386 42.14 22.01 21.51
N ALA B 387 43.06 22.98 21.47
CA ALA B 387 43.04 24.05 22.45
C ALA B 387 41.82 24.96 22.29
N ILE B 388 41.37 25.17 21.05
CA ILE B 388 40.23 26.04 20.81
C ILE B 388 38.95 25.42 21.33
N THR B 389 38.72 24.14 21.03
CA THR B 389 37.48 23.49 21.42
C THR B 389 37.34 23.41 22.93
N MET B 390 38.45 23.18 23.65
CA MET B 390 38.34 23.07 25.09
C MET B 390 38.13 24.45 25.73
N ARG B 391 38.80 25.47 25.19
CA ARG B 391 38.52 26.84 25.65
C ARG B 391 37.04 27.19 25.44
N ALA B 392 36.47 26.75 24.32
CA ALA B 392 35.06 27.02 24.05
C ALA B 392 34.17 26.28 25.03
N THR B 393 34.46 25.01 25.28
CA THR B 393 33.66 24.24 26.24
C THR B 393 33.68 24.89 27.62
N ARG B 394 34.85 25.37 28.05
CA ARG B 394 34.93 26.05 29.35
C ARG B 394 34.12 27.34 29.35
N ALA B 395 34.21 28.12 28.26
CA ALA B 395 33.46 29.37 28.19
C ALA B 395 31.96 29.11 28.16
N PHE B 396 31.53 28.10 27.42
CA PHE B 396 30.12 27.75 27.34
C PHE B 396 29.61 27.01 28.57
N SER B 397 30.50 26.52 29.43
CA SER B 397 30.07 25.83 30.64
C SER B 397 29.41 26.77 31.64
N GLN B 398 29.62 28.08 31.50
CA GLN B 398 28.94 29.07 32.31
C GLN B 398 27.63 29.55 31.69
N ILE B 399 26.98 28.69 30.91
CA ILE B 399 25.69 29.02 30.30
C ILE B 399 24.60 28.31 31.09
N LYS B 400 23.56 29.05 31.47
CA LYS B 400 22.54 28.57 32.38
C LYS B 400 21.43 27.85 31.64
N ASP B 401 21.13 26.63 32.09
CA ASP B 401 20.08 25.79 31.51
C ASP B 401 20.27 25.63 29.99
N ALA B 402 21.37 24.94 29.68
CA ALA B 402 21.71 24.49 28.34
C ALA B 402 23.02 23.73 28.42
N MET B 403 23.07 22.52 27.87
CA MET B 403 24.33 21.80 27.72
C MET B 403 24.97 22.24 26.41
N VAL B 404 26.17 22.81 26.51
CA VAL B 404 26.86 23.36 25.34
C VAL B 404 28.32 22.93 25.41
N PHE B 405 28.78 22.17 24.42
CA PHE B 405 30.20 21.86 24.32
C PHE B 405 30.59 21.63 22.88
N ALA B 406 31.87 21.87 22.60
CA ALA B 406 32.45 21.70 21.28
C ALA B 406 33.27 20.43 21.24
N PHE B 407 33.27 19.76 20.08
CA PHE B 407 33.84 18.43 19.95
C PHE B 407 34.18 18.19 18.48
N ASN B 408 34.78 17.04 18.21
CA ASN B 408 35.15 16.65 16.85
C ASN B 408 34.49 15.33 16.49
N LEU B 409 34.45 15.06 15.18
CA LEU B 409 33.78 13.89 14.63
C LEU B 409 34.21 13.67 13.18
N PRO B 410 34.91 12.58 12.88
CA PRO B 410 35.33 12.35 11.48
C PRO B 410 34.17 11.93 10.61
N ALA B 411 34.42 11.94 9.29
CA ALA B 411 33.40 11.51 8.34
C ALA B 411 33.03 10.04 8.54
N ILE B 412 33.91 9.24 9.13
CA ILE B 412 33.63 7.83 9.40
C ILE B 412 33.93 7.54 10.87
N THR B 419 35.39 8.63 25.49
CA THR B 419 34.66 7.38 25.45
C THR B 419 34.68 6.67 26.81
N GLY B 420 33.50 6.38 27.35
CA GLY B 420 33.37 5.70 28.61
C GLY B 420 32.62 4.38 28.49
N PHE B 421 31.32 4.39 28.81
CA PHE B 421 30.49 3.21 28.62
C PHE B 421 29.10 3.63 28.17
N ASP B 422 28.40 2.67 27.55
CA ASP B 422 27.07 2.90 26.98
C ASP B 422 26.13 1.81 27.51
N PHE B 423 25.15 2.22 28.31
CA PHE B 423 24.34 1.33 29.13
C PHE B 423 22.87 1.50 28.80
N GLU B 424 22.15 0.39 28.69
CA GLU B 424 20.72 0.38 28.39
C GLU B 424 19.96 -0.24 29.55
N LEU B 425 18.99 0.49 30.09
CA LEU B 425 18.05 -0.04 31.07
C LEU B 425 16.79 -0.50 30.35
N ILE B 426 16.37 -1.74 30.58
CA ILE B 426 15.39 -2.40 29.73
C ILE B 426 14.19 -2.84 30.57
N ASP B 427 12.98 -2.53 30.08
CA ASP B 427 11.73 -2.97 30.67
C ASP B 427 11.44 -4.39 30.17
N GLN B 428 11.63 -5.38 31.03
CA GLN B 428 11.54 -6.79 30.65
C GLN B 428 10.19 -7.43 31.00
N ALA B 429 9.28 -6.70 31.64
CA ALA B 429 8.06 -7.33 32.14
C ALA B 429 6.83 -6.44 31.97
N GLY B 430 6.85 -5.55 30.99
CA GLY B 430 5.71 -4.67 30.76
C GLY B 430 5.47 -3.66 31.86
N LEU B 431 6.54 -3.20 32.52
CA LEU B 431 6.37 -2.31 33.67
C LEU B 431 5.78 -0.97 33.26
N GLY B 432 6.18 -0.44 32.11
CA GLY B 432 5.68 0.84 31.64
C GLY B 432 6.68 1.96 31.87
N HIS B 433 6.35 3.11 31.28
CA HIS B 433 7.29 4.23 31.24
C HIS B 433 7.55 4.79 32.63
N GLU B 434 6.48 5.04 33.40
CA GLU B 434 6.64 5.63 34.72
C GLU B 434 7.54 4.76 35.60
N LYS B 435 7.29 3.45 35.63
CA LYS B 435 8.07 2.56 36.47
C LYS B 435 9.51 2.47 35.99
N LEU B 436 9.73 2.48 34.67
CA LEU B 436 11.09 2.46 34.15
C LEU B 436 11.84 3.73 34.51
N THR B 437 11.16 4.88 34.45
CA THR B 437 11.79 6.14 34.89
C THR B 437 12.22 6.04 36.35
N GLN B 438 11.35 5.52 37.21
CA GLN B 438 11.69 5.39 38.63
C GLN B 438 12.89 4.50 38.83
N ALA B 439 12.94 3.36 38.13
CA ALA B 439 14.10 2.48 38.23
C ALA B 439 15.36 3.17 37.70
N ARG B 440 15.22 3.98 36.64
CA ARG B 440 16.37 4.73 36.14
C ARG B 440 16.87 5.71 37.19
N ASN B 441 15.97 6.47 37.80
CA ASN B 441 16.36 7.44 38.82
C ASN B 441 17.00 6.74 40.02
N GLN B 442 16.47 5.58 40.40
CA GLN B 442 17.05 4.83 41.51
C GLN B 442 18.49 4.42 41.21
N LEU B 443 18.74 3.96 39.97
CA LEU B 443 20.10 3.60 39.59
C LEU B 443 20.99 4.84 39.44
N LEU B 444 20.42 5.96 38.99
CA LEU B 444 21.21 7.18 38.84
C LEU B 444 21.65 7.71 40.20
N ALA B 445 20.79 7.61 41.22
CA ALA B 445 21.16 8.08 42.55
C ALA B 445 22.19 7.16 43.20
N GLU B 446 22.14 5.86 42.90
CA GLU B 446 23.12 4.94 43.46
C GLU B 446 24.50 5.16 42.84
N ALA B 447 24.55 5.43 41.54
CA ALA B 447 25.82 5.68 40.89
C ALA B 447 26.46 6.97 41.37
N ALA B 448 25.64 7.96 41.77
CA ALA B 448 26.18 9.21 42.29
C ALA B 448 26.86 9.01 43.64
N LYS B 449 26.46 7.99 44.39
CA LYS B 449 27.06 7.67 45.68
C LYS B 449 28.36 6.87 45.54
N HIS B 450 28.91 6.75 44.34
CA HIS B 450 30.21 6.12 44.13
C HIS B 450 31.09 7.03 43.27
N PRO B 451 31.36 8.26 43.72
CA PRO B 451 32.16 9.19 42.90
C PRO B 451 33.59 8.74 42.72
N ASP B 452 34.08 7.79 43.52
CA ASP B 452 35.42 7.27 43.37
C ASP B 452 35.55 6.33 42.18
N MET B 453 34.44 5.85 41.64
CA MET B 453 34.45 4.89 40.53
C MET B 453 33.75 5.40 39.29
N LEU B 454 32.58 6.03 39.41
CA LEU B 454 31.79 6.46 38.28
C LEU B 454 31.69 7.98 38.26
N THR B 455 31.75 8.55 37.07
CA THR B 455 31.63 9.98 36.88
C THR B 455 30.64 10.28 35.75
N SER B 456 29.78 11.28 35.99
CA SER B 456 28.87 11.80 34.97
C SER B 456 27.88 10.76 34.47
N VAL B 457 27.46 9.85 35.35
CA VAL B 457 26.41 8.89 35.00
C VAL B 457 25.11 9.67 34.80
N ARG B 458 24.64 9.71 33.56
CA ARG B 458 23.52 10.56 33.18
C ARG B 458 22.67 9.86 32.14
N PRO B 459 21.40 10.22 32.02
CA PRO B 459 20.58 9.69 30.93
C PRO B 459 20.90 10.38 29.60
N ASN B 460 20.85 9.61 28.53
CA ASN B 460 21.06 10.16 27.19
C ASN B 460 19.80 10.79 26.63
N GLY B 461 18.64 10.47 27.19
CA GLY B 461 17.36 10.89 26.64
C GLY B 461 16.81 12.15 27.27
N LEU B 462 15.51 12.33 27.12
CA LEU B 462 14.81 13.53 27.56
C LEU B 462 13.87 13.22 28.71
N GLU B 463 13.57 14.25 29.49
CA GLU B 463 12.70 14.13 30.65
C GLU B 463 11.25 14.40 30.27
N ASP B 464 10.34 13.79 31.02
CA ASP B 464 8.92 14.06 30.83
C ASP B 464 8.64 15.54 30.98
N THR B 465 7.62 16.02 30.26
CA THR B 465 7.25 17.42 30.25
C THR B 465 5.75 17.55 30.31
N PRO B 466 5.24 18.70 30.73
CA PRO B 466 3.78 18.90 30.74
C PRO B 466 3.21 18.77 29.33
N GLN B 467 2.12 18.00 29.23
CA GLN B 467 1.34 17.91 28.01
C GLN B 467 -0.12 18.20 28.34
N PHE B 468 -0.86 18.57 27.31
CA PHE B 468 -2.25 19.00 27.43
C PHE B 468 -3.15 17.82 27.07
N LYS B 469 -3.75 17.21 28.09
CA LYS B 469 -4.61 16.04 27.91
C LYS B 469 -6.05 16.51 27.75
N ILE B 470 -6.62 16.30 26.57
CA ILE B 470 -8.01 16.64 26.29
C ILE B 470 -8.80 15.36 26.15
N ASP B 471 -9.95 15.30 26.82
CA ASP B 471 -10.83 14.14 26.82
C ASP B 471 -12.10 14.48 26.08
N ILE B 472 -12.38 13.73 25.01
CA ILE B 472 -13.64 13.88 24.29
C ILE B 472 -14.70 13.06 25.01
N ASP B 473 -15.83 13.69 25.34
CA ASP B 473 -16.93 13.00 26.00
C ASP B 473 -17.79 12.34 24.93
N GLN B 474 -17.71 11.02 24.84
CA GLN B 474 -18.43 10.29 23.79
C GLN B 474 -19.94 10.44 23.94
N GLU B 475 -20.44 10.50 25.18
CA GLU B 475 -21.87 10.63 25.39
C GLU B 475 -22.39 11.97 24.88
N LYS B 476 -21.71 13.05 25.24
CA LYS B 476 -22.16 14.38 24.81
C LYS B 476 -22.08 14.52 23.30
N ALA B 477 -21.01 14.00 22.68
CA ALA B 477 -20.89 14.09 21.23
C ALA B 477 -22.04 13.37 20.54
N GLN B 478 -22.37 12.16 21.00
CA GLN B 478 -23.47 11.42 20.39
C GLN B 478 -24.81 12.09 20.69
N ALA B 479 -24.97 12.64 21.89
CA ALA B 479 -26.22 13.32 22.23
C ALA B 479 -26.48 14.53 21.34
N LEU B 480 -25.41 15.21 20.90
CA LEU B 480 -25.55 16.35 20.01
C LEU B 480 -25.51 15.98 18.54
N GLY B 481 -25.16 14.73 18.22
CA GLY B 481 -25.02 14.34 16.83
C GLY B 481 -23.74 14.82 16.18
N VAL B 482 -22.67 14.95 16.96
CA VAL B 482 -21.37 15.36 16.45
C VAL B 482 -20.50 14.12 16.28
N SER B 483 -20.00 13.90 15.07
CA SER B 483 -19.22 12.71 14.78
C SER B 483 -17.83 12.81 15.39
N ILE B 484 -17.40 11.73 16.07
CA ILE B 484 -16.09 11.77 16.73
C ILE B 484 -14.97 11.86 15.70
N ASN B 485 -15.20 11.36 14.48
CA ASN B 485 -14.20 11.54 13.43
C ASN B 485 -14.06 13.00 13.04
N ASP B 486 -15.19 13.72 12.93
CA ASP B 486 -15.13 15.16 12.68
C ASP B 486 -14.40 15.89 13.79
N ILE B 487 -14.56 15.43 15.04
CA ILE B 487 -13.92 16.07 16.17
C ILE B 487 -12.41 15.89 16.10
N ASN B 488 -11.95 14.64 15.94
CA ASN B 488 -10.52 14.38 15.96
C ASN B 488 -9.84 14.92 14.70
N THR B 489 -10.54 14.96 13.57
CA THR B 489 -9.98 15.60 12.39
C THR B 489 -9.84 17.11 12.60
N THR B 490 -10.89 17.74 13.15
CA THR B 490 -10.84 19.18 13.42
C THR B 490 -9.71 19.51 14.38
N LEU B 491 -9.58 18.72 15.46
CA LEU B 491 -8.51 18.95 16.43
C LEU B 491 -7.14 18.77 15.79
N GLY B 492 -6.94 17.65 15.09
CA GLY B 492 -5.62 17.35 14.54
C GLY B 492 -5.23 18.28 13.40
N ALA B 493 -6.16 18.56 12.50
CA ALA B 493 -5.84 19.44 11.38
C ALA B 493 -5.54 20.85 11.86
N ALA B 494 -6.29 21.35 12.85
CA ALA B 494 -6.09 22.71 13.32
C ALA B 494 -4.80 22.84 14.10
N TRP B 495 -4.56 21.95 15.06
CA TRP B 495 -3.43 22.11 15.97
C TRP B 495 -2.19 21.34 15.55
N GLY B 496 -2.31 20.36 14.67
CA GLY B 496 -1.15 19.59 14.24
C GLY B 496 -0.82 19.75 12.77
N GLY B 497 -1.81 20.16 11.99
CA GLY B 497 -1.61 20.22 10.56
C GLY B 497 -1.92 18.90 9.88
N SER B 498 -2.40 18.98 8.65
CA SER B 498 -2.75 17.80 7.87
C SER B 498 -2.26 17.95 6.44
N TYR B 499 -1.52 16.93 5.98
CA TYR B 499 -1.11 16.82 4.58
C TYR B 499 -2.32 16.40 3.75
N VAL B 500 -2.80 17.31 2.90
CA VAL B 500 -4.05 17.07 2.17
C VAL B 500 -3.78 16.32 0.88
N ASN B 501 -3.03 16.92 -0.03
CA ASN B 501 -2.61 16.30 -1.29
C ASN B 501 -1.47 17.12 -1.86
N ASP B 502 -1.15 16.89 -3.12
CA ASP B 502 -0.03 17.56 -3.78
C ASP B 502 -0.51 18.62 -4.76
N PHE B 503 0.38 19.58 -5.02
CA PHE B 503 0.17 20.57 -6.07
C PHE B 503 1.48 20.74 -6.82
N ILE B 504 1.50 21.67 -7.78
CA ILE B 504 2.67 21.90 -8.63
C ILE B 504 3.13 23.33 -8.41
N ASP B 505 4.32 23.50 -7.85
CA ASP B 505 4.90 24.82 -7.59
C ASP B 505 6.04 25.02 -8.57
N ARG B 506 5.82 25.86 -9.58
CA ARG B 506 6.81 26.16 -10.61
C ARG B 506 7.34 24.87 -11.23
N GLY B 507 6.42 23.98 -11.57
CA GLY B 507 6.75 22.75 -12.26
C GLY B 507 7.15 21.57 -11.40
N ARG B 508 7.21 21.73 -10.08
CA ARG B 508 7.67 20.67 -9.19
C ARG B 508 6.56 20.26 -8.22
N VAL B 509 6.37 18.95 -8.07
CA VAL B 509 5.37 18.42 -7.15
C VAL B 509 5.75 18.76 -5.71
N LYS B 510 4.83 19.38 -4.99
CA LYS B 510 5.02 19.71 -3.58
C LYS B 510 3.70 19.45 -2.83
N LYS B 511 3.75 19.61 -1.51
CA LYS B 511 2.65 19.23 -0.64
C LYS B 511 1.72 20.39 -0.35
N VAL B 512 0.49 20.06 0.06
CA VAL B 512 -0.50 21.03 0.52
C VAL B 512 -0.84 20.68 1.96
N TYR B 513 -0.76 21.68 2.85
CA TYR B 513 -1.07 21.50 4.26
C TYR B 513 -2.15 22.47 4.70
N VAL B 514 -3.08 21.98 5.51
CA VAL B 514 -4.01 22.83 6.24
C VAL B 514 -3.63 22.79 7.72
N MET B 515 -3.85 23.92 8.39
CA MET B 515 -3.50 24.09 9.79
C MET B 515 -4.07 25.42 10.26
N SER B 516 -4.31 25.53 11.55
CA SER B 516 -4.77 26.79 12.10
C SER B 516 -3.70 27.86 11.94
N GLU B 517 -4.13 29.08 11.62
CA GLU B 517 -3.24 30.22 11.74
C GLU B 517 -2.72 30.31 13.17
N ALA B 518 -1.48 30.75 13.31
CA ALA B 518 -0.75 30.61 14.57
C ALA B 518 -1.55 31.13 15.76
N LYS B 519 -2.19 32.30 15.62
CA LYS B 519 -2.78 32.95 16.78
C LYS B 519 -4.04 32.25 17.29
N TYR B 520 -4.55 31.26 16.58
CA TYR B 520 -5.69 30.48 17.06
C TYR B 520 -5.29 29.11 17.60
N ARG B 521 -4.00 28.87 17.80
CA ARG B 521 -3.53 27.56 18.28
C ARG B 521 -2.37 27.75 19.24
N MET B 522 -2.40 28.80 20.06
CA MET B 522 -1.30 29.08 20.98
C MET B 522 -1.62 28.76 22.44
N LEU B 523 -2.87 28.93 22.87
CA LEU B 523 -3.22 28.85 24.28
C LEU B 523 -4.38 27.90 24.51
N PRO B 524 -4.49 27.33 25.73
CA PRO B 524 -5.59 26.39 26.00
C PRO B 524 -6.97 26.97 25.75
N ASP B 525 -7.16 28.26 26.03
CA ASP B 525 -8.46 28.89 25.79
C ASP B 525 -8.86 28.80 24.32
N ASP B 526 -7.88 28.70 23.42
CA ASP B 526 -8.19 28.67 22.00
C ASP B 526 -8.93 27.40 21.61
N ILE B 527 -8.80 26.34 22.40
CA ILE B 527 -9.54 25.10 22.14
C ILE B 527 -11.02 25.39 21.95
N GLY B 528 -11.58 26.25 22.78
CA GLY B 528 -12.99 26.56 22.73
C GLY B 528 -13.46 27.40 21.57
N ASP B 529 -12.53 27.93 20.76
CA ASP B 529 -12.90 28.74 19.60
C ASP B 529 -13.16 27.90 18.37
N TRP B 530 -12.98 26.57 18.44
CA TRP B 530 -13.15 25.70 17.29
C TRP B 530 -14.50 25.01 17.37
N TYR B 531 -15.24 25.07 16.27
CA TYR B 531 -16.59 24.53 16.20
C TYR B 531 -16.65 23.37 15.21
N VAL B 532 -17.48 22.38 15.53
CA VAL B 532 -17.74 21.24 14.67
C VAL B 532 -19.23 21.22 14.37
N ARG B 533 -19.58 20.83 13.14
CA ARG B 533 -20.97 20.83 12.71
C ARG B 533 -21.63 19.50 13.06
N ALA B 534 -22.79 19.57 13.70
CA ALA B 534 -23.53 18.38 14.07
C ALA B 534 -24.38 17.89 12.89
N ALA B 535 -24.94 16.69 13.07
CA ALA B 535 -25.78 16.11 12.02
C ALA B 535 -26.94 17.02 11.65
N ASP B 536 -27.50 17.71 12.65
CA ASP B 536 -28.63 18.60 12.41
C ASP B 536 -28.21 19.95 11.83
N GLY B 537 -26.93 20.14 11.51
CA GLY B 537 -26.46 21.37 10.92
C GLY B 537 -26.04 22.45 11.90
N GLN B 538 -26.14 22.20 13.19
CA GLN B 538 -25.75 23.18 14.19
C GLN B 538 -24.26 23.11 14.48
N MET B 539 -23.67 24.27 14.77
CA MET B 539 -22.27 24.36 15.13
C MET B 539 -22.11 24.19 16.64
N VAL B 540 -21.17 23.35 17.03
CA VAL B 540 -20.95 22.98 18.43
C VAL B 540 -19.51 23.31 18.79
N PRO B 541 -19.25 24.14 19.80
CA PRO B 541 -17.87 24.42 20.19
C PRO B 541 -17.25 23.24 20.92
N PHE B 542 -15.92 23.20 20.91
CA PHE B 542 -15.19 22.11 21.54
C PHE B 542 -15.45 22.04 23.04
N SER B 543 -15.76 23.17 23.67
CA SER B 543 -16.03 23.20 25.10
C SER B 543 -17.27 22.42 25.47
N ALA B 544 -18.21 22.25 24.53
CA ALA B 544 -19.46 21.57 24.85
C ALA B 544 -19.29 20.06 24.99
N PHE B 545 -18.21 19.48 24.44
CA PHE B 545 -18.07 18.03 24.51
C PHE B 545 -16.67 17.58 24.93
N SER B 546 -15.88 18.44 25.57
CA SER B 546 -14.52 18.08 25.93
C SER B 546 -14.15 18.71 27.26
N SER B 547 -13.16 18.10 27.92
CA SER B 547 -12.58 18.60 29.15
C SER B 547 -11.08 18.35 29.09
N SER B 548 -10.31 19.09 29.88
CA SER B 548 -8.87 19.01 29.75
C SER B 548 -8.17 19.25 31.08
N ARG B 549 -6.94 18.73 31.17
CA ARG B 549 -6.11 18.82 32.35
C ARG B 549 -4.66 18.72 31.92
N TRP B 550 -3.76 19.23 32.75
CA TRP B 550 -2.33 19.07 32.53
C TRP B 550 -1.86 17.73 33.09
N GLU B 551 -0.90 17.11 32.41
CA GLU B 551 -0.28 15.88 32.89
C GLU B 551 1.13 15.83 32.33
N TYR B 552 1.88 14.82 32.75
CA TYR B 552 3.26 14.64 32.31
C TYR B 552 3.39 13.43 31.40
N GLY B 553 4.22 13.56 30.37
CA GLY B 553 4.45 12.51 29.40
C GLY B 553 5.78 12.71 28.73
N SER B 554 6.18 11.71 27.96
CA SER B 554 7.52 11.68 27.39
C SER B 554 7.56 12.42 26.07
N PRO B 555 8.54 13.31 25.85
CA PRO B 555 8.78 13.84 24.50
C PRO B 555 9.62 12.93 23.62
N ARG B 556 10.23 11.88 24.20
CA ARG B 556 11.00 10.93 23.41
C ARG B 556 11.04 9.59 24.13
N LEU B 557 10.47 8.58 23.50
CA LEU B 557 10.45 7.22 24.03
C LEU B 557 11.51 6.39 23.32
N GLU B 558 12.30 5.66 24.10
CA GLU B 558 13.38 4.84 23.57
C GLU B 558 13.02 3.36 23.69
N ARG B 559 13.55 2.56 22.76
CA ARG B 559 13.43 1.11 22.80
C ARG B 559 14.75 0.49 22.40
N TYR B 560 15.03 -0.69 22.93
CA TYR B 560 16.25 -1.43 22.63
C TYR B 560 15.91 -2.90 22.46
N ASN B 561 16.22 -3.44 21.28
CA ASN B 561 15.86 -4.81 20.93
C ASN B 561 14.38 -5.08 21.17
N GLY B 562 13.54 -4.10 20.81
CA GLY B 562 12.10 -4.27 20.81
C GLY B 562 11.40 -4.02 22.13
N LEU B 563 12.14 -3.71 23.20
CA LEU B 563 11.55 -3.47 24.50
C LEU B 563 11.78 -2.02 24.94
N PRO B 564 10.89 -1.46 25.76
CA PRO B 564 11.13 -0.10 26.27
C PRO B 564 12.46 -0.01 26.99
N SER B 565 13.14 1.12 26.79
CA SER B 565 14.51 1.22 27.27
C SER B 565 14.85 2.67 27.59
N MET B 566 15.98 2.84 28.30
CA MET B 566 16.48 4.16 28.65
C MET B 566 18.00 4.08 28.64
N GLU B 567 18.63 4.79 27.70
CA GLU B 567 20.08 4.78 27.57
C GLU B 567 20.72 5.63 28.67
N ILE B 568 21.81 5.12 29.23
CA ILE B 568 22.54 5.80 30.30
C ILE B 568 24.01 5.85 29.93
N LEU B 569 24.60 7.04 29.99
CA LEU B 569 26.00 7.26 29.68
C LEU B 569 26.78 7.50 30.96
N GLY B 570 28.08 7.26 30.90
CA GLY B 570 28.95 7.48 32.05
C GLY B 570 30.37 7.10 31.71
N GLN B 571 31.26 7.36 32.65
CA GLN B 571 32.68 7.10 32.44
C GLN B 571 33.34 6.70 33.76
N ALA B 572 34.43 5.96 33.63
CA ALA B 572 35.20 5.57 34.82
C ALA B 572 35.83 6.79 35.46
N ALA B 573 35.88 6.80 36.79
CA ALA B 573 36.50 7.89 37.52
C ALA B 573 38.00 7.91 37.23
N PRO B 574 38.67 9.04 37.51
CA PRO B 574 40.12 9.11 37.29
C PRO B 574 40.85 8.01 38.04
N GLY B 575 41.84 7.42 37.37
CA GLY B 575 42.59 6.33 37.95
C GLY B 575 41.79 5.07 38.17
N LYS B 576 40.83 4.79 37.30
CA LYS B 576 40.01 3.59 37.38
C LYS B 576 39.75 3.08 35.97
N SER B 577 39.77 1.76 35.80
CA SER B 577 39.63 1.16 34.49
C SER B 577 38.17 1.14 34.06
N THR B 578 37.97 1.06 32.74
CA THR B 578 36.61 1.02 32.19
C THR B 578 35.89 -0.26 32.60
N GLY B 579 36.60 -1.39 32.57
CA GLY B 579 36.01 -2.63 33.02
C GLY B 579 35.61 -2.61 34.48
N GLU B 580 36.36 -1.88 35.31
CA GLU B 580 35.98 -1.75 36.72
C GLU B 580 34.71 -0.94 36.87
N ALA B 581 34.57 0.16 36.13
CA ALA B 581 33.35 0.96 36.18
C ALA B 581 32.15 0.15 35.70
N MET B 582 32.33 -0.64 34.65
CA MET B 582 31.23 -1.46 34.16
C MET B 582 30.87 -2.56 35.15
N GLU B 583 31.85 -3.07 35.91
CA GLU B 583 31.55 -4.05 36.94
C GLU B 583 30.62 -3.48 38.01
N LEU B 584 30.88 -2.23 38.43
CA LEU B 584 30.02 -1.60 39.43
C LEU B 584 28.61 -1.36 38.88
N MET B 585 28.52 -0.93 37.62
CA MET B 585 27.22 -0.68 37.02
C MET B 585 26.37 -1.96 36.98
N GLU B 586 27.00 -3.09 36.69
CA GLU B 586 26.27 -4.35 36.67
C GLU B 586 25.79 -4.73 38.06
N GLN B 587 26.64 -4.59 39.07
CA GLN B 587 26.22 -4.89 40.44
C GLN B 587 25.13 -3.94 40.90
N LEU B 588 25.25 -2.66 40.53
CA LEU B 588 24.21 -1.69 40.87
C LEU B 588 22.87 -2.06 40.23
N ALA B 589 22.91 -2.55 38.98
CA ALA B 589 21.68 -2.85 38.27
C ALA B 589 20.99 -4.09 38.82
N SER B 590 21.75 -5.01 39.42
CA SER B 590 21.17 -6.25 39.93
C SER B 590 20.23 -6.02 41.11
N LYS B 591 20.32 -4.88 41.77
CA LYS B 591 19.47 -4.55 42.90
C LYS B 591 18.32 -3.63 42.53
N LEU B 592 17.95 -3.60 41.25
CA LEU B 592 16.87 -2.77 40.74
C LEU B 592 15.53 -3.50 40.86
N PRO B 593 14.42 -2.78 40.76
CA PRO B 593 13.11 -3.44 40.92
C PRO B 593 12.90 -4.60 39.96
N THR B 594 11.97 -5.48 40.34
CA THR B 594 11.70 -6.69 39.59
C THR B 594 11.20 -6.38 38.19
N GLY B 595 11.77 -7.06 37.20
CA GLY B 595 11.38 -6.87 35.82
C GLY B 595 12.20 -5.85 35.07
N VAL B 596 13.21 -5.27 35.70
CA VAL B 596 14.11 -4.32 35.05
C VAL B 596 15.41 -5.04 34.72
N GLY B 597 15.72 -5.17 33.43
CA GLY B 597 16.98 -5.69 32.99
C GLY B 597 17.91 -4.60 32.47
N TYR B 598 18.99 -5.04 31.83
CA TYR B 598 19.94 -4.10 31.27
C TYR B 598 20.74 -4.78 30.17
N ASP B 599 21.51 -3.98 29.43
CA ASP B 599 22.38 -4.48 28.38
C ASP B 599 23.42 -3.43 28.05
N TRP B 600 24.59 -3.90 27.63
CA TRP B 600 25.65 -3.03 27.13
C TRP B 600 25.50 -2.89 25.62
N THR B 601 25.79 -1.69 25.10
CA THR B 601 25.62 -1.41 23.69
C THR B 601 26.70 -0.44 23.24
N GLY B 602 26.78 -0.26 21.92
CA GLY B 602 27.70 0.72 21.36
C GLY B 602 29.14 0.42 21.72
N MET B 603 29.80 1.42 22.30
CA MET B 603 31.21 1.28 22.67
C MET B 603 31.41 0.15 23.67
N SER B 604 30.40 -0.14 24.50
CA SER B 604 30.51 -1.16 25.54
C SER B 604 30.12 -2.55 25.06
N TYR B 605 29.80 -2.72 23.78
CA TYR B 605 29.43 -4.03 23.27
C TYR B 605 30.67 -4.86 22.96
N SER C 1 30.23 -3.70 -23.03
CA SER C 1 30.58 -2.31 -23.28
C SER C 1 29.48 -1.36 -22.83
N ALA C 2 28.24 -1.65 -23.25
CA ALA C 2 27.12 -0.78 -22.94
C ALA C 2 26.93 -0.67 -21.44
N PRO C 3 26.70 0.53 -20.91
CA PRO C 3 26.50 0.68 -19.47
C PRO C 3 25.22 -0.01 -19.04
N PRO C 4 25.18 -0.59 -17.85
CA PRO C 4 23.94 -1.23 -17.38
C PRO C 4 22.86 -0.19 -17.17
N ALA C 5 21.63 -0.59 -17.46
CA ALA C 5 20.49 0.31 -17.33
C ALA C 5 19.31 -0.45 -16.72
N VAL C 6 18.57 0.23 -15.86
CA VAL C 6 17.36 -0.30 -15.26
C VAL C 6 16.20 0.61 -15.64
N THR C 7 15.08 0.01 -16.02
CA THR C 7 13.92 0.75 -16.50
C THR C 7 12.72 0.51 -15.59
N ILE C 8 12.09 1.60 -15.14
CA ILE C 8 10.85 1.54 -14.38
C ILE C 8 9.70 1.85 -15.34
N SER C 9 8.68 0.99 -15.34
CA SER C 9 7.54 1.16 -16.22
C SER C 9 6.26 1.18 -15.40
N ALA C 10 5.39 2.15 -15.67
CA ALA C 10 4.13 2.26 -14.96
C ALA C 10 3.04 2.69 -15.92
N SER C 11 1.78 2.44 -15.52
CA SER C 11 0.64 2.65 -16.39
C SER C 11 -0.47 3.34 -15.61
N TYR C 12 -1.03 4.40 -16.18
CA TYR C 12 -2.17 5.13 -15.62
C TYR C 12 -3.24 5.13 -16.70
N PRO C 13 -4.15 4.14 -16.70
CA PRO C 13 -5.09 4.00 -17.81
C PRO C 13 -5.98 5.22 -17.95
N GLY C 14 -6.03 5.77 -19.17
CA GLY C 14 -6.84 6.92 -19.46
C GLY C 14 -6.22 8.25 -19.11
N ALA C 15 -4.97 8.27 -18.68
CA ALA C 15 -4.32 9.51 -18.26
C ALA C 15 -3.55 10.16 -19.40
N ASP C 16 -3.53 11.49 -19.38
CA ASP C 16 -2.74 12.26 -20.32
C ASP C 16 -1.30 12.37 -19.84
N ALA C 17 -0.44 12.91 -20.72
CA ALA C 17 0.99 12.97 -20.42
C ALA C 17 1.27 13.80 -19.17
N LYS C 18 0.60 14.95 -19.02
CA LYS C 18 0.85 15.81 -17.87
C LYS C 18 0.36 15.16 -16.58
N THR C 19 -0.80 14.50 -16.63
CA THR C 19 -1.30 13.79 -15.46
C THR C 19 -0.34 12.69 -15.02
N VAL C 20 0.22 11.95 -15.98
CA VAL C 20 1.17 10.89 -15.66
C VAL C 20 2.43 11.49 -15.03
N GLN C 21 2.95 12.57 -15.62
CA GLN C 21 4.20 13.13 -15.15
C GLN C 21 4.08 13.68 -13.73
N ASP C 22 2.97 14.32 -13.42
CA ASP C 22 2.84 15.06 -12.17
C ASP C 22 2.28 14.23 -11.02
N THR C 23 1.73 13.04 -11.29
CA THR C 23 1.30 12.14 -10.23
C THR C 23 2.16 10.90 -10.10
N VAL C 24 2.95 10.55 -11.12
CA VAL C 24 3.73 9.33 -11.10
C VAL C 24 5.21 9.65 -11.29
N THR C 25 5.55 10.21 -12.45
CA THR C 25 6.95 10.35 -12.83
C THR C 25 7.73 11.21 -11.85
N GLN C 26 7.22 12.41 -11.55
CA GLN C 26 7.90 13.28 -10.59
C GLN C 26 8.01 12.64 -9.22
N VAL C 27 6.96 11.94 -8.80
CA VAL C 27 6.98 11.31 -7.48
C VAL C 27 8.04 10.23 -7.41
N ILE C 28 8.16 9.42 -8.47
CA ILE C 28 9.17 8.36 -8.48
C ILE C 28 10.57 8.95 -8.56
N GLU C 29 10.77 9.93 -9.43
CA GLU C 29 12.09 10.53 -9.58
C GLU C 29 12.59 11.12 -8.26
N GLN C 30 11.69 11.79 -7.53
CA GLN C 30 12.07 12.39 -6.25
C GLN C 30 12.47 11.34 -5.21
N ASN C 31 12.21 10.06 -5.45
CA ASN C 31 12.55 9.01 -4.50
C ASN C 31 13.71 8.13 -4.97
N MET C 32 14.42 8.52 -6.03
CA MET C 32 15.52 7.75 -6.57
C MET C 32 16.86 8.12 -5.93
N ASN C 33 16.87 8.31 -4.62
CA ASN C 33 18.06 8.68 -3.88
C ASN C 33 18.69 7.46 -3.21
N GLY C 34 19.94 7.62 -2.79
CA GLY C 34 20.64 6.55 -2.09
C GLY C 34 20.97 5.34 -2.93
N ILE C 35 20.99 5.49 -4.25
CA ILE C 35 21.29 4.40 -5.16
C ILE C 35 22.73 4.55 -5.64
N ASP C 36 23.49 3.47 -5.58
CA ASP C 36 24.91 3.51 -5.91
C ASP C 36 25.15 3.54 -7.41
N ASN C 37 26.17 4.28 -7.82
CA ASN C 37 26.77 4.19 -9.16
C ASN C 37 25.83 4.70 -10.26
N LEU C 38 24.94 5.62 -9.92
CA LEU C 38 24.03 6.19 -10.91
C LEU C 38 24.76 7.24 -11.74
N MET C 39 24.71 7.08 -13.06
CA MET C 39 25.30 8.07 -13.96
C MET C 39 24.30 9.16 -14.32
N TYR C 40 23.13 8.78 -14.84
CA TYR C 40 22.06 9.74 -15.10
C TYR C 40 20.74 8.99 -15.15
N MET C 41 19.67 9.78 -15.19
CA MET C 41 18.30 9.28 -15.15
C MET C 41 17.50 10.07 -16.18
N SER C 42 16.66 9.38 -16.94
CA SER C 42 15.82 10.02 -17.93
C SER C 42 14.46 9.33 -17.95
N SER C 43 13.44 10.07 -18.37
CA SER C 43 12.09 9.55 -18.34
C SER C 43 11.23 10.23 -19.40
N ASN C 44 10.16 9.55 -19.77
CA ASN C 44 9.13 10.16 -20.60
C ASN C 44 7.75 9.68 -20.13
N SER C 45 6.79 10.60 -20.18
CA SER C 45 5.41 10.34 -19.82
C SER C 45 4.55 10.76 -21.01
N ASP C 46 3.70 9.86 -21.49
CA ASP C 46 3.00 10.12 -22.75
C ASP C 46 1.49 10.01 -22.58
N SER C 47 0.78 10.32 -23.67
CA SER C 47 -0.67 10.41 -23.69
C SER C 47 -1.35 9.05 -23.70
N THR C 48 -0.61 7.96 -23.84
CA THR C 48 -1.19 6.64 -23.64
C THR C 48 -1.22 6.24 -22.17
N GLY C 49 -0.86 7.16 -21.28
CA GLY C 49 -0.83 6.85 -19.86
C GLY C 49 0.38 6.09 -19.40
N THR C 50 1.46 6.10 -20.18
CA THR C 50 2.65 5.32 -19.89
C THR C 50 3.78 6.24 -19.43
N VAL C 51 4.54 5.77 -18.43
CA VAL C 51 5.79 6.42 -18.04
C VAL C 51 6.88 5.34 -18.03
N GLN C 52 8.04 5.69 -18.59
CA GLN C 52 9.24 4.88 -18.47
C GLN C 52 10.34 5.75 -17.88
N ILE C 53 11.02 5.25 -16.86
CA ILE C 53 12.14 5.93 -16.23
C ILE C 53 13.34 5.01 -16.36
N THR C 54 14.36 5.46 -17.09
CA THR C 54 15.56 4.68 -17.34
C THR C 54 16.70 5.25 -16.50
N LEU C 55 17.30 4.40 -15.67
CA LEU C 55 18.45 4.77 -14.85
C LEU C 55 19.68 4.07 -15.39
N THR C 56 20.68 4.84 -15.78
CA THR C 56 21.90 4.32 -16.38
C THR C 56 23.03 4.40 -15.37
N PHE C 57 23.77 3.30 -15.23
CA PHE C 57 24.79 3.17 -14.20
C PHE C 57 26.18 3.08 -14.82
N GLU C 58 27.19 3.34 -13.99
CA GLU C 58 28.57 3.29 -14.44
C GLU C 58 28.93 1.89 -14.92
N SER C 59 29.80 1.84 -15.92
CA SER C 59 30.29 0.56 -16.42
C SER C 59 30.94 -0.24 -15.29
N GLY C 60 30.66 -1.54 -15.26
CA GLY C 60 31.12 -2.39 -14.20
C GLY C 60 30.17 -2.51 -13.03
N THR C 61 29.08 -1.76 -13.01
CA THR C 61 28.08 -1.89 -11.97
C THR C 61 27.32 -3.20 -12.14
N ASP C 62 27.14 -3.92 -11.04
CA ASP C 62 26.36 -5.16 -11.10
C ASP C 62 24.90 -4.83 -11.37
N ALA C 63 24.40 -5.30 -12.53
CA ALA C 63 23.04 -4.97 -12.93
C ALA C 63 22.01 -5.54 -11.97
N ASP C 64 22.31 -6.69 -11.34
CA ASP C 64 21.41 -7.22 -10.33
C ASP C 64 21.33 -6.31 -9.12
N ILE C 65 22.48 -5.79 -8.66
CA ILE C 65 22.47 -4.87 -7.52
C ILE C 65 21.72 -3.60 -7.87
N ALA C 66 21.97 -3.07 -9.07
CA ALA C 66 21.30 -1.85 -9.51
C ALA C 66 19.79 -2.04 -9.54
N GLN C 67 19.33 -3.15 -10.11
CA GLN C 67 17.89 -3.38 -10.20
C GLN C 67 17.26 -3.49 -8.81
N VAL C 68 17.91 -4.17 -7.88
CA VAL C 68 17.35 -4.36 -6.55
C VAL C 68 17.28 -3.03 -5.81
N GLN C 69 18.34 -2.22 -5.88
CA GLN C 69 18.34 -0.93 -5.20
C GLN C 69 17.27 -0.02 -5.76
N VAL C 70 17.08 -0.01 -7.09
CA VAL C 70 16.05 0.82 -7.70
C VAL C 70 14.67 0.34 -7.28
N GLN C 71 14.45 -0.97 -7.34
CA GLN C 71 13.13 -1.51 -7.04
C GLN C 71 12.74 -1.28 -5.59
N ASN C 72 13.72 -1.35 -4.68
CA ASN C 72 13.43 -1.13 -3.27
C ASN C 72 13.04 0.32 -3.01
N LYS C 73 13.73 1.26 -3.66
CA LYS C 73 13.35 2.66 -3.53
C LYS C 73 11.97 2.91 -4.13
N LEU C 74 11.67 2.27 -5.26
CA LEU C 74 10.35 2.43 -5.87
C LEU C 74 9.25 1.91 -4.96
N GLN C 75 9.47 0.75 -4.33
CA GLN C 75 8.40 0.14 -3.55
C GLN C 75 8.10 0.96 -2.30
N LEU C 76 9.12 1.57 -1.70
CA LEU C 76 8.87 2.46 -0.57
C LEU C 76 8.10 3.71 -1.00
N ALA C 77 8.16 4.07 -2.27
CA ALA C 77 7.39 5.19 -2.79
C ALA C 77 6.02 4.78 -3.31
N MET C 78 5.72 3.48 -3.33
CA MET C 78 4.44 3.00 -3.86
C MET C 78 3.22 3.65 -3.22
N PRO C 79 3.15 3.90 -1.91
CA PRO C 79 1.97 4.57 -1.35
C PRO C 79 1.80 6.01 -1.80
N LEU C 80 2.80 6.61 -2.43
CA LEU C 80 2.69 7.99 -2.91
C LEU C 80 2.05 8.07 -4.29
N LEU C 81 1.83 6.95 -4.95
CA LEU C 81 1.33 6.86 -6.31
C LEU C 81 -0.18 6.65 -6.31
N PRO C 82 -0.87 7.02 -7.40
CA PRO C 82 -2.31 6.81 -7.45
C PRO C 82 -2.67 5.33 -7.41
N GLN C 83 -3.80 5.03 -6.78
CA GLN C 83 -4.26 3.65 -6.66
C GLN C 83 -4.39 2.99 -8.04
N GLU C 84 -4.92 3.72 -9.02
CA GLU C 84 -5.06 3.18 -10.36
C GLU C 84 -3.72 2.78 -10.95
N VAL C 85 -2.64 3.42 -10.53
CA VAL C 85 -1.31 3.08 -11.01
C VAL C 85 -0.77 1.85 -10.28
N GLN C 86 -0.92 1.83 -8.95
CA GLN C 86 -0.50 0.67 -8.18
C GLN C 86 -1.18 -0.61 -8.67
N GLN C 87 -2.46 -0.51 -9.04
CA GLN C 87 -3.20 -1.68 -9.47
C GLN C 87 -2.72 -2.25 -10.80
N GLN C 88 -2.05 -1.44 -11.62
CA GLN C 88 -1.51 -1.95 -12.87
C GLN C 88 -0.17 -2.63 -12.70
N GLY C 89 0.49 -2.45 -11.56
CA GLY C 89 1.83 -2.96 -11.36
C GLY C 89 2.87 -2.03 -11.93
N VAL C 90 3.91 -1.74 -11.15
CA VAL C 90 5.01 -0.90 -11.58
C VAL C 90 6.25 -1.79 -11.64
N SER C 91 6.70 -2.10 -12.85
CA SER C 91 7.79 -3.05 -13.04
C SER C 91 9.13 -2.35 -13.05
N VAL C 92 10.16 -3.07 -12.58
CA VAL C 92 11.53 -2.58 -12.52
C VAL C 92 12.41 -3.71 -13.05
N GLU C 93 12.99 -3.51 -14.24
CA GLU C 93 13.71 -4.58 -14.92
C GLU C 93 15.00 -4.05 -15.51
N LYS C 94 15.99 -4.92 -15.59
CA LYS C 94 17.19 -4.63 -16.36
C LYS C 94 16.81 -4.49 -17.83
N SER C 95 17.25 -3.39 -18.46
CA SER C 95 16.97 -3.11 -19.85
C SER C 95 18.26 -3.30 -20.66
N SER C 96 18.37 -2.59 -21.78
CA SER C 96 19.51 -2.70 -22.70
C SER C 96 19.86 -4.16 -22.97
N SER C 97 18.83 -4.97 -23.18
CA SER C 97 18.99 -6.38 -23.56
C SER C 97 17.86 -6.71 -24.53
N SER C 98 18.19 -6.82 -25.81
CA SER C 98 17.16 -7.14 -26.79
C SER C 98 16.81 -8.62 -26.72
N PHE C 99 15.71 -8.98 -27.38
CA PHE C 99 15.17 -10.33 -27.27
C PHE C 99 16.13 -11.36 -27.83
N LEU C 100 16.16 -12.53 -27.18
CA LEU C 100 16.84 -13.68 -27.77
C LEU C 100 16.15 -14.10 -29.07
N MET C 101 14.82 -14.07 -29.08
CA MET C 101 14.04 -14.38 -30.27
C MET C 101 12.61 -13.88 -30.05
N VAL C 102 11.90 -13.70 -31.15
CA VAL C 102 10.51 -13.28 -31.13
C VAL C 102 9.66 -14.42 -31.69
N VAL C 103 8.67 -14.85 -30.92
CA VAL C 103 7.78 -15.93 -31.30
C VAL C 103 6.42 -15.31 -31.63
N GLY C 104 5.97 -15.47 -32.87
CA GLY C 104 4.68 -14.99 -33.29
C GLY C 104 3.66 -16.11 -33.31
N VAL C 105 2.40 -15.76 -33.04
CA VAL C 105 1.31 -16.72 -33.01
C VAL C 105 0.15 -16.17 -33.84
N ILE C 106 -0.29 -16.95 -34.82
CA ILE C 106 -1.39 -16.60 -35.70
C ILE C 106 -2.38 -17.77 -35.74
N ASN C 107 -3.51 -17.54 -36.39
CA ASN C 107 -4.50 -18.58 -36.65
C ASN C 107 -4.80 -18.58 -38.14
N THR C 108 -4.37 -19.65 -38.83
CA THR C 108 -4.53 -19.71 -40.28
C THR C 108 -5.99 -19.83 -40.71
N ASP C 109 -6.89 -20.21 -39.80
CA ASP C 109 -8.32 -20.30 -40.14
C ASP C 109 -9.01 -18.95 -40.17
N GLY C 110 -8.35 -17.89 -39.72
CA GLY C 110 -8.98 -16.58 -39.70
C GLY C 110 -10.17 -16.46 -38.76
N THR C 111 -10.25 -17.33 -37.76
CA THR C 111 -11.40 -17.37 -36.86
C THR C 111 -11.14 -16.67 -35.53
N MET C 112 -9.92 -16.20 -35.27
CA MET C 112 -9.56 -15.61 -33.98
C MET C 112 -9.08 -14.19 -34.16
N THR C 113 -9.59 -13.28 -33.34
CA THR C 113 -9.04 -11.95 -33.24
C THR C 113 -7.67 -12.00 -32.53
N GLN C 114 -6.99 -10.85 -32.52
CA GLN C 114 -5.71 -10.79 -31.81
C GLN C 114 -5.93 -10.93 -30.30
N GLU C 115 -7.10 -10.52 -29.80
CA GLU C 115 -7.41 -10.69 -28.38
C GLU C 115 -7.58 -12.17 -28.04
N ASP C 116 -8.31 -12.91 -28.87
CA ASP C 116 -8.43 -14.35 -28.67
C ASP C 116 -7.07 -15.02 -28.67
N ILE C 117 -6.19 -14.62 -29.59
CA ILE C 117 -4.87 -15.25 -29.68
C ILE C 117 -4.02 -14.90 -28.47
N SER C 118 -4.05 -13.64 -28.05
CA SER C 118 -3.25 -13.23 -26.89
C SER C 118 -3.66 -13.98 -25.64
N ASP C 119 -4.96 -14.19 -25.45
CA ASP C 119 -5.43 -14.91 -24.27
C ASP C 119 -4.99 -16.37 -24.30
N TYR C 120 -4.92 -16.99 -25.48
CA TYR C 120 -4.43 -18.36 -25.55
C TYR C 120 -2.94 -18.41 -25.21
N VAL C 121 -2.16 -17.46 -25.73
CA VAL C 121 -0.73 -17.43 -25.42
C VAL C 121 -0.52 -17.21 -23.93
N ALA C 122 -1.31 -16.32 -23.32
CA ALA C 122 -1.13 -16.01 -21.90
C ALA C 122 -1.45 -17.22 -21.02
N ALA C 123 -2.53 -17.93 -21.32
CA ALA C 123 -3.03 -18.98 -20.45
C ALA C 123 -2.49 -20.37 -20.79
N ASN C 124 -1.88 -20.56 -21.96
CA ASN C 124 -1.47 -21.89 -22.39
C ASN C 124 -0.04 -21.96 -22.90
N MET C 125 0.66 -20.85 -23.06
CA MET C 125 2.00 -20.93 -23.62
C MET C 125 3.05 -20.19 -22.81
N LYS C 126 2.74 -18.99 -22.30
CA LYS C 126 3.77 -18.11 -21.76
C LYS C 126 4.46 -18.72 -20.54
N ASP C 127 3.69 -19.34 -19.64
CA ASP C 127 4.27 -19.83 -18.40
C ASP C 127 5.20 -21.01 -18.64
N ALA C 128 4.83 -21.93 -19.54
CA ALA C 128 5.73 -23.02 -19.86
C ALA C 128 6.97 -22.52 -20.59
N ILE C 129 6.85 -21.44 -21.36
CA ILE C 129 8.01 -20.88 -22.04
C ILE C 129 8.97 -20.25 -21.02
N SER C 130 8.42 -19.50 -20.07
CA SER C 130 9.26 -18.86 -19.05
C SER C 130 9.94 -19.88 -18.14
N ARG C 131 9.42 -21.10 -18.04
CA ARG C 131 10.04 -22.16 -17.27
C ARG C 131 11.12 -22.92 -18.06
N THR C 132 11.27 -22.63 -19.35
CA THR C 132 12.27 -23.31 -20.15
C THR C 132 13.68 -22.87 -19.75
N SER C 133 14.61 -23.82 -19.74
CA SER C 133 15.97 -23.54 -19.29
C SER C 133 16.63 -22.48 -20.17
N GLY C 134 17.24 -21.50 -19.53
CA GLY C 134 17.88 -20.39 -20.22
C GLY C 134 16.99 -19.19 -20.46
N VAL C 135 15.69 -19.30 -20.21
CA VAL C 135 14.75 -18.23 -20.47
C VAL C 135 14.71 -17.29 -19.27
N GLY C 136 14.85 -16.00 -19.53
CA GLY C 136 14.70 -14.99 -18.49
C GLY C 136 13.31 -14.38 -18.51
N ASP C 137 13.23 -13.10 -18.85
CA ASP C 137 11.94 -12.42 -18.92
C ASP C 137 11.23 -12.74 -20.23
N VAL C 138 9.91 -12.84 -20.16
CA VAL C 138 9.06 -13.08 -21.33
C VAL C 138 7.99 -11.99 -21.34
N GLN C 139 7.90 -11.26 -22.46
CA GLN C 139 6.88 -10.23 -22.62
C GLN C 139 5.80 -10.73 -23.56
N LEU C 140 4.54 -10.57 -23.15
CA LEU C 140 3.39 -10.96 -23.95
C LEU C 140 3.02 -9.81 -24.88
N PHE C 141 2.78 -10.14 -26.15
CA PHE C 141 2.36 -9.16 -27.15
C PHE C 141 0.84 -9.04 -27.15
N GLY C 142 0.34 -8.48 -26.05
CA GLY C 142 -1.09 -8.41 -25.81
C GLY C 142 -1.39 -8.66 -24.35
N SER C 143 -2.59 -9.18 -24.06
CA SER C 143 -2.96 -9.47 -22.68
C SER C 143 -3.87 -10.69 -22.67
N GLN C 144 -4.01 -11.28 -21.48
CA GLN C 144 -5.10 -12.21 -21.29
C GLN C 144 -6.43 -11.45 -21.39
N TYR C 145 -7.52 -12.20 -21.53
CA TYR C 145 -8.84 -11.59 -21.62
C TYR C 145 -9.11 -10.70 -20.43
N ALA C 146 -9.92 -9.69 -20.64
CA ALA C 146 -10.60 -8.96 -19.57
C ALA C 146 -12.09 -9.02 -19.84
N MET C 147 -12.87 -9.04 -18.76
CA MET C 147 -14.31 -8.88 -18.92
C MET C 147 -14.61 -7.43 -19.24
N ARG C 148 -15.13 -7.17 -20.43
CA ARG C 148 -15.36 -5.81 -20.90
C ARG C 148 -16.84 -5.45 -20.75
N ILE C 149 -17.12 -4.41 -19.98
CA ILE C 149 -18.45 -3.85 -19.83
C ILE C 149 -18.49 -2.56 -20.64
N TRP C 150 -19.18 -2.59 -21.78
CA TRP C 150 -19.24 -1.45 -22.70
C TRP C 150 -20.55 -0.70 -22.45
N MET C 151 -20.47 0.46 -21.82
CA MET C 151 -21.65 1.15 -21.31
C MET C 151 -22.37 1.95 -22.39
N ASN C 152 -23.67 2.12 -22.20
CA ASN C 152 -24.53 2.89 -23.10
C ASN C 152 -25.14 4.05 -22.33
N PRO C 153 -24.77 5.30 -22.63
CA PRO C 153 -25.28 6.43 -21.83
C PRO C 153 -26.76 6.67 -22.02
N ASN C 154 -27.33 6.32 -23.17
CA ASN C 154 -28.76 6.49 -23.39
C ASN C 154 -29.57 5.59 -22.46
N GLU C 155 -29.18 4.32 -22.38
CA GLU C 155 -29.87 3.40 -21.49
C GLU C 155 -29.66 3.78 -20.03
N LEU C 156 -28.46 4.24 -19.68
CA LEU C 156 -28.18 4.62 -18.29
C LEU C 156 -29.00 5.82 -17.88
N ASN C 157 -29.14 6.81 -18.76
CA ASN C 157 -29.98 7.96 -18.46
C ASN C 157 -31.45 7.55 -18.32
N LYS C 158 -31.88 6.57 -19.12
CA LYS C 158 -33.28 6.14 -19.08
C LYS C 158 -33.68 5.62 -17.71
N PHE C 159 -32.80 4.85 -17.07
CA PHE C 159 -33.07 4.31 -15.74
C PHE C 159 -32.42 5.12 -14.63
N GLN C 160 -31.98 6.34 -14.94
CA GLN C 160 -31.41 7.27 -13.96
C GLN C 160 -30.18 6.66 -13.27
N LEU C 161 -29.31 6.07 -14.06
CA LEU C 161 -28.08 5.45 -13.56
C LEU C 161 -26.87 6.11 -14.21
N THR C 162 -25.74 6.00 -13.52
CA THR C 162 -24.46 6.55 -13.96
C THR C 162 -23.43 5.44 -13.94
N PRO C 163 -22.26 5.66 -14.56
CA PRO C 163 -21.18 4.67 -14.41
C PRO C 163 -20.79 4.42 -12.96
N VAL C 164 -21.02 5.38 -12.07
CA VAL C 164 -20.77 5.14 -10.64
C VAL C 164 -21.62 3.99 -10.13
N ASP C 165 -22.91 3.97 -10.52
CA ASP C 165 -23.78 2.87 -10.11
C ASP C 165 -23.33 1.55 -10.70
N VAL C 166 -22.85 1.56 -11.95
CA VAL C 166 -22.37 0.34 -12.58
C VAL C 166 -21.15 -0.20 -11.84
N ILE C 167 -20.22 0.68 -11.48
CA ILE C 167 -19.02 0.24 -10.77
C ILE C 167 -19.38 -0.27 -9.39
N THR C 168 -20.30 0.42 -8.71
CA THR C 168 -20.73 -0.02 -7.38
C THR C 168 -21.38 -1.40 -7.45
N ALA C 169 -22.28 -1.60 -8.40
CA ALA C 169 -22.97 -2.88 -8.51
C ALA C 169 -22.02 -4.01 -8.84
N ILE C 170 -21.00 -3.74 -9.66
CA ILE C 170 -20.06 -4.80 -10.02
C ILE C 170 -19.18 -5.18 -8.83
N LYS C 171 -18.77 -4.19 -8.04
CA LYS C 171 -18.01 -4.52 -6.84
C LYS C 171 -18.86 -5.30 -5.83
N ALA C 172 -20.15 -5.01 -5.75
CA ALA C 172 -21.02 -5.68 -4.81
C ALA C 172 -21.43 -7.08 -5.28
N GLN C 173 -21.56 -7.30 -6.58
CA GLN C 173 -22.13 -8.53 -7.09
C GLN C 173 -21.13 -9.42 -7.82
N ASN C 174 -19.91 -8.94 -8.07
CA ASN C 174 -18.80 -9.79 -8.47
C ASN C 174 -17.79 -9.75 -7.33
N ALA C 175 -18.08 -10.52 -6.29
CA ALA C 175 -17.31 -10.43 -5.05
C ALA C 175 -17.03 -11.82 -4.51
N GLN C 176 -15.91 -11.94 -3.80
CA GLN C 176 -15.51 -13.19 -3.15
C GLN C 176 -15.22 -12.87 -1.69
N VAL C 177 -16.08 -13.34 -0.80
CA VAL C 177 -16.16 -12.88 0.58
C VAL C 177 -15.74 -14.00 1.52
N ALA C 178 -14.92 -13.65 2.52
CA ALA C 178 -14.68 -14.55 3.64
C ALA C 178 -15.92 -14.58 4.52
N ALA C 179 -16.48 -15.77 4.73
CA ALA C 179 -17.75 -15.90 5.44
C ALA C 179 -17.67 -16.77 6.69
N GLY C 180 -16.50 -17.28 7.05
CA GLY C 180 -16.37 -18.01 8.30
C GLY C 180 -16.80 -19.46 8.19
N GLN C 181 -17.08 -20.05 9.36
CA GLN C 181 -17.39 -21.47 9.46
C GLN C 181 -18.47 -21.71 10.51
N LEU C 182 -19.19 -22.81 10.33
CA LEU C 182 -19.97 -23.38 11.41
C LEU C 182 -19.06 -24.26 12.27
N GLY C 183 -19.20 -24.16 13.58
CA GLY C 183 -18.41 -24.97 14.48
C GLY C 183 -16.94 -24.64 14.51
N GLY C 184 -16.55 -23.44 14.08
CA GLY C 184 -15.17 -23.04 14.14
C GLY C 184 -14.68 -22.87 15.57
N THR C 185 -13.37 -22.82 15.71
CA THR C 185 -12.80 -22.65 17.04
C THR C 185 -12.87 -21.19 17.48
N PRO C 186 -13.08 -20.92 18.78
CA PRO C 186 -13.36 -21.94 19.80
C PRO C 186 -14.83 -22.37 19.77
N PRO C 187 -15.08 -23.67 19.82
CA PRO C 187 -16.45 -24.16 19.71
C PRO C 187 -17.08 -24.37 21.08
N VAL C 188 -18.38 -24.67 21.06
CA VAL C 188 -19.00 -25.30 22.21
C VAL C 188 -18.53 -26.75 22.25
N LYS C 189 -18.00 -27.17 23.40
CA LYS C 189 -17.53 -28.55 23.54
C LYS C 189 -18.65 -29.52 23.18
N GLY C 190 -18.28 -30.60 22.50
CA GLY C 190 -19.25 -31.54 21.99
C GLY C 190 -19.73 -31.26 20.58
N GLN C 191 -19.22 -30.22 19.93
CA GLN C 191 -19.64 -29.89 18.57
C GLN C 191 -19.16 -30.96 17.60
N GLN C 192 -20.04 -31.36 16.70
CA GLN C 192 -19.73 -32.34 15.66
C GLN C 192 -19.59 -31.72 14.29
N LEU C 193 -20.46 -30.77 13.95
CA LEU C 193 -20.45 -30.14 12.63
C LEU C 193 -19.34 -29.10 12.57
N ASN C 194 -18.46 -29.23 11.58
CA ASN C 194 -17.47 -28.22 11.25
C ASN C 194 -17.45 -28.06 9.74
N ALA C 195 -18.01 -26.96 9.24
CA ALA C 195 -18.12 -26.73 7.81
C ALA C 195 -17.84 -25.27 7.49
N SER C 196 -17.12 -25.04 6.40
CA SER C 196 -16.95 -23.69 5.89
C SER C 196 -18.28 -23.15 5.41
N ILE C 197 -18.46 -21.84 5.57
CA ILE C 197 -19.58 -21.13 4.96
C ILE C 197 -19.10 -20.52 3.65
N ILE C 198 -19.84 -20.78 2.58
CA ILE C 198 -19.53 -20.24 1.25
C ILE C 198 -20.65 -19.26 0.90
N ALA C 199 -20.28 -18.02 0.61
CA ALA C 199 -21.22 -16.98 0.22
C ALA C 199 -20.96 -16.62 -1.24
N GLN C 200 -20.91 -15.34 -1.62
CA GLN C 200 -20.71 -14.99 -3.02
C GLN C 200 -19.34 -15.44 -3.50
N THR C 201 -19.29 -15.80 -4.79
CA THR C 201 -18.04 -16.13 -5.46
C THR C 201 -17.94 -15.28 -6.71
N ARG C 202 -16.71 -15.11 -7.19
CA ARG C 202 -16.48 -14.31 -8.39
C ARG C 202 -17.30 -14.84 -9.55
N LEU C 203 -17.80 -13.93 -10.38
CA LEU C 203 -18.51 -14.33 -11.59
C LEU C 203 -17.52 -14.87 -12.61
N THR C 204 -18.03 -15.68 -13.54
CA THR C 204 -17.17 -16.42 -14.45
C THR C 204 -17.52 -16.25 -15.92
N SER C 205 -18.55 -15.48 -16.27
CA SER C 205 -19.01 -15.47 -17.65
C SER C 205 -19.70 -14.16 -17.95
N THR C 206 -19.79 -13.84 -19.25
CA THR C 206 -20.57 -12.68 -19.68
C THR C 206 -22.03 -12.79 -19.26
N GLU C 207 -22.57 -14.02 -19.25
CA GLU C 207 -23.96 -14.20 -18.83
C GLU C 207 -24.16 -13.80 -17.38
N GLU C 208 -23.24 -14.18 -16.50
CA GLU C 208 -23.39 -13.84 -15.09
C GLU C 208 -23.23 -12.35 -14.87
N PHE C 209 -22.31 -11.70 -15.59
CA PHE C 209 -22.22 -10.24 -15.50
C PHE C 209 -23.48 -9.58 -16.07
N GLY C 210 -24.09 -10.18 -17.09
CA GLY C 210 -25.25 -9.58 -17.71
C GLY C 210 -26.46 -9.49 -16.80
N LYS C 211 -26.56 -10.39 -15.83
CA LYS C 211 -27.70 -10.40 -14.91
C LYS C 211 -27.39 -9.75 -13.57
N ILE C 212 -26.28 -9.02 -13.47
CA ILE C 212 -26.04 -8.17 -12.30
C ILE C 212 -27.19 -7.18 -12.17
N LEU C 213 -27.78 -7.12 -10.98
CA LEU C 213 -28.96 -6.30 -10.73
C LEU C 213 -28.54 -4.88 -10.37
N LEU C 214 -28.88 -3.92 -11.23
CA LEU C 214 -28.56 -2.52 -10.96
C LEU C 214 -29.60 -1.86 -10.06
N LYS C 215 -30.87 -1.98 -10.42
CA LYS C 215 -31.94 -1.40 -9.63
C LYS C 215 -33.24 -2.14 -9.93
N VAL C 216 -34.19 -2.01 -9.01
CA VAL C 216 -35.54 -2.50 -9.20
C VAL C 216 -36.46 -1.29 -9.31
N ASN C 217 -37.11 -1.14 -10.47
CA ASN C 217 -38.06 -0.06 -10.65
C ASN C 217 -39.25 -0.24 -9.72
N GLN C 218 -39.83 0.88 -9.29
CA GLN C 218 -40.90 0.82 -8.30
C GLN C 218 -42.16 0.15 -8.83
N ASP C 219 -42.28 -0.04 -10.15
CA ASP C 219 -43.38 -0.81 -10.70
C ASP C 219 -43.11 -2.31 -10.71
N GLY C 220 -41.93 -2.74 -10.26
CA GLY C 220 -41.60 -4.14 -10.13
C GLY C 220 -40.56 -4.64 -11.12
N SER C 221 -40.28 -3.89 -12.19
CA SER C 221 -39.35 -4.34 -13.20
C SER C 221 -37.91 -4.18 -12.74
N ARG C 222 -37.04 -5.02 -13.29
CA ARG C 222 -35.63 -5.05 -12.93
C ARG C 222 -34.77 -4.48 -14.05
N VAL C 223 -33.73 -3.74 -13.67
CA VAL C 223 -32.73 -3.25 -14.61
C VAL C 223 -31.46 -4.06 -14.38
N LEU C 224 -31.11 -4.90 -15.35
CA LEU C 224 -29.91 -5.70 -15.31
C LEU C 224 -28.78 -5.00 -16.06
N LEU C 225 -27.55 -5.43 -15.79
CA LEU C 225 -26.40 -4.78 -16.42
C LEU C 225 -26.43 -4.93 -17.93
N ARG C 226 -26.94 -6.06 -18.43
CA ARG C 226 -27.07 -6.23 -19.88
C ARG C 226 -28.10 -5.28 -20.49
N ASP C 227 -28.89 -4.59 -19.68
CA ASP C 227 -29.82 -3.60 -20.21
C ASP C 227 -29.16 -2.25 -20.43
N VAL C 228 -27.93 -2.04 -19.97
CA VAL C 228 -27.27 -0.74 -20.09
C VAL C 228 -25.87 -0.92 -20.65
N ALA C 229 -25.50 -2.15 -21.01
CA ALA C 229 -24.15 -2.39 -21.47
C ALA C 229 -24.07 -3.65 -22.29
N LYS C 230 -23.17 -3.64 -23.26
CA LYS C 230 -22.77 -4.85 -23.96
C LYS C 230 -21.57 -5.46 -23.25
N ILE C 231 -21.57 -6.79 -23.13
CA ILE C 231 -20.64 -7.49 -22.27
C ILE C 231 -19.96 -8.59 -23.07
N GLU C 232 -18.63 -8.57 -23.10
CA GLU C 232 -17.86 -9.52 -23.88
C GLU C 232 -16.48 -9.68 -23.27
N LEU C 233 -15.88 -10.84 -23.52
CA LEU C 233 -14.45 -10.98 -23.28
C LEU C 233 -13.68 -10.17 -24.31
N GLY C 234 -12.63 -9.52 -23.88
CA GLY C 234 -11.83 -8.68 -24.76
C GLY C 234 -10.46 -8.46 -24.17
N GLY C 235 -9.76 -7.47 -24.73
CA GLY C 235 -8.45 -7.15 -24.25
C GLY C 235 -8.46 -6.17 -23.08
N GLU C 236 -7.37 -6.18 -22.32
CA GLU C 236 -7.19 -5.14 -21.30
C GLU C 236 -6.91 -3.79 -21.93
N ASN C 237 -6.27 -3.79 -23.11
CA ASN C 237 -5.90 -2.56 -23.80
CA ASN C 237 -5.90 -2.57 -23.80
C ASN C 237 -6.08 -2.75 -25.30
N TYR C 238 -6.39 -1.66 -25.99
CA TYR C 238 -6.62 -1.68 -27.43
C TYR C 238 -5.72 -0.71 -28.18
N ASP C 239 -4.60 -0.29 -27.57
CA ASP C 239 -3.73 0.68 -28.22
C ASP C 239 -2.92 0.06 -29.36
N ILE C 240 -2.62 -1.24 -29.27
CA ILE C 240 -1.71 -1.91 -30.19
C ILE C 240 -2.51 -2.89 -31.05
N ILE C 241 -2.28 -2.82 -32.37
CA ILE C 241 -2.83 -3.79 -33.31
C ILE C 241 -1.65 -4.47 -34.00
N ALA C 242 -1.59 -5.79 -33.87
CA ALA C 242 -0.49 -6.57 -34.43
C ALA C 242 -1.02 -7.44 -35.57
N GLU C 243 -0.31 -7.43 -36.69
CA GLU C 243 -0.65 -8.28 -37.82
C GLU C 243 0.61 -8.97 -38.34
N PHE C 244 0.46 -10.22 -38.76
CA PHE C 244 1.53 -10.99 -39.39
C PHE C 244 1.07 -11.29 -40.81
N ASN C 245 1.72 -10.67 -41.78
CA ASN C 245 1.33 -10.78 -43.19
C ASN C 245 -0.16 -10.50 -43.37
N GLY C 246 -0.66 -9.50 -42.66
CA GLY C 246 -2.05 -9.09 -42.75
C GLY C 246 -2.99 -9.82 -41.81
N GLN C 247 -2.57 -10.97 -41.20
CA GLN C 247 -3.50 -11.67 -40.33
C GLN C 247 -3.28 -11.26 -38.87
N PRO C 248 -4.32 -11.33 -38.04
CA PRO C 248 -4.15 -10.99 -36.62
C PRO C 248 -3.11 -11.88 -35.96
N ALA C 249 -2.32 -11.28 -35.07
CA ALA C 249 -1.23 -12.00 -34.43
C ALA C 249 -1.06 -11.54 -32.99
N SER C 250 -0.46 -12.44 -32.20
CA SER C 250 0.07 -12.11 -30.88
C SER C 250 1.45 -12.75 -30.84
N GLY C 251 1.99 -12.93 -29.65
CA GLY C 251 3.25 -13.66 -29.54
C GLY C 251 3.96 -13.37 -28.23
N LEU C 252 5.25 -13.72 -28.22
CA LEU C 252 6.10 -13.63 -27.04
C LEU C 252 7.44 -13.01 -27.40
N GLY C 253 7.91 -12.11 -26.54
CA GLY C 253 9.28 -11.63 -26.62
C GLY C 253 10.12 -12.27 -25.54
N ILE C 254 11.08 -13.11 -25.93
CA ILE C 254 11.82 -13.95 -25.00
C ILE C 254 13.24 -13.41 -24.85
N LYS C 255 13.65 -13.17 -23.61
CA LYS C 255 14.99 -12.72 -23.28
C LYS C 255 15.80 -13.86 -22.67
N LEU C 256 17.11 -13.82 -22.91
CA LEU C 256 18.01 -14.86 -22.42
C LEU C 256 18.39 -14.58 -20.96
N ALA C 257 18.33 -15.61 -20.12
CA ALA C 257 18.70 -15.48 -18.74
C ALA C 257 20.20 -15.19 -18.61
N THR C 258 20.56 -14.45 -17.56
CA THR C 258 21.95 -14.07 -17.36
C THR C 258 22.81 -15.30 -17.14
N GLY C 259 23.87 -15.42 -17.95
CA GLY C 259 24.77 -16.54 -17.84
C GLY C 259 24.31 -17.82 -18.50
N ALA C 260 23.40 -17.75 -19.45
CA ALA C 260 22.89 -18.91 -20.16
C ALA C 260 23.33 -18.87 -21.62
N ASN C 261 23.38 -20.06 -22.23
CA ASN C 261 23.82 -20.16 -23.62
C ASN C 261 22.68 -19.78 -24.57
N ALA C 262 23.02 -19.01 -25.60
CA ALA C 262 22.00 -18.42 -26.46
C ALA C 262 21.36 -19.47 -27.37
N LEU C 263 22.18 -20.24 -28.09
CA LEU C 263 21.63 -21.20 -29.04
C LEU C 263 21.07 -22.43 -28.35
N ASP C 264 21.66 -22.82 -27.22
CA ASP C 264 21.07 -23.91 -26.44
C ASP C 264 19.66 -23.56 -25.98
N THR C 265 19.46 -22.33 -25.51
CA THR C 265 18.14 -21.90 -25.07
C THR C 265 17.18 -21.78 -26.25
N ALA C 266 17.68 -21.31 -27.40
CA ALA C 266 16.82 -21.19 -28.58
C ALA C 266 16.28 -22.55 -29.01
N ALA C 267 17.10 -23.59 -28.94
CA ALA C 267 16.63 -24.92 -29.28
C ALA C 267 15.66 -25.45 -28.23
N ALA C 268 15.90 -25.11 -26.96
CA ALA C 268 14.99 -25.53 -25.90
C ALA C 268 13.62 -24.87 -26.05
N ILE C 269 13.59 -23.61 -26.47
CA ILE C 269 12.32 -22.93 -26.73
C ILE C 269 11.59 -23.62 -27.87
N ARG C 270 12.28 -23.83 -28.99
CA ARG C 270 11.67 -24.50 -30.13
C ARG C 270 11.20 -25.89 -29.78
N ALA C 271 11.97 -26.59 -28.93
CA ALA C 271 11.55 -27.93 -28.50
C ALA C 271 10.30 -27.85 -27.62
N GLU C 272 10.22 -26.84 -26.76
CA GLU C 272 9.02 -26.67 -25.94
C GLU C 272 7.82 -26.28 -26.80
N LEU C 273 8.04 -25.45 -27.81
CA LEU C 273 6.95 -25.10 -28.73
C LEU C 273 6.47 -26.31 -29.52
N ALA C 274 7.40 -27.20 -29.87
CA ALA C 274 7.01 -28.43 -30.57
C ALA C 274 6.11 -29.30 -29.70
N LYS C 275 6.29 -29.26 -28.38
CA LYS C 275 5.44 -30.05 -27.50
C LYS C 275 4.02 -29.52 -27.48
N MET C 276 3.85 -28.19 -27.57
CA MET C 276 2.53 -27.60 -27.44
C MET C 276 1.68 -27.74 -28.70
N GLU C 277 2.32 -27.83 -29.87
CA GLU C 277 1.58 -27.80 -31.13
C GLU C 277 0.51 -28.88 -31.25
N PRO C 278 0.70 -30.11 -30.78
CA PRO C 278 -0.43 -31.06 -30.80
C PRO C 278 -1.65 -30.58 -30.03
N PHE C 279 -1.48 -29.74 -29.02
CA PHE C 279 -2.59 -29.27 -28.20
C PHE C 279 -3.21 -27.97 -28.71
N PHE C 280 -2.68 -27.40 -29.78
CA PHE C 280 -3.22 -26.15 -30.30
C PHE C 280 -4.65 -26.36 -30.79
N PRO C 281 -5.53 -25.39 -30.62
CA PRO C 281 -6.81 -25.43 -31.33
C PRO C 281 -6.58 -25.28 -32.83
N SER C 282 -7.60 -25.64 -33.59
CA SER C 282 -7.48 -25.64 -35.05
C SER C 282 -7.10 -24.25 -35.57
N GLY C 283 -6.07 -24.20 -36.42
CA GLY C 283 -5.64 -22.99 -37.07
C GLY C 283 -4.44 -22.31 -36.44
N LEU C 284 -4.25 -22.47 -35.14
CA LEU C 284 -3.17 -21.77 -34.45
C LEU C 284 -1.82 -22.28 -34.94
N LYS C 285 -0.94 -21.35 -35.32
CA LYS C 285 0.36 -21.70 -35.88
C LYS C 285 1.43 -20.79 -35.29
N ILE C 286 2.61 -21.36 -35.08
CA ILE C 286 3.76 -20.61 -34.59
C ILE C 286 4.57 -20.10 -35.78
N VAL C 287 4.96 -18.83 -35.73
CA VAL C 287 5.83 -18.22 -36.72
C VAL C 287 6.96 -17.50 -35.99
N TYR C 288 7.99 -17.13 -36.74
CA TYR C 288 9.19 -16.50 -36.20
C TYR C 288 9.50 -15.25 -37.03
N PRO C 289 8.91 -14.11 -36.67
CA PRO C 289 8.98 -12.93 -37.55
C PRO C 289 10.29 -12.18 -37.54
N TYR C 290 11.29 -12.62 -36.78
CA TYR C 290 12.53 -11.85 -36.69
C TYR C 290 13.72 -12.70 -36.26
N ASP C 291 14.15 -13.60 -37.14
CA ASP C 291 15.36 -14.37 -36.88
C ASP C 291 16.59 -13.46 -36.95
N THR C 292 16.95 -12.85 -35.82
CA THR C 292 18.06 -11.91 -35.76
C THR C 292 19.38 -12.57 -36.15
N ASP C 309 24.18 -10.41 -45.36
CA ASP C 309 23.53 -9.44 -44.49
C ASP C 309 22.83 -10.12 -43.32
N GLN C 310 22.08 -9.33 -42.55
CA GLN C 310 21.43 -9.83 -41.34
C GLN C 310 20.18 -10.64 -41.63
N GLY C 311 19.54 -10.41 -42.77
CA GLY C 311 18.34 -11.14 -43.13
C GLY C 311 17.05 -10.55 -42.57
N VAL C 312 17.13 -9.43 -41.84
CA VAL C 312 15.96 -8.76 -41.30
C VAL C 312 16.17 -7.25 -41.40
N PHE C 313 15.07 -6.50 -41.36
CA PHE C 313 15.13 -5.05 -41.28
C PHE C 313 13.78 -4.53 -40.82
N MET C 314 13.72 -3.24 -40.53
CA MET C 314 12.54 -2.59 -39.99
C MET C 314 12.03 -1.52 -40.94
N THR C 315 10.77 -1.14 -40.76
CA THR C 315 10.16 -0.04 -41.50
C THR C 315 9.38 0.84 -40.53
N MET C 316 9.73 2.12 -40.49
CA MET C 316 9.12 3.08 -39.58
C MET C 316 7.92 3.74 -40.23
N VAL C 317 6.90 4.03 -39.42
CA VAL C 317 5.68 4.68 -39.90
C VAL C 317 5.28 5.76 -38.90
N GLN C 318 5.18 7.00 -39.36
CA GLN C 318 4.76 8.12 -38.52
C GLN C 318 3.78 8.98 -39.30
N LEU C 319 2.60 9.20 -38.73
CA LEU C 319 1.53 9.98 -39.31
C LEU C 319 1.42 11.33 -38.61
N PRO C 320 0.71 12.30 -39.20
CA PRO C 320 0.60 13.62 -38.59
C PRO C 320 -0.10 13.57 -37.23
N ALA C 321 -0.01 14.69 -36.52
CA ALA C 321 -0.61 14.80 -35.19
C ALA C 321 -2.12 14.66 -35.27
N GLY C 322 -2.70 13.98 -34.28
CA GLY C 322 -4.13 13.72 -34.24
C GLY C 322 -4.59 12.56 -35.10
N ALA C 323 -3.72 11.98 -35.93
CA ALA C 323 -4.12 10.90 -36.80
C ALA C 323 -4.54 9.67 -36.01
N THR C 324 -5.53 8.95 -36.52
CA THR C 324 -6.14 7.85 -35.80
C THR C 324 -5.48 6.52 -36.09
N GLN C 325 -5.78 5.55 -35.24
CA GLN C 325 -5.30 4.18 -35.40
C GLN C 325 -5.67 3.61 -36.76
N GLU C 326 -6.91 3.88 -37.22
CA GLU C 326 -7.36 3.34 -38.49
C GLU C 326 -6.53 3.89 -39.65
N ARG C 327 -6.15 5.16 -39.58
CA ARG C 327 -5.34 5.74 -40.65
C ARG C 327 -3.93 5.15 -40.64
N THR C 328 -3.35 4.95 -39.46
CA THR C 328 -2.06 4.29 -39.38
C THR C 328 -2.12 2.88 -39.93
N GLN C 329 -3.21 2.16 -39.67
CA GLN C 329 -3.34 0.80 -40.17
C GLN C 329 -3.34 0.77 -41.69
N LYS C 330 -3.97 1.77 -42.33
CA LYS C 330 -3.99 1.81 -43.79
C LYS C 330 -2.57 1.92 -44.35
N VAL C 331 -1.74 2.76 -43.75
CA VAL C 331 -0.36 2.90 -44.21
C VAL C 331 0.42 1.61 -43.97
N LEU C 332 0.26 1.02 -42.79
CA LEU C 332 0.94 -0.24 -42.50
C LEU C 332 0.51 -1.34 -43.46
N ASN C 333 -0.77 -1.36 -43.84
CA ASN C 333 -1.25 -2.36 -44.78
C ASN C 333 -0.62 -2.13 -46.17
N GLU C 334 -0.48 -0.87 -46.57
CA GLU C 334 0.24 -0.58 -47.81
C GLU C 334 1.68 -1.05 -47.73
N VAL C 335 2.34 -0.84 -46.59
CA VAL C 335 3.71 -1.29 -46.40
C VAL C 335 3.79 -2.81 -46.51
N THR C 336 2.88 -3.50 -45.82
CA THR C 336 2.84 -4.96 -45.90
C THR C 336 2.61 -5.43 -47.33
N HIS C 337 1.71 -4.77 -48.05
CA HIS C 337 1.39 -5.19 -49.41
C HIS C 337 2.58 -4.98 -50.35
N TYR C 338 3.30 -3.88 -50.16
CA TYR C 338 4.47 -3.62 -51.00
C TYR C 338 5.53 -4.72 -50.85
N TYR C 339 5.81 -5.11 -49.61
CA TYR C 339 6.86 -6.10 -49.38
C TYR C 339 6.45 -7.48 -49.87
N LEU C 340 5.18 -7.83 -49.76
CA LEU C 340 4.72 -9.16 -50.18
C LEU C 340 4.46 -9.26 -51.67
N THR C 341 4.56 -8.14 -52.41
CA THR C 341 4.41 -8.17 -53.86
C THR C 341 5.67 -7.67 -54.55
N LYS C 342 6.02 -6.39 -54.40
CA LYS C 342 7.22 -5.85 -55.05
C LYS C 342 8.50 -6.52 -54.58
N GLU C 343 8.48 -7.16 -53.41
CA GLU C 343 9.65 -7.87 -52.90
C GLU C 343 9.29 -9.32 -52.53
N LYS C 344 8.34 -9.90 -53.26
CA LYS C 344 7.91 -11.27 -52.98
C LYS C 344 9.04 -12.28 -53.10
N ASN C 345 10.09 -11.96 -53.86
CA ASN C 345 11.21 -12.87 -54.01
C ASN C 345 12.18 -12.82 -52.85
N ASN C 346 12.21 -11.72 -52.11
CA ASN C 346 13.16 -11.52 -51.02
C ASN C 346 12.55 -11.60 -49.64
N VAL C 347 11.32 -11.11 -49.47
CA VAL C 347 10.69 -11.00 -48.16
C VAL C 347 9.88 -12.25 -47.88
N GLU C 348 10.02 -12.78 -46.66
CA GLU C 348 9.19 -13.90 -46.23
C GLU C 348 8.05 -13.48 -45.30
N SER C 349 8.24 -12.44 -44.50
CA SER C 349 7.21 -12.07 -43.53
C SER C 349 7.31 -10.60 -43.18
N VAL C 350 6.16 -10.01 -42.91
CA VAL C 350 6.06 -8.65 -42.38
C VAL C 350 5.22 -8.71 -41.11
N PHE C 351 5.81 -8.28 -40.00
CA PHE C 351 5.10 -8.19 -38.72
C PHE C 351 4.87 -6.71 -38.46
N ALA C 352 3.61 -6.28 -38.60
CA ALA C 352 3.25 -4.87 -38.53
C ALA C 352 2.63 -4.57 -37.17
N VAL C 353 3.15 -3.55 -36.49
CA VAL C 353 2.70 -3.18 -35.15
C VAL C 353 2.16 -1.76 -35.21
N ASN C 354 0.86 -1.61 -34.96
CA ASN C 354 0.17 -0.33 -35.01
C ASN C 354 -0.01 0.18 -33.58
N GLY C 355 0.72 1.24 -33.23
CA GLY C 355 0.54 1.82 -31.91
C GLY C 355 1.81 2.31 -31.23
N PHE C 356 2.97 1.82 -31.66
CA PHE C 356 4.22 2.37 -31.19
C PHE C 356 5.26 2.30 -32.31
N GLY C 357 6.28 3.14 -32.18
CA GLY C 357 7.41 3.14 -33.09
C GLY C 357 8.67 3.43 -32.31
N PHE C 358 9.58 4.20 -32.92
CA PHE C 358 10.79 4.58 -32.21
C PHE C 358 10.63 5.91 -31.46
N ALA C 359 9.95 6.88 -32.06
CA ALA C 359 9.77 8.19 -31.45
C ALA C 359 8.71 8.22 -30.36
N GLY C 360 8.13 7.07 -29.99
CA GLY C 360 7.16 7.02 -28.92
C GLY C 360 5.97 6.17 -29.32
N ARG C 361 4.89 6.33 -28.55
CA ARG C 361 3.65 5.60 -28.74
C ARG C 361 2.55 6.52 -29.24
N GLY C 362 1.39 5.94 -29.52
CA GLY C 362 0.26 6.72 -29.98
C GLY C 362 -0.39 6.16 -31.23
N GLN C 363 -1.64 6.58 -31.49
CA GLN C 363 -2.38 6.06 -32.63
C GLN C 363 -1.74 6.40 -33.96
N ASN C 364 -0.88 7.42 -34.01
CA ASN C 364 -0.28 7.88 -35.26
C ASN C 364 1.13 7.33 -35.47
N THR C 365 1.50 6.27 -34.77
CA THR C 365 2.81 5.65 -34.93
C THR C 365 2.67 4.17 -35.22
N GLY C 366 3.64 3.62 -35.94
CA GLY C 366 3.67 2.22 -36.24
C GLY C 366 5.04 1.80 -36.74
N ILE C 367 5.28 0.50 -36.70
CA ILE C 367 6.57 -0.04 -37.10
C ILE C 367 6.36 -1.45 -37.66
N ALA C 368 7.08 -1.77 -38.72
CA ALA C 368 6.98 -3.06 -39.39
C ALA C 368 8.31 -3.79 -39.29
N PHE C 369 8.24 -5.07 -38.92
CA PHE C 369 9.43 -5.92 -38.82
C PHE C 369 9.41 -6.90 -39.98
N VAL C 370 10.43 -6.83 -40.83
CA VAL C 370 10.51 -7.59 -42.06
C VAL C 370 11.61 -8.63 -41.92
N SER C 371 11.27 -9.88 -42.18
CA SER C 371 12.24 -10.97 -42.23
C SER C 371 12.38 -11.43 -43.67
N LEU C 372 13.61 -11.59 -44.13
CA LEU C 372 13.90 -11.95 -45.50
C LEU C 372 14.13 -13.45 -45.63
N LYS C 373 14.07 -13.92 -46.88
CA LYS C 373 14.47 -15.28 -47.18
C LYS C 373 15.95 -15.47 -46.86
N ASP C 374 16.38 -16.74 -46.86
CA ASP C 374 17.76 -17.07 -46.55
C ASP C 374 18.72 -16.30 -47.45
N TRP C 375 19.76 -15.72 -46.83
CA TRP C 375 20.75 -14.94 -47.57
C TRP C 375 21.32 -15.71 -48.76
N ALA C 376 21.43 -17.03 -48.63
CA ALA C 376 21.96 -17.85 -49.72
C ALA C 376 21.07 -17.81 -50.95
N ASP C 377 19.75 -17.63 -50.76
CA ASP C 377 18.80 -17.65 -51.86
C ASP C 377 18.46 -16.24 -52.36
N ARG C 378 19.21 -15.22 -51.96
CA ARG C 378 19.02 -13.85 -52.44
C ARG C 378 20.29 -13.39 -53.15
N PRO C 379 20.61 -13.96 -54.31
CA PRO C 379 21.86 -13.60 -54.98
C PRO C 379 21.77 -12.22 -55.62
N GLY C 380 22.91 -11.57 -55.70
CA GLY C 380 22.98 -10.26 -56.31
C GLY C 380 22.92 -9.14 -55.29
N GLU C 381 23.62 -8.05 -55.59
CA GLU C 381 23.62 -6.89 -54.69
C GLU C 381 22.23 -6.29 -54.53
N GLU C 382 21.40 -6.39 -55.57
CA GLU C 382 20.07 -5.79 -55.53
C GLU C 382 19.11 -6.51 -54.60
N ASN C 383 19.45 -7.73 -54.17
CA ASN C 383 18.59 -8.50 -53.27
C ASN C 383 19.14 -8.56 -51.85
N LYS C 384 20.04 -7.64 -51.50
CA LYS C 384 20.58 -7.54 -50.16
C LYS C 384 19.83 -6.48 -49.37
N VAL C 385 20.07 -6.48 -48.05
CA VAL C 385 19.27 -5.64 -47.14
C VAL C 385 19.37 -4.17 -47.54
N GLU C 386 20.59 -3.70 -47.85
CA GLU C 386 20.77 -2.28 -48.12
C GLU C 386 20.01 -1.85 -49.38
N ALA C 387 20.07 -2.66 -50.44
CA ALA C 387 19.39 -2.27 -51.67
C ALA C 387 17.88 -2.40 -51.53
N ILE C 388 17.41 -3.40 -50.77
CA ILE C 388 15.97 -3.56 -50.57
C ILE C 388 15.39 -2.36 -49.84
N THR C 389 16.03 -1.96 -48.74
CA THR C 389 15.51 -0.84 -47.96
C THR C 389 15.61 0.49 -48.69
N MET C 390 16.51 0.62 -49.67
CA MET C 390 16.59 1.86 -50.43
C MET C 390 15.45 1.96 -51.43
N ARG C 391 15.12 0.86 -52.10
CA ARG C 391 13.94 0.86 -52.98
C ARG C 391 12.67 1.07 -52.20
N ALA C 392 12.54 0.40 -51.04
CA ALA C 392 11.34 0.55 -50.22
C ALA C 392 11.16 2.00 -49.77
N THR C 393 12.22 2.60 -49.24
CA THR C 393 12.14 4.00 -48.80
C THR C 393 11.79 4.92 -49.98
N ARG C 394 12.39 4.67 -51.14
CA ARG C 394 12.08 5.49 -52.32
C ARG C 394 10.63 5.30 -52.75
N ALA C 395 10.13 4.07 -52.73
CA ALA C 395 8.75 3.82 -53.11
C ALA C 395 7.77 4.40 -52.10
N PHE C 396 8.13 4.40 -50.82
CA PHE C 396 7.24 4.92 -49.78
C PHE C 396 7.24 6.44 -49.71
N SER C 397 8.21 7.11 -50.36
CA SER C 397 8.19 8.56 -50.40
C SER C 397 6.99 9.12 -51.15
N GLN C 398 6.30 8.27 -51.92
CA GLN C 398 5.08 8.69 -52.59
C GLN C 398 3.94 8.89 -51.59
N ILE C 399 3.79 7.95 -50.65
CA ILE C 399 2.69 7.92 -49.70
C ILE C 399 2.53 9.27 -49.03
N LYS C 400 1.34 9.85 -49.16
CA LYS C 400 1.07 11.20 -48.66
C LYS C 400 0.55 11.15 -47.23
N ASP C 401 0.81 12.23 -46.49
CA ASP C 401 0.37 12.37 -45.10
C ASP C 401 0.86 11.20 -44.24
N ALA C 402 2.12 10.82 -44.45
CA ALA C 402 2.79 9.79 -43.66
C ALA C 402 4.26 9.79 -44.00
N MET C 403 5.10 9.65 -42.98
CA MET C 403 6.54 9.48 -43.15
C MET C 403 6.86 8.01 -42.93
N VAL C 404 7.30 7.35 -44.00
CA VAL C 404 7.59 5.91 -43.98
C VAL C 404 9.05 5.71 -44.34
N PHE C 405 9.78 4.97 -43.50
CA PHE C 405 11.22 4.85 -43.64
C PHE C 405 11.65 3.42 -43.34
N ALA C 406 12.40 2.83 -44.27
CA ALA C 406 12.98 1.50 -44.09
C ALA C 406 14.47 1.62 -43.80
N PHE C 407 14.98 0.65 -43.05
CA PHE C 407 16.37 0.67 -42.60
C PHE C 407 16.68 -0.64 -41.88
N ASN C 408 17.96 -0.99 -41.86
CA ASN C 408 18.47 -2.05 -41.01
C ASN C 408 19.07 -1.40 -39.77
N LEU C 409 18.54 -1.77 -38.60
CA LEU C 409 18.82 -1.01 -37.38
C LEU C 409 20.27 -1.16 -36.95
N PRO C 410 20.87 -2.36 -36.97
CA PRO C 410 22.33 -2.42 -36.72
C PRO C 410 23.12 -1.51 -37.64
N ALA C 411 22.71 -1.39 -38.90
CA ALA C 411 23.44 -0.56 -39.84
C ALA C 411 23.25 0.92 -39.56
N ILE C 412 22.15 1.29 -38.89
CA ILE C 412 21.90 2.71 -38.62
C ILE C 412 22.42 3.13 -37.24
N VAL C 413 22.41 2.23 -36.26
CA VAL C 413 22.93 2.58 -34.93
C VAL C 413 24.45 2.77 -35.00
N GLU C 414 25.13 1.95 -35.80
CA GLU C 414 26.57 2.12 -36.00
C GLU C 414 26.85 3.44 -36.68
N ALA C 418 27.85 6.40 -34.84
CA ALA C 418 29.26 6.72 -34.68
C ALA C 418 29.60 8.08 -35.28
N THR C 419 28.56 8.81 -35.71
CA THR C 419 28.74 10.14 -36.27
C THR C 419 27.85 11.19 -35.63
N GLY C 420 26.90 10.81 -34.78
CA GLY C 420 25.95 11.74 -34.21
C GLY C 420 26.22 12.05 -32.75
N PHE C 421 25.46 13.00 -32.23
CA PHE C 421 25.52 13.42 -30.84
C PHE C 421 24.15 13.31 -30.20
N ASP C 422 24.14 13.29 -28.86
CA ASP C 422 22.92 13.11 -28.08
C ASP C 422 22.86 14.23 -27.03
N PHE C 423 21.99 15.20 -27.29
CA PHE C 423 21.95 16.47 -26.57
C PHE C 423 20.68 16.57 -25.75
N GLU C 424 20.79 17.09 -24.53
CA GLU C 424 19.65 17.28 -23.64
C GLU C 424 19.52 18.76 -23.30
N LEU C 425 18.39 19.35 -23.67
CA LEU C 425 18.05 20.72 -23.27
C LEU C 425 17.20 20.67 -22.02
N ILE C 426 17.61 21.40 -20.98
CA ILE C 426 17.10 21.20 -19.63
C ILE C 426 16.53 22.51 -19.09
N ASP C 427 15.34 22.44 -18.52
CA ASP C 427 14.73 23.56 -17.78
C ASP C 427 15.31 23.58 -16.37
N GLN C 428 16.16 24.58 -16.09
CA GLN C 428 16.90 24.65 -14.83
C GLN C 428 16.28 25.60 -13.83
N ALA C 429 15.16 26.26 -14.15
CA ALA C 429 14.65 27.30 -13.27
C ALA C 429 13.13 27.39 -13.29
N GLY C 430 12.45 26.27 -13.45
CA GLY C 430 10.99 26.25 -13.41
C GLY C 430 10.30 27.05 -14.49
N LEU C 431 10.87 27.08 -15.70
CA LEU C 431 10.33 27.93 -16.74
C LEU C 431 9.03 27.38 -17.32
N GLY C 432 8.87 26.06 -17.36
CA GLY C 432 7.68 25.44 -17.91
C GLY C 432 7.88 24.94 -19.32
N HIS C 433 6.92 24.13 -19.77
CA HIS C 433 7.05 23.42 -21.04
C HIS C 433 7.04 24.38 -22.22
N GLU C 434 6.15 25.36 -22.22
CA GLU C 434 6.04 26.27 -23.36
C GLU C 434 7.32 27.07 -23.56
N LYS C 435 7.87 27.62 -22.48
CA LYS C 435 9.11 28.38 -22.59
C LYS C 435 10.28 27.47 -22.95
N LEU C 436 10.26 26.21 -22.52
CA LEU C 436 11.32 25.30 -22.93
C LEU C 436 11.21 24.94 -24.40
N THR C 437 9.98 24.85 -24.93
CA THR C 437 9.80 24.61 -26.35
C THR C 437 10.38 25.76 -27.17
N GLN C 438 10.17 27.00 -26.71
CA GLN C 438 10.72 28.16 -27.40
C GLN C 438 12.24 28.12 -27.43
N ALA C 439 12.85 27.81 -26.28
CA ALA C 439 14.31 27.70 -26.23
C ALA C 439 14.81 26.64 -27.20
N ARG C 440 14.12 25.49 -27.26
CA ARG C 440 14.48 24.47 -28.23
C ARG C 440 14.38 25.00 -29.65
N ASN C 441 13.30 25.71 -29.96
CA ASN C 441 13.12 26.25 -31.30
C ASN C 441 14.22 27.25 -31.66
N GLN C 442 14.63 28.07 -30.69
CA GLN C 442 15.71 29.01 -30.93
C GLN C 442 17.03 28.28 -31.23
N LEU C 443 17.28 27.18 -30.52
CA LEU C 443 18.51 26.43 -30.74
C LEU C 443 18.47 25.70 -32.08
N LEU C 444 17.31 25.15 -32.45
CA LEU C 444 17.20 24.44 -33.72
C LEU C 444 17.25 25.40 -34.90
N ALA C 445 16.71 26.61 -34.75
CA ALA C 445 16.83 27.61 -35.80
C ALA C 445 18.28 28.00 -36.03
N GLU C 446 19.05 28.15 -34.96
CA GLU C 446 20.45 28.51 -35.10
C GLU C 446 21.27 27.36 -35.66
N ALA C 447 21.01 26.13 -35.19
CA ALA C 447 21.73 24.97 -35.71
C ALA C 447 21.59 24.84 -37.22
N ALA C 448 20.44 25.23 -37.77
CA ALA C 448 20.24 25.18 -39.21
C ALA C 448 21.07 26.23 -39.94
N LYS C 449 21.49 27.28 -39.25
CA LYS C 449 22.32 28.31 -39.86
C LYS C 449 23.77 27.90 -40.04
N HIS C 450 24.18 26.77 -39.48
CA HIS C 450 25.52 26.23 -39.65
C HIS C 450 25.46 24.85 -40.31
N PRO C 451 25.00 24.76 -41.56
CA PRO C 451 24.99 23.46 -42.24
C PRO C 451 26.38 22.93 -42.55
N ASP C 452 27.40 23.79 -42.48
CA ASP C 452 28.79 23.38 -42.68
C ASP C 452 29.31 22.50 -41.55
N MET C 453 28.61 22.44 -40.43
CA MET C 453 29.06 21.69 -39.26
C MET C 453 27.99 20.74 -38.71
N LEU C 454 26.73 21.14 -38.73
CA LEU C 454 25.64 20.38 -38.14
C LEU C 454 24.60 20.05 -39.20
N THR C 455 24.26 18.77 -39.31
CA THR C 455 23.19 18.32 -40.19
C THR C 455 22.23 17.44 -39.41
N SER C 456 20.94 17.55 -39.78
CA SER C 456 19.88 16.73 -39.19
C SER C 456 19.76 16.93 -37.68
N VAL C 457 19.77 18.20 -37.26
CA VAL C 457 19.57 18.53 -35.86
C VAL C 457 18.08 18.62 -35.61
N ARG C 458 17.54 17.63 -34.89
CA ARG C 458 16.11 17.43 -34.76
C ARG C 458 15.76 17.01 -33.34
N PRO C 459 14.53 17.29 -32.90
CA PRO C 459 14.08 16.78 -31.60
C PRO C 459 13.77 15.29 -31.68
N ASN C 460 14.20 14.56 -30.67
CA ASN C 460 13.88 13.13 -30.61
C ASN C 460 12.43 12.89 -30.19
N GLY C 461 11.76 13.89 -29.63
CA GLY C 461 10.43 13.73 -29.10
C GLY C 461 9.34 14.15 -30.06
N LEU C 462 8.15 14.41 -29.52
CA LEU C 462 6.97 14.77 -30.28
C LEU C 462 6.61 16.23 -30.04
N GLU C 463 5.87 16.79 -30.99
CA GLU C 463 5.41 18.17 -30.91
C GLU C 463 4.06 18.24 -30.19
N ASP C 464 3.76 19.42 -29.66
CA ASP C 464 2.47 19.67 -29.04
C ASP C 464 1.36 19.48 -30.06
N THR C 465 0.22 18.97 -29.59
CA THR C 465 -0.93 18.64 -30.42
C THR C 465 -2.17 19.25 -29.80
N PRO C 466 -3.24 19.41 -30.59
CA PRO C 466 -4.50 19.89 -30.00
C PRO C 466 -5.04 18.89 -28.98
N GLN C 467 -5.60 19.42 -27.90
CA GLN C 467 -6.29 18.59 -26.92
C GLN C 467 -7.60 19.26 -26.53
N PHE C 468 -8.50 18.44 -26.00
CA PHE C 468 -9.86 18.85 -25.65
C PHE C 468 -9.87 19.17 -24.15
N LYS C 469 -9.88 20.46 -23.83
CA LYS C 469 -9.87 20.94 -22.46
C LYS C 469 -11.30 21.16 -22.00
N ILE C 470 -11.75 20.37 -21.03
CA ILE C 470 -13.09 20.51 -20.47
C ILE C 470 -12.98 21.03 -19.05
N ASP C 471 -13.67 22.13 -18.78
CA ASP C 471 -13.69 22.77 -17.47
C ASP C 471 -15.00 22.45 -16.77
N ILE C 472 -14.92 21.94 -15.55
CA ILE C 472 -16.10 21.73 -14.72
C ILE C 472 -16.35 22.99 -13.92
N ASP C 473 -17.58 23.49 -13.97
CA ASP C 473 -17.98 24.69 -13.23
C ASP C 473 -18.40 24.28 -11.82
N GLN C 474 -17.56 24.61 -10.84
CA GLN C 474 -17.82 24.14 -9.47
C GLN C 474 -19.10 24.74 -8.91
N GLU C 475 -19.39 26.01 -9.25
CA GLU C 475 -20.58 26.64 -8.70
C GLU C 475 -21.85 26.00 -9.24
N LYS C 476 -21.89 25.69 -10.54
CA LYS C 476 -23.08 25.07 -11.11
C LYS C 476 -23.30 23.68 -10.55
N ALA C 477 -22.21 22.92 -10.35
CA ALA C 477 -22.35 21.57 -9.81
C ALA C 477 -22.89 21.60 -8.38
N GLN C 478 -22.47 22.57 -7.58
CA GLN C 478 -22.94 22.65 -6.20
C GLN C 478 -24.37 23.15 -6.12
N ALA C 479 -24.72 24.11 -6.99
CA ALA C 479 -26.10 24.60 -7.01
C ALA C 479 -27.08 23.52 -7.43
N LEU C 480 -26.66 22.62 -8.33
CA LEU C 480 -27.50 21.52 -8.77
C LEU C 480 -27.41 20.30 -7.87
N GLY C 481 -26.48 20.29 -6.91
CA GLY C 481 -26.32 19.12 -6.05
C GLY C 481 -25.59 17.97 -6.69
N VAL C 482 -24.74 18.23 -7.67
CA VAL C 482 -23.98 17.20 -8.36
C VAL C 482 -22.60 17.10 -7.73
N SER C 483 -22.24 15.89 -7.31
CA SER C 483 -20.92 15.68 -6.71
C SER C 483 -19.84 15.73 -7.77
N ILE C 484 -18.76 16.47 -7.47
CA ILE C 484 -17.65 16.56 -8.42
C ILE C 484 -16.99 15.19 -8.61
N ASN C 485 -17.04 14.34 -7.57
CA ASN C 485 -16.47 13.01 -7.69
C ASN C 485 -17.30 12.12 -8.61
N ASP C 486 -18.63 12.29 -8.58
CA ASP C 486 -19.47 11.59 -9.55
C ASP C 486 -19.21 12.10 -10.96
N ILE C 487 -18.97 13.40 -11.11
CA ILE C 487 -18.68 13.98 -12.42
C ILE C 487 -17.39 13.40 -12.98
N ASN C 488 -16.31 13.47 -12.19
CA ASN C 488 -15.01 13.03 -12.67
C ASN C 488 -14.94 11.51 -12.82
N THR C 489 -15.70 10.77 -12.01
CA THR C 489 -15.77 9.33 -12.19
C THR C 489 -16.55 8.98 -13.45
N THR C 490 -17.65 9.70 -13.71
CA THR C 490 -18.41 9.46 -14.93
C THR C 490 -17.58 9.74 -16.17
N LEU C 491 -16.88 10.88 -16.17
CA LEU C 491 -16.04 11.23 -17.32
C LEU C 491 -14.90 10.22 -17.49
N GLY C 492 -14.18 9.95 -16.40
CA GLY C 492 -13.03 9.03 -16.50
C GLY C 492 -13.43 7.63 -16.90
N ALA C 493 -14.44 7.08 -16.23
CA ALA C 493 -14.83 5.69 -16.50
C ALA C 493 -15.38 5.52 -17.91
N ALA C 494 -16.21 6.46 -18.36
CA ALA C 494 -16.81 6.33 -19.69
C ALA C 494 -15.77 6.51 -20.79
N TRP C 495 -14.96 7.56 -20.69
CA TRP C 495 -14.07 7.93 -21.79
C TRP C 495 -12.67 7.35 -21.67
N GLY C 496 -12.20 7.05 -20.47
CA GLY C 496 -10.87 6.49 -20.32
C GLY C 496 -10.89 5.01 -19.93
N GLY C 497 -11.99 4.56 -19.35
CA GLY C 497 -12.10 3.20 -18.86
C GLY C 497 -11.61 3.08 -17.43
N SER C 498 -12.07 2.02 -16.77
CA SER C 498 -11.76 1.83 -15.35
C SER C 498 -11.63 0.35 -15.02
N TYR C 499 -10.52 0.01 -14.36
CA TYR C 499 -10.30 -1.32 -13.81
C TYR C 499 -11.08 -1.43 -12.51
N VAL C 500 -12.14 -2.24 -12.51
CA VAL C 500 -13.06 -2.31 -11.38
C VAL C 500 -12.60 -3.33 -10.35
N ASN C 501 -12.58 -4.61 -10.75
CA ASN C 501 -12.07 -5.68 -9.91
C ASN C 501 -11.75 -6.91 -10.76
N ASP C 502 -11.62 -8.08 -10.14
CA ASP C 502 -11.21 -9.28 -10.83
C ASP C 502 -12.35 -10.29 -10.93
N PHE C 503 -12.23 -11.19 -11.91
CA PHE C 503 -13.16 -12.31 -12.08
C PHE C 503 -12.37 -13.54 -12.47
N ILE C 504 -13.06 -14.67 -12.60
CA ILE C 504 -12.42 -15.97 -12.85
C ILE C 504 -12.90 -16.47 -14.20
N ASP C 505 -11.98 -16.55 -15.16
CA ASP C 505 -12.27 -17.01 -16.51
C ASP C 505 -11.68 -18.41 -16.68
N ARG C 506 -12.56 -19.42 -16.64
CA ARG C 506 -12.16 -20.82 -16.79
C ARG C 506 -11.06 -21.18 -15.79
N GLY C 507 -11.26 -20.76 -14.55
CA GLY C 507 -10.34 -21.08 -13.47
C GLY C 507 -9.16 -20.13 -13.29
N ARG C 508 -9.06 -19.09 -14.12
CA ARG C 508 -7.91 -18.18 -14.08
C ARG C 508 -8.40 -16.77 -13.77
N VAL C 509 -7.74 -16.12 -12.80
CA VAL C 509 -8.12 -14.77 -12.39
C VAL C 509 -7.76 -13.79 -13.49
N LYS C 510 -8.71 -12.91 -13.83
CA LYS C 510 -8.51 -11.91 -14.86
C LYS C 510 -9.23 -10.64 -14.45
N LYS C 511 -9.03 -9.57 -15.21
CA LYS C 511 -9.52 -8.24 -14.85
C LYS C 511 -10.89 -7.95 -15.43
N VAL C 512 -11.61 -7.02 -14.78
CA VAL C 512 -12.89 -6.51 -15.25
C VAL C 512 -12.73 -5.01 -15.52
N TYR C 513 -13.11 -4.59 -16.73
CA TYR C 513 -13.00 -3.19 -17.13
C TYR C 513 -14.36 -2.65 -17.52
N VAL C 514 -14.65 -1.43 -17.07
CA VAL C 514 -15.83 -0.68 -17.46
C VAL C 514 -15.38 0.48 -18.35
N MET C 515 -16.12 0.74 -19.41
CA MET C 515 -15.81 1.81 -20.34
C MET C 515 -17.03 2.02 -21.24
N SER C 516 -17.16 3.22 -21.78
CA SER C 516 -18.24 3.48 -22.71
C SER C 516 -18.03 2.67 -23.99
N GLU C 517 -19.12 2.17 -24.55
CA GLU C 517 -19.09 1.67 -25.92
C GLU C 517 -18.53 2.76 -26.83
N ALA C 518 -17.78 2.33 -27.86
CA ALA C 518 -16.98 3.25 -28.64
C ALA C 518 -17.81 4.41 -29.20
N LYS C 519 -19.01 4.12 -29.69
CA LYS C 519 -19.79 5.11 -30.42
C LYS C 519 -20.28 6.25 -29.54
N TYR C 520 -20.10 6.18 -28.23
CA TYR C 520 -20.54 7.24 -27.33
C TYR C 520 -19.38 8.01 -26.70
N ARG C 521 -18.15 7.78 -27.16
CA ARG C 521 -16.99 8.48 -26.62
C ARG C 521 -16.02 8.86 -27.73
N MET C 522 -16.54 9.28 -28.88
CA MET C 522 -15.69 9.56 -30.03
C MET C 522 -15.44 11.04 -30.28
N LEU C 523 -16.44 11.89 -30.10
CA LEU C 523 -16.38 13.28 -30.53
C LEU C 523 -16.85 14.20 -29.42
N PRO C 524 -16.54 15.50 -29.51
CA PRO C 524 -16.99 16.44 -28.45
C PRO C 524 -18.49 16.47 -28.23
N ASP C 525 -19.30 16.29 -29.28
CA ASP C 525 -20.74 16.27 -29.09
C ASP C 525 -21.20 15.11 -28.22
N ASP C 526 -20.41 14.04 -28.15
CA ASP C 526 -20.80 12.89 -27.32
C ASP C 526 -20.74 13.21 -25.83
N ILE C 527 -20.02 14.27 -25.43
CA ILE C 527 -19.99 14.67 -24.03
C ILE C 527 -21.40 14.94 -23.51
N GLY C 528 -22.25 15.49 -24.37
CA GLY C 528 -23.62 15.81 -23.99
C GLY C 528 -24.51 14.61 -23.76
N ASP C 529 -24.11 13.42 -24.24
CA ASP C 529 -24.91 12.22 -24.03
C ASP C 529 -24.83 11.68 -22.61
N TRP C 530 -23.91 12.19 -21.78
CA TRP C 530 -23.62 11.62 -20.49
C TRP C 530 -24.25 12.44 -19.38
N TYR C 531 -24.96 11.76 -18.48
CA TYR C 531 -25.71 12.40 -17.41
C TYR C 531 -25.19 11.91 -16.06
N VAL C 532 -25.19 12.81 -15.08
CA VAL C 532 -24.83 12.50 -13.71
C VAL C 532 -26.04 12.74 -12.84
N ARG C 533 -26.25 11.88 -11.84
CA ARG C 533 -27.40 12.01 -10.95
C ARG C 533 -27.05 12.94 -9.80
N ALA C 534 -27.94 13.90 -9.54
CA ALA C 534 -27.73 14.87 -8.48
C ALA C 534 -28.21 14.31 -7.15
N ALA C 535 -28.02 15.10 -6.08
CA ALA C 535 -28.40 14.66 -4.75
C ALA C 535 -29.91 14.44 -4.65
N ASP C 536 -30.69 15.28 -5.33
CA ASP C 536 -32.14 15.18 -5.27
C ASP C 536 -32.71 14.07 -6.14
N GLY C 537 -31.92 13.48 -7.02
CA GLY C 537 -32.36 12.38 -7.85
C GLY C 537 -32.53 12.69 -9.33
N GLN C 538 -32.40 13.96 -9.72
CA GLN C 538 -32.54 14.32 -11.13
C GLN C 538 -31.28 13.95 -11.90
N MET C 539 -31.46 13.66 -13.19
CA MET C 539 -30.35 13.43 -14.09
C MET C 539 -29.96 14.76 -14.73
N VAL C 540 -28.67 15.09 -14.67
CA VAL C 540 -28.16 16.37 -15.12
C VAL C 540 -27.15 16.12 -16.24
N PRO C 541 -27.30 16.73 -17.41
CA PRO C 541 -26.34 16.50 -18.49
C PRO C 541 -25.03 17.23 -18.24
N PHE C 542 -23.98 16.74 -18.90
CA PHE C 542 -22.67 17.35 -18.75
C PHE C 542 -22.65 18.78 -19.23
N SER C 543 -23.48 19.12 -20.22
CA SER C 543 -23.52 20.47 -20.75
C SER C 543 -24.03 21.48 -19.72
N ALA C 544 -24.65 21.01 -18.64
CA ALA C 544 -25.19 21.93 -17.65
C ALA C 544 -24.11 22.52 -16.75
N PHE C 545 -23.01 21.81 -16.53
CA PHE C 545 -22.00 22.24 -15.58
C PHE C 545 -20.59 22.24 -16.17
N SER C 546 -20.44 22.21 -17.49
CA SER C 546 -19.13 22.13 -18.10
C SER C 546 -19.07 23.00 -19.35
N SER C 547 -17.85 23.41 -19.69
CA SER C 547 -17.55 24.10 -20.93
C SER C 547 -16.22 23.57 -21.44
N SER C 548 -15.98 23.75 -22.74
CA SER C 548 -14.80 23.15 -23.34
C SER C 548 -14.25 24.02 -24.44
N ARG C 549 -12.96 23.83 -24.72
CA ARG C 549 -12.27 24.57 -25.76
C ARG C 549 -11.07 23.73 -26.23
N TRP C 550 -10.57 24.07 -27.41
CA TRP C 550 -9.34 23.44 -27.91
C TRP C 550 -8.13 24.19 -27.38
N GLU C 551 -7.09 23.45 -27.06
CA GLU C 551 -5.81 24.02 -26.67
C GLU C 551 -4.71 23.05 -27.03
N TYR C 552 -3.48 23.54 -27.06
CA TYR C 552 -2.34 22.70 -27.37
C TYR C 552 -1.68 22.21 -26.10
N GLY C 553 -1.13 21.01 -26.15
CA GLY C 553 -0.48 20.39 -25.02
C GLY C 553 0.40 19.25 -25.49
N SER C 554 1.22 18.74 -24.56
CA SER C 554 2.24 17.79 -24.97
C SER C 554 1.70 16.37 -24.93
N PRO C 555 1.89 15.58 -26.00
CA PRO C 555 1.59 14.15 -25.94
C PRO C 555 2.72 13.30 -25.37
N ARG C 556 3.88 13.89 -25.08
CA ARG C 556 5.03 13.14 -24.60
C ARG C 556 5.98 14.12 -23.92
N LEU C 557 5.98 14.12 -22.60
CA LEU C 557 6.85 14.99 -21.81
C LEU C 557 8.12 14.24 -21.43
N GLU C 558 9.24 14.95 -21.43
CA GLU C 558 10.55 14.36 -21.17
C GLU C 558 11.18 15.02 -19.95
N ARG C 559 11.97 14.24 -19.22
CA ARG C 559 12.74 14.74 -18.09
C ARG C 559 14.13 14.11 -18.10
N TYR C 560 15.11 14.88 -17.66
CA TYR C 560 16.49 14.40 -17.58
C TYR C 560 17.06 14.77 -16.22
N ASN C 561 17.49 13.76 -15.47
CA ASN C 561 18.01 13.95 -14.11
C ASN C 561 17.02 14.71 -13.24
N GLY C 562 15.74 14.38 -13.40
CA GLY C 562 14.69 14.92 -12.55
C GLY C 562 14.17 16.29 -12.93
N LEU C 563 14.61 16.85 -14.06
CA LEU C 563 14.18 18.17 -14.50
C LEU C 563 13.58 18.09 -15.89
N PRO C 564 12.61 18.95 -16.22
CA PRO C 564 12.02 18.93 -17.57
C PRO C 564 13.10 19.10 -18.63
N SER C 565 12.96 18.34 -19.72
CA SER C 565 14.02 18.29 -20.71
C SER C 565 13.43 18.04 -22.09
N MET C 566 14.28 18.26 -23.10
CA MET C 566 13.95 17.97 -24.48
C MET C 566 15.19 17.43 -25.17
N GLU C 567 15.12 16.19 -25.62
CA GLU C 567 16.26 15.55 -26.26
C GLU C 567 16.41 16.04 -27.70
N ILE C 568 17.65 16.24 -28.12
CA ILE C 568 17.96 16.73 -29.46
C ILE C 568 19.04 15.84 -30.04
N LEU C 569 18.75 15.22 -31.19
CA LEU C 569 19.72 14.42 -31.92
C LEU C 569 20.24 15.20 -33.12
N GLY C 570 21.41 14.81 -33.59
CA GLY C 570 22.02 15.48 -34.73
C GLY C 570 23.27 14.78 -35.16
N GLN C 571 23.75 15.15 -36.35
CA GLN C 571 24.93 14.57 -36.95
C GLN C 571 25.97 15.64 -37.24
N ALA C 572 27.23 15.25 -37.15
CA ALA C 572 28.30 16.13 -37.59
C ALA C 572 28.35 16.15 -39.11
N ALA C 573 28.63 17.33 -39.67
CA ALA C 573 28.67 17.47 -41.12
C ALA C 573 29.77 16.61 -41.71
N PRO C 574 29.66 16.30 -43.01
CA PRO C 574 30.78 15.62 -43.68
C PRO C 574 32.04 16.47 -43.63
N GLY C 575 33.13 15.87 -43.16
CA GLY C 575 34.38 16.59 -43.00
C GLY C 575 34.53 17.31 -41.68
N LYS C 576 33.70 16.99 -40.69
CA LYS C 576 33.81 17.57 -39.35
C LYS C 576 33.77 16.46 -38.32
N SER C 577 34.39 16.71 -37.17
CA SER C 577 34.48 15.70 -36.13
C SER C 577 33.29 15.78 -35.19
N THR C 578 33.03 14.67 -34.51
CA THR C 578 31.96 14.65 -33.51
C THR C 578 32.25 15.65 -32.39
N GLY C 579 33.52 15.88 -32.07
CA GLY C 579 33.84 16.84 -31.04
C GLY C 579 33.66 18.28 -31.50
N GLU C 580 33.95 18.53 -32.78
CA GLU C 580 33.71 19.87 -33.33
C GLU C 580 32.23 20.20 -33.35
N ALA C 581 31.39 19.23 -33.72
CA ALA C 581 29.94 19.46 -33.74
C ALA C 581 29.41 19.74 -32.34
N MET C 582 29.84 18.93 -31.36
CA MET C 582 29.42 19.17 -29.98
C MET C 582 29.88 20.53 -29.50
N GLU C 583 31.11 20.93 -29.84
CA GLU C 583 31.61 22.24 -29.48
C GLU C 583 30.69 23.34 -30.00
N LEU C 584 30.23 23.21 -31.24
CA LEU C 584 29.31 24.20 -31.81
C LEU C 584 27.99 24.22 -31.02
N MET C 585 27.42 23.04 -30.76
CA MET C 585 26.15 22.97 -30.05
C MET C 585 26.24 23.67 -28.71
N GLU C 586 27.34 23.44 -27.97
CA GLU C 586 27.52 24.10 -26.68
C GLU C 586 27.58 25.62 -26.84
N GLN C 587 28.23 26.11 -27.90
CA GLN C 587 28.31 27.55 -28.12
C GLN C 587 26.94 28.14 -28.39
N LEU C 588 26.16 27.48 -29.25
CA LEU C 588 24.79 27.95 -29.50
C LEU C 588 23.93 27.89 -28.24
N ALA C 589 24.09 26.82 -27.46
CA ALA C 589 23.30 26.68 -26.24
C ALA C 589 23.62 27.76 -25.22
N SER C 590 24.85 28.29 -25.25
CA SER C 590 25.25 29.29 -24.27
C SER C 590 24.51 30.61 -24.44
N LYS C 591 23.87 30.83 -25.58
CA LYS C 591 23.13 32.07 -25.84
C LYS C 591 21.62 31.84 -25.82
N LEU C 592 21.16 30.82 -25.12
CA LEU C 592 19.75 30.53 -24.96
C LEU C 592 19.18 31.33 -23.79
N PRO C 593 17.85 31.42 -23.67
CA PRO C 593 17.26 32.24 -22.59
C PRO C 593 17.72 31.80 -21.21
N THR C 594 17.58 32.74 -20.26
CA THR C 594 17.98 32.49 -18.88
C THR C 594 17.20 31.32 -18.30
N GLY C 595 17.88 30.51 -17.50
CA GLY C 595 17.28 29.35 -16.89
C GLY C 595 17.27 28.10 -17.74
N VAL C 596 17.80 28.16 -18.96
CA VAL C 596 17.86 27.01 -19.86
C VAL C 596 19.27 26.46 -19.84
N GLY C 597 19.41 25.20 -19.46
CA GLY C 597 20.71 24.56 -19.44
C GLY C 597 20.77 23.41 -20.40
N TYR C 598 21.87 22.66 -20.40
CA TYR C 598 22.02 21.55 -21.31
C TYR C 598 22.93 20.49 -20.69
N ASP C 599 22.95 19.33 -21.32
CA ASP C 599 23.82 18.23 -20.90
C ASP C 599 23.94 17.24 -22.05
N TRP C 600 25.03 16.48 -22.04
CA TRP C 600 25.26 15.42 -23.02
C TRP C 600 24.93 14.08 -22.40
N THR C 601 24.36 13.18 -23.21
CA THR C 601 23.94 11.88 -22.73
C THR C 601 24.27 10.82 -23.76
N GLY C 602 24.07 9.56 -23.37
CA GLY C 602 24.21 8.45 -24.29
C GLY C 602 25.58 8.39 -24.93
N MET C 603 25.59 8.31 -26.26
CA MET C 603 26.83 8.23 -27.03
C MET C 603 27.75 9.41 -26.79
N SER C 604 27.23 10.55 -26.32
CA SER C 604 28.01 11.76 -26.14
C SER C 604 28.42 12.00 -24.69
N TYR C 605 28.05 11.12 -23.76
CA TYR C 605 28.35 11.33 -22.35
C TYR C 605 29.85 11.25 -22.08
N HIS D 6 -4.79 32.71 44.02
CA HIS D 6 -4.48 31.28 44.00
C HIS D 6 -3.77 30.90 42.71
N HIS D 7 -3.94 31.71 41.67
CA HIS D 7 -3.22 31.54 40.41
C HIS D 7 -1.87 32.24 40.54
N HIS D 8 -0.86 31.49 40.97
CA HIS D 8 0.46 32.05 41.18
C HIS D 8 1.18 32.31 39.85
N ASP D 13 15.18 32.35 39.94
CA ASP D 13 16.14 31.26 39.81
C ASP D 13 15.95 30.24 40.92
N LEU D 14 15.97 30.72 42.17
CA LEU D 14 15.70 29.83 43.30
C LEU D 14 14.28 29.31 43.25
N GLY D 15 13.32 30.18 42.91
CA GLY D 15 11.96 29.71 42.70
C GLY D 15 11.87 28.68 41.59
N LYS D 16 12.73 28.81 40.58
CA LYS D 16 12.79 27.82 39.50
C LYS D 16 13.65 26.62 39.90
N LYS D 17 14.65 26.83 40.75
CA LYS D 17 15.40 25.70 41.29
C LYS D 17 14.52 24.83 42.18
N LEU D 18 13.59 25.45 42.91
CA LEU D 18 12.74 24.70 43.83
C LEU D 18 11.74 23.84 43.06
N LEU D 19 11.24 24.33 41.92
CA LEU D 19 10.28 23.55 41.15
C LEU D 19 10.92 22.31 40.56
N GLU D 20 12.19 22.38 40.18
CA GLU D 20 12.88 21.20 39.67
C GLU D 20 13.25 20.25 40.80
N ALA D 21 13.66 20.79 41.95
CA ALA D 21 14.01 19.93 43.08
C ALA D 21 12.79 19.20 43.61
N ALA D 22 11.65 19.88 43.72
CA ALA D 22 10.44 19.26 44.24
C ALA D 22 9.93 18.14 43.34
N ARG D 23 10.26 18.18 42.05
CA ARG D 23 9.77 17.16 41.13
C ARG D 23 10.56 15.86 41.26
N ALA D 24 11.89 15.95 41.31
CA ALA D 24 12.74 14.76 41.34
C ALA D 24 12.87 14.15 42.74
N GLY D 25 12.17 14.69 43.73
CA GLY D 25 12.24 14.13 45.07
C GLY D 25 13.52 14.39 45.80
N ARG D 26 14.12 15.56 45.59
CA ARG D 26 15.42 15.90 46.18
C ARG D 26 15.16 16.59 47.52
N ASP D 27 15.05 15.78 48.58
CA ASP D 27 14.66 16.29 49.90
C ASP D 27 15.69 17.25 50.48
N ASP D 28 16.97 17.03 50.20
CA ASP D 28 18.01 17.89 50.77
C ASP D 28 17.98 19.27 50.13
N GLU D 29 17.84 19.32 48.80
CA GLU D 29 17.93 20.60 48.10
C GLU D 29 16.72 21.48 48.37
N VAL D 30 15.54 20.88 48.53
CA VAL D 30 14.36 21.68 48.88
C VAL D 30 14.55 22.30 50.26
N ARG D 31 15.17 21.57 51.18
CA ARG D 31 15.50 22.16 52.48
C ARG D 31 16.53 23.26 52.33
N ILE D 32 17.50 23.09 51.43
CA ILE D 32 18.52 24.11 51.22
C ILE D 32 17.90 25.38 50.65
N LEU D 33 17.05 25.23 49.64
CA LEU D 33 16.48 26.40 48.97
C LEU D 33 15.46 27.10 49.85
N MET D 34 14.68 26.35 50.64
CA MET D 34 13.74 26.97 51.56
C MET D 34 14.46 27.77 52.64
N ALA D 35 15.64 27.31 53.06
CA ALA D 35 16.44 28.04 54.03
C ALA D 35 17.18 29.23 53.41
N ASN D 36 17.11 29.40 52.09
CA ASN D 36 17.80 30.47 51.40
C ASN D 36 16.84 31.47 50.76
N GLY D 37 15.56 31.43 51.14
CA GLY D 37 14.60 32.41 50.68
C GLY D 37 13.93 32.10 49.36
N ALA D 38 13.95 30.85 48.91
CA ALA D 38 13.28 30.49 47.66
C ALA D 38 11.77 30.64 47.80
N ASP D 39 11.13 31.05 46.71
CA ASP D 39 9.69 31.23 46.70
C ASP D 39 9.00 29.88 46.80
N VAL D 40 8.21 29.69 47.87
CA VAL D 40 7.52 28.42 48.05
C VAL D 40 6.40 28.26 47.04
N ASN D 41 5.85 29.36 46.54
CA ASN D 41 4.71 29.34 45.62
C ASN D 41 5.12 29.75 44.21
N ALA D 42 6.33 29.37 43.79
CA ALA D 42 6.78 29.65 42.44
C ALA D 42 6.09 28.73 41.46
N ALA D 43 5.50 29.30 40.41
CA ALA D 43 4.75 28.54 39.42
C ALA D 43 5.51 28.46 38.11
N ASP D 44 5.27 27.37 37.37
CA ASP D 44 5.84 27.19 36.05
C ASP D 44 4.85 27.73 35.00
N VAL D 45 5.14 27.44 33.73
CA VAL D 45 4.34 28.02 32.65
C VAL D 45 2.91 27.49 32.66
N VAL D 46 2.69 26.27 33.16
CA VAL D 46 1.35 25.72 33.25
C VAL D 46 0.70 26.00 34.61
N GLY D 47 1.35 26.78 35.46
CA GLY D 47 0.75 27.15 36.72
C GLY D 47 0.94 26.17 37.85
N TRP D 48 1.86 25.22 37.71
CA TRP D 48 2.11 24.23 38.76
C TRP D 48 3.15 24.76 39.73
N THR D 49 2.84 24.68 41.01
CA THR D 49 3.75 25.06 42.09
C THR D 49 4.57 23.85 42.51
N PRO D 50 5.58 24.03 43.37
CA PRO D 50 6.29 22.84 43.89
C PRO D 50 5.38 21.89 44.63
N LEU D 51 4.30 22.39 45.22
CA LEU D 51 3.33 21.51 45.87
C LEU D 51 2.55 20.69 44.85
N HIS D 52 2.23 21.29 43.69
CA HIS D 52 1.61 20.55 42.60
C HIS D 52 2.48 19.36 42.19
N LEU D 53 3.76 19.62 41.91
CA LEU D 53 4.64 18.57 41.44
C LEU D 53 4.89 17.52 42.50
N ALA D 54 5.02 17.94 43.77
CA ALA D 54 5.21 16.98 44.85
C ALA D 54 4.00 16.07 44.99
N ALA D 55 2.80 16.63 44.84
CA ALA D 55 1.59 15.80 44.91
C ALA D 55 1.46 14.90 43.69
N TYR D 56 1.93 15.35 42.53
CA TYR D 56 1.83 14.54 41.31
C TYR D 56 2.77 13.33 41.38
N TRP D 57 4.04 13.56 41.68
CA TRP D 57 5.04 12.50 41.68
C TRP D 57 5.16 11.78 43.01
N GLY D 58 4.22 12.02 43.94
CA GLY D 58 4.17 11.26 45.18
C GLY D 58 5.38 11.36 46.07
N HIS D 59 5.82 12.57 46.37
CA HIS D 59 6.94 12.82 47.27
C HIS D 59 6.37 13.38 48.58
N LEU D 60 6.05 12.49 49.50
CA LEU D 60 5.31 12.87 50.71
C LEU D 60 6.12 13.81 51.59
N GLU D 61 7.40 13.51 51.80
CA GLU D 61 8.23 14.33 52.68
C GLU D 61 8.32 15.77 52.18
N ILE D 62 8.49 15.94 50.87
CA ILE D 62 8.57 17.29 50.30
C ILE D 62 7.25 18.02 50.47
N VAL D 63 6.13 17.31 50.35
CA VAL D 63 4.81 17.91 50.58
C VAL D 63 4.78 18.57 51.96
N GLU D 64 5.09 17.80 53.00
CA GLU D 64 5.04 18.33 54.35
C GLU D 64 6.04 19.46 54.57
N VAL D 65 7.20 19.42 53.91
CA VAL D 65 8.18 20.48 54.08
C VAL D 65 7.65 21.79 53.52
N LEU D 66 7.04 21.75 52.33
CA LEU D 66 6.60 22.98 51.68
C LEU D 66 5.40 23.60 52.40
N LEU D 67 4.46 22.77 52.87
CA LEU D 67 3.33 23.31 53.60
C LEU D 67 3.74 23.88 54.95
N LYS D 68 4.82 23.35 55.54
CA LYS D 68 5.36 23.94 56.76
C LYS D 68 5.83 25.37 56.51
N ASN D 69 6.44 25.61 55.34
CA ASN D 69 6.96 26.92 54.99
C ASN D 69 5.94 27.80 54.26
N GLY D 70 4.65 27.47 54.37
CA GLY D 70 3.61 28.34 53.85
C GLY D 70 3.25 28.15 52.39
N ALA D 71 3.30 26.91 51.89
CA ALA D 71 2.90 26.66 50.50
C ALA D 71 1.38 26.71 50.39
N ASP D 72 0.89 27.39 49.36
CA ASP D 72 -0.55 27.46 49.11
C ASP D 72 -1.10 26.06 48.87
N VAL D 73 -1.82 25.52 49.86
CA VAL D 73 -2.40 24.18 49.74
C VAL D 73 -3.46 24.13 48.66
N ASN D 74 -4.05 25.27 48.30
CA ASN D 74 -5.12 25.33 47.32
C ASN D 74 -4.68 26.07 46.06
N ALA D 75 -3.42 25.93 45.69
CA ALA D 75 -2.92 26.57 44.47
C ALA D 75 -3.65 26.03 43.25
N TYR D 76 -4.05 26.94 42.36
CA TYR D 76 -4.66 26.58 41.09
C TYR D 76 -3.61 26.59 39.99
N ASP D 77 -3.69 25.63 39.08
CA ASP D 77 -2.96 25.76 37.83
C ASP D 77 -3.84 26.49 36.82
N THR D 78 -3.36 26.65 35.59
CA THR D 78 -4.11 27.46 34.64
C THR D 78 -5.42 26.82 34.20
N LEU D 79 -5.65 25.55 34.54
CA LEU D 79 -6.92 24.89 34.26
C LEU D 79 -7.75 24.65 35.52
N GLY D 80 -7.37 25.26 36.63
CA GLY D 80 -8.15 25.18 37.86
C GLY D 80 -7.84 24.00 38.76
N SER D 81 -6.79 23.24 38.49
CA SER D 81 -6.51 22.02 39.22
C SER D 81 -5.57 22.29 40.39
N THR D 82 -5.87 21.67 41.53
CA THR D 82 -5.14 21.85 42.78
C THR D 82 -4.29 20.61 43.10
N PRO D 83 -3.32 20.73 44.01
CA PRO D 83 -2.53 19.55 44.38
C PRO D 83 -3.36 18.40 44.93
N LEU D 84 -4.52 18.68 45.52
CA LEU D 84 -5.39 17.61 46.00
C LEU D 84 -6.01 16.85 44.83
N HIS D 85 -6.35 17.58 43.76
CA HIS D 85 -6.75 16.92 42.51
C HIS D 85 -5.72 15.89 42.08
N LEU D 86 -4.45 16.31 42.01
CA LEU D 86 -3.39 15.42 41.54
C LEU D 86 -3.17 14.25 42.50
N ALA D 87 -3.16 14.53 43.80
CA ALA D 87 -2.92 13.47 44.79
C ALA D 87 -4.05 12.44 44.77
N ALA D 88 -5.30 12.91 44.71
CA ALA D 88 -6.43 11.99 44.66
C ALA D 88 -6.48 11.23 43.35
N HIS D 89 -6.04 11.85 42.26
CA HIS D 89 -6.15 11.20 40.95
C HIS D 89 -5.20 10.01 40.84
N PHE D 90 -4.01 10.12 41.43
CA PHE D 90 -2.95 9.13 41.20
C PHE D 90 -2.66 8.28 42.44
N GLY D 91 -3.64 8.13 43.33
CA GLY D 91 -3.54 7.14 44.39
C GLY D 91 -2.53 7.41 45.48
N HIS D 92 -2.22 8.67 45.75
CA HIS D 92 -1.26 9.03 46.79
C HIS D 92 -2.03 9.35 48.08
N LEU D 93 -2.39 8.28 48.80
CA LEU D 93 -3.28 8.41 49.94
C LEU D 93 -2.67 9.26 51.05
N GLU D 94 -1.39 9.01 51.36
CA GLU D 94 -0.74 9.75 52.44
C GLU D 94 -0.76 11.26 52.18
N ILE D 95 -0.47 11.66 50.94
CA ILE D 95 -0.48 13.08 50.59
C ILE D 95 -1.90 13.63 50.63
N VAL D 96 -2.88 12.85 50.16
CA VAL D 96 -4.28 13.27 50.24
C VAL D 96 -4.65 13.58 51.67
N GLU D 97 -4.21 12.75 52.61
CA GLU D 97 -4.44 13.02 54.02
C GLU D 97 -3.83 14.37 54.42
N VAL D 98 -2.51 14.50 54.25
CA VAL D 98 -1.79 15.68 54.74
C VAL D 98 -2.36 16.96 54.11
N LEU D 99 -2.71 16.91 52.83
CA LEU D 99 -3.29 18.08 52.17
C LEU D 99 -4.58 18.50 52.87
N LEU D 100 -5.46 17.54 53.12
CA LEU D 100 -6.68 17.84 53.86
C LEU D 100 -6.38 18.29 55.29
N LYS D 101 -5.30 17.77 55.90
CA LYS D 101 -4.93 18.23 57.23
C LYS D 101 -4.64 19.73 57.22
N ASN D 102 -4.06 20.24 56.14
CA ASN D 102 -3.60 21.62 56.06
C ASN D 102 -4.59 22.54 55.36
N GLY D 103 -5.86 22.14 55.28
CA GLY D 103 -6.88 23.01 54.75
C GLY D 103 -7.08 22.97 53.25
N ALA D 104 -6.85 21.82 52.62
CA ALA D 104 -7.10 21.70 51.19
C ALA D 104 -8.61 21.67 50.93
N ASP D 105 -9.05 22.46 49.95
CA ASP D 105 -10.46 22.50 49.56
C ASP D 105 -10.89 21.14 49.03
N VAL D 106 -11.62 20.38 49.86
CA VAL D 106 -12.05 19.05 49.46
C VAL D 106 -13.08 19.09 48.34
N ASN D 107 -13.71 20.24 48.11
CA ASN D 107 -14.72 20.39 47.07
C ASN D 107 -14.25 21.27 45.92
N ALA D 108 -12.94 21.43 45.76
CA ALA D 108 -12.42 22.28 44.70
C ALA D 108 -12.78 21.70 43.33
N LYS D 109 -13.31 22.56 42.47
CA LYS D 109 -13.62 22.20 41.09
C LYS D 109 -12.61 22.86 40.15
N ASP D 110 -12.15 22.11 39.15
CA ASP D 110 -11.31 22.71 38.13
C ASP D 110 -12.22 23.33 37.07
N ASP D 111 -11.63 23.76 35.94
CA ASP D 111 -12.42 24.43 34.92
C ASP D 111 -13.50 23.52 34.35
N ASN D 112 -13.28 22.21 34.38
CA ASN D 112 -14.26 21.25 33.89
C ASN D 112 -15.32 20.88 34.92
N GLY D 113 -15.26 21.47 36.12
CA GLY D 113 -16.17 21.06 37.18
C GLY D 113 -15.79 19.76 37.83
N ILE D 114 -14.56 19.32 37.66
CA ILE D 114 -14.10 18.03 38.16
C ILE D 114 -13.50 18.22 39.55
N THR D 115 -14.00 17.45 40.52
CA THR D 115 -13.54 17.49 41.89
C THR D 115 -12.56 16.36 42.16
N PRO D 116 -11.81 16.43 43.27
CA PRO D 116 -10.93 15.30 43.61
C PRO D 116 -11.68 14.00 43.83
N LEU D 117 -12.93 14.07 44.31
CA LEU D 117 -13.75 12.86 44.43
C LEU D 117 -13.97 12.22 43.07
N HIS D 118 -14.24 13.03 42.04
CA HIS D 118 -14.42 12.51 40.69
C HIS D 118 -13.18 11.75 40.23
N LEU D 119 -12.01 12.33 40.41
CA LEU D 119 -10.78 11.71 39.93
C LEU D 119 -10.45 10.44 40.72
N ALA D 120 -10.56 10.51 42.04
CA ALA D 120 -10.36 9.32 42.86
C ALA D 120 -11.34 8.22 42.46
N ALA D 121 -12.59 8.59 42.20
CA ALA D 121 -13.59 7.59 41.81
C ALA D 121 -13.26 6.97 40.46
N ASN D 122 -12.81 7.79 39.50
CA ASN D 122 -12.55 7.29 38.16
C ASN D 122 -11.48 6.20 38.18
N ARG D 123 -10.35 6.46 38.84
CA ARG D 123 -9.26 5.51 38.93
C ARG D 123 -9.45 4.49 40.05
N GLY D 124 -10.60 4.51 40.73
CA GLY D 124 -10.93 3.46 41.68
C GLY D 124 -10.08 3.41 42.93
N HIS D 125 -9.64 4.57 43.41
CA HIS D 125 -8.83 4.65 44.64
C HIS D 125 -9.78 4.68 45.82
N LEU D 126 -10.15 3.48 46.29
CA LEU D 126 -11.23 3.34 47.27
C LEU D 126 -10.91 4.06 48.57
N GLU D 127 -9.70 3.86 49.09
CA GLU D 127 -9.34 4.46 50.37
C GLU D 127 -9.34 5.98 50.30
N ILE D 128 -8.87 6.54 49.19
CA ILE D 128 -8.87 7.99 49.02
C ILE D 128 -10.30 8.52 48.97
N VAL D 129 -11.19 7.80 48.28
CA VAL D 129 -12.60 8.21 48.23
C VAL D 129 -13.18 8.28 49.63
N GLU D 130 -12.79 7.35 50.51
CA GLU D 130 -13.30 7.36 51.87
C GLU D 130 -12.74 8.54 52.67
N VAL D 131 -11.45 8.84 52.48
CA VAL D 131 -10.84 9.98 53.17
C VAL D 131 -11.45 11.29 52.68
N LEU D 132 -11.73 11.38 51.38
CA LEU D 132 -12.35 12.59 50.84
C LEU D 132 -13.76 12.78 51.36
N LEU D 133 -14.56 11.70 51.39
CA LEU D 133 -15.89 11.78 51.97
C LEU D 133 -15.83 12.12 53.45
N LYS D 134 -14.86 11.53 54.17
CA LYS D 134 -14.68 11.80 55.59
C LYS D 134 -14.50 13.29 55.86
N TYR D 135 -13.87 14.01 54.93
CA TYR D 135 -13.63 15.43 55.08
C TYR D 135 -14.73 16.30 54.48
N GLY D 136 -15.87 15.70 54.09
CA GLY D 136 -17.01 16.47 53.66
C GLY D 136 -17.13 16.68 52.16
N ALA D 137 -16.63 15.75 51.35
CA ALA D 137 -16.74 15.90 49.90
C ALA D 137 -18.19 15.72 49.46
N ASP D 138 -18.71 16.71 48.74
CA ASP D 138 -20.08 16.63 48.25
C ASP D 138 -20.23 15.46 47.28
N VAL D 139 -20.85 14.38 47.76
CA VAL D 139 -21.02 13.17 46.97
C VAL D 139 -21.88 13.41 45.74
N ASN D 140 -22.62 14.52 45.70
CA ASN D 140 -23.51 14.83 44.59
C ASN D 140 -22.96 15.91 43.67
N ALA D 141 -21.70 16.31 43.85
CA ALA D 141 -21.10 17.28 42.96
C ALA D 141 -21.03 16.73 41.54
N GLN D 142 -21.49 17.52 40.57
CA GLN D 142 -21.49 17.13 39.17
C GLN D 142 -20.48 17.98 38.40
N ASP D 143 -19.85 17.37 37.39
CA ASP D 143 -18.94 18.10 36.53
C ASP D 143 -19.76 18.77 35.42
N LYS D 144 -19.06 19.30 34.40
CA LYS D 144 -19.74 20.02 33.33
C LYS D 144 -20.71 19.12 32.58
N PHE D 145 -20.47 17.80 32.59
CA PHE D 145 -21.33 16.86 31.87
C PHE D 145 -22.42 16.27 32.74
N GLY D 146 -22.57 16.75 33.98
CA GLY D 146 -23.62 16.27 34.85
C GLY D 146 -23.35 14.95 35.53
N LYS D 147 -22.08 14.52 35.59
CA LYS D 147 -21.72 13.22 36.14
C LYS D 147 -21.30 13.37 37.59
N THR D 148 -21.82 12.49 38.45
CA THR D 148 -21.43 12.39 39.83
C THR D 148 -20.39 11.29 40.00
N ALA D 149 -19.85 11.18 41.22
CA ALA D 149 -18.94 10.09 41.53
C ALA D 149 -19.63 8.74 41.40
N PHE D 150 -20.93 8.67 41.70
CA PHE D 150 -21.67 7.43 41.54
C PHE D 150 -21.86 7.08 40.07
N ASP D 151 -22.20 8.07 39.24
CA ASP D 151 -22.28 7.85 37.79
C ASP D 151 -20.99 7.26 37.26
N ILE D 152 -19.85 7.74 37.77
CA ILE D 152 -18.56 7.24 37.31
C ILE D 152 -18.39 5.77 37.67
N SER D 153 -18.84 5.39 38.86
CA SER D 153 -18.69 4.00 39.29
C SER D 153 -19.60 3.06 38.48
N ILE D 154 -20.78 3.53 38.10
CA ILE D 154 -21.67 2.71 37.27
C ILE D 154 -21.05 2.47 35.91
N ASN D 155 -20.55 3.55 35.28
CA ASN D 155 -19.95 3.40 33.96
C ASN D 155 -18.69 2.55 34.01
N ASN D 156 -17.96 2.58 35.11
CA ASN D 156 -16.74 1.79 35.27
C ASN D 156 -17.01 0.37 35.76
N GLY D 157 -18.24 0.07 36.19
CA GLY D 157 -18.52 -1.24 36.74
C GLY D 157 -17.86 -1.52 38.06
N ASN D 158 -17.51 -0.49 38.83
CA ASN D 158 -16.86 -0.67 40.13
C ASN D 158 -17.93 -0.83 41.19
N GLU D 159 -18.34 -2.07 41.42
CA GLU D 159 -19.39 -2.35 42.41
C GLU D 159 -18.93 -1.98 43.82
N ASP D 160 -17.64 -2.12 44.12
CA ASP D 160 -17.16 -1.75 45.45
C ASP D 160 -17.30 -0.25 45.69
N LEU D 161 -16.98 0.56 44.68
CA LEU D 161 -17.09 2.00 44.82
C LEU D 161 -18.54 2.43 44.99
N ALA D 162 -19.44 1.88 44.18
CA ALA D 162 -20.85 2.26 44.26
C ALA D 162 -21.44 1.94 45.63
N GLU D 163 -20.88 0.96 46.34
CA GLU D 163 -21.36 0.67 47.69
C GLU D 163 -20.81 1.65 48.70
N ILE D 164 -19.54 2.02 48.57
CA ILE D 164 -18.95 3.02 49.47
C ILE D 164 -19.72 4.33 49.40
N LEU D 165 -20.18 4.69 48.19
CA LEU D 165 -20.92 5.93 47.99
C LEU D 165 -22.38 5.76 48.40
N HIS E 9 -4.22 27.16 -57.75
CA HIS E 9 -4.46 26.05 -56.83
C HIS E 9 -3.97 24.74 -57.42
N HIS E 10 -3.68 23.78 -56.54
CA HIS E 10 -3.13 22.49 -56.96
C HIS E 10 -4.07 21.35 -56.61
N GLY E 11 -4.03 20.90 -55.36
CA GLY E 11 -4.90 19.84 -54.89
C GLY E 11 -5.42 20.13 -53.50
N SER E 12 -4.61 19.84 -52.48
CA SER E 12 -4.96 20.13 -51.08
C SER E 12 -3.75 19.95 -50.17
N ASP E 13 -2.58 19.71 -50.77
CA ASP E 13 -1.38 19.44 -49.98
C ASP E 13 -0.72 20.72 -49.48
N LEU E 14 -0.81 21.80 -50.25
CA LEU E 14 -0.18 23.06 -49.82
C LEU E 14 -0.90 23.67 -48.63
N GLY E 15 -2.20 23.42 -48.50
CA GLY E 15 -2.93 23.95 -47.36
C GLY E 15 -2.44 23.40 -46.04
N LYS E 16 -2.19 22.09 -45.99
CA LYS E 16 -1.69 21.47 -44.77
C LYS E 16 -0.30 21.98 -44.41
N LYS E 17 0.54 22.25 -45.42
CA LYS E 17 1.87 22.78 -45.15
C LYS E 17 1.82 24.24 -44.69
N LEU E 18 0.80 24.99 -45.12
CA LEU E 18 0.64 26.35 -44.60
C LEU E 18 0.22 26.33 -43.13
N LEU E 19 -0.60 25.35 -42.74
CA LEU E 19 -0.98 25.21 -41.33
C LEU E 19 0.25 24.94 -40.47
N GLU E 20 1.09 23.99 -40.88
CA GLU E 20 2.28 23.67 -40.11
C GLU E 20 3.29 24.80 -40.12
N ALA E 21 3.36 25.56 -41.22
CA ALA E 21 4.26 26.70 -41.26
C ALA E 21 3.81 27.80 -40.31
N ALA E 22 2.51 28.11 -40.31
CA ALA E 22 2.00 29.14 -39.41
C ALA E 22 2.05 28.70 -37.96
N ARG E 23 1.84 27.40 -37.71
CA ARG E 23 1.95 26.90 -36.35
C ARG E 23 3.38 27.00 -35.83
N ALA E 24 4.36 26.67 -36.67
CA ALA E 24 5.77 26.72 -36.31
C ALA E 24 6.39 28.09 -36.55
N GLY E 25 5.58 29.09 -36.88
CA GLY E 25 6.06 30.47 -36.93
C GLY E 25 7.11 30.75 -37.98
N ARG E 26 7.05 30.07 -39.12
CA ARG E 26 8.04 30.26 -40.19
C ARG E 26 7.47 31.26 -41.19
N ASP E 27 7.78 32.54 -40.97
CA ASP E 27 7.39 33.57 -41.93
C ASP E 27 7.87 33.22 -43.34
N ASP E 28 8.96 32.47 -43.44
CA ASP E 28 9.53 32.05 -44.72
C ASP E 28 8.60 31.17 -45.52
N GLU E 29 8.32 29.95 -45.05
CA GLU E 29 7.50 29.06 -45.86
C GLU E 29 6.11 29.63 -46.08
N VAL E 30 5.63 30.48 -45.16
CA VAL E 30 4.26 30.99 -45.23
C VAL E 30 4.09 31.85 -46.47
N ARG E 31 5.03 32.78 -46.73
CA ARG E 31 4.86 33.65 -47.88
C ARG E 31 5.17 32.90 -49.18
N ILE E 32 6.09 31.94 -49.14
CA ILE E 32 6.36 31.11 -50.31
C ILE E 32 5.14 30.26 -50.64
N LEU E 33 4.44 29.77 -49.62
CA LEU E 33 3.31 28.88 -49.85
C LEU E 33 2.13 29.62 -50.45
N MET E 34 1.85 30.83 -49.97
CA MET E 34 0.74 31.60 -50.53
C MET E 34 1.09 32.23 -51.88
N ALA E 35 2.37 32.42 -52.16
CA ALA E 35 2.76 32.80 -53.52
C ALA E 35 2.45 31.67 -54.50
N ASN E 36 2.39 30.43 -54.02
CA ASN E 36 2.01 29.28 -54.83
C ASN E 36 0.53 28.93 -54.70
N GLY E 37 -0.27 29.83 -54.13
CA GLY E 37 -1.70 29.63 -54.09
C GLY E 37 -2.21 28.69 -53.02
N ALA E 38 -1.52 28.59 -51.88
CA ALA E 38 -2.01 27.77 -50.79
C ALA E 38 -3.30 28.36 -50.22
N ASP E 39 -4.23 27.48 -49.85
CA ASP E 39 -5.50 27.92 -49.29
C ASP E 39 -5.27 28.66 -47.97
N VAL E 40 -5.44 29.99 -47.99
CA VAL E 40 -5.20 30.79 -46.79
C VAL E 40 -6.18 30.45 -45.69
N ASN E 41 -7.33 29.88 -46.03
CA ASN E 41 -8.34 29.50 -45.05
C ASN E 41 -8.39 27.98 -44.84
N ALA E 42 -7.33 27.27 -45.18
CA ALA E 42 -7.26 25.84 -44.92
C ALA E 42 -7.40 25.58 -43.42
N ALA E 43 -8.18 24.57 -43.07
CA ALA E 43 -8.47 24.25 -41.68
C ALA E 43 -7.97 22.85 -41.35
N ASP E 44 -7.64 22.65 -40.08
CA ASP E 44 -7.24 21.34 -39.60
C ASP E 44 -8.45 20.62 -38.99
N VAL E 45 -8.19 19.48 -38.35
CA VAL E 45 -9.29 18.63 -37.89
C VAL E 45 -10.13 19.31 -36.81
N VAL E 46 -9.50 20.17 -35.99
CA VAL E 46 -10.24 20.85 -34.93
C VAL E 46 -10.76 22.19 -35.47
N GLY E 47 -10.60 22.42 -36.77
CA GLY E 47 -11.14 23.62 -37.38
C GLY E 47 -10.30 24.86 -37.22
N TRP E 48 -9.00 24.71 -36.96
CA TRP E 48 -8.11 25.86 -36.80
C TRP E 48 -7.51 26.23 -38.15
N THR E 49 -7.61 27.50 -38.51
CA THR E 49 -7.00 28.04 -39.71
C THR E 49 -5.59 28.49 -39.41
N PRO E 50 -4.79 28.86 -40.42
CA PRO E 50 -3.47 29.45 -40.12
C PRO E 50 -3.56 30.71 -39.29
N LEU E 51 -4.67 31.44 -39.37
CA LEU E 51 -4.84 32.61 -38.52
C LEU E 51 -5.04 32.23 -37.07
N HIS E 52 -5.77 31.12 -36.83
CA HIS E 52 -5.88 30.58 -35.47
C HIS E 52 -4.52 30.26 -34.89
N LEU E 53 -3.72 29.48 -35.64
CA LEU E 53 -2.43 29.01 -35.13
C LEU E 53 -1.48 30.17 -34.89
N ALA E 54 -1.43 31.12 -35.83
CA ALA E 54 -0.52 32.26 -35.68
C ALA E 54 -0.94 33.13 -34.51
N ALA E 55 -2.25 33.29 -34.29
CA ALA E 55 -2.72 34.08 -33.16
C ALA E 55 -2.47 33.36 -31.84
N TYR E 56 -2.64 32.03 -31.83
CA TYR E 56 -2.41 31.26 -30.61
C TYR E 56 -0.95 31.33 -30.17
N TRP E 57 -0.03 31.07 -31.09
CA TRP E 57 1.39 31.04 -30.79
C TRP E 57 2.05 32.41 -30.93
N GLY E 58 1.28 33.47 -31.15
CA GLY E 58 1.80 34.82 -31.05
C GLY E 58 2.71 35.28 -32.16
N HIS E 59 2.52 34.80 -33.39
CA HIS E 59 3.35 35.19 -34.51
C HIS E 59 2.68 36.36 -35.22
N LEU E 60 3.08 37.58 -34.81
CA LEU E 60 2.40 38.78 -35.27
C LEU E 60 2.56 38.99 -36.78
N GLU E 61 3.76 38.74 -37.31
CA GLU E 61 4.00 39.00 -38.72
C GLU E 61 3.22 38.03 -39.60
N ILE E 62 3.14 36.77 -39.20
CA ILE E 62 2.35 35.80 -39.97
C ILE E 62 0.88 36.18 -39.97
N VAL E 63 0.38 36.65 -38.83
CA VAL E 63 -1.00 37.16 -38.77
C VAL E 63 -1.19 38.28 -39.78
N GLU E 64 -0.20 39.16 -39.91
CA GLU E 64 -0.30 40.27 -40.85
C GLU E 64 -0.37 39.76 -42.29
N VAL E 65 0.65 39.01 -42.73
CA VAL E 65 0.71 38.55 -44.10
C VAL E 65 -0.51 37.70 -44.44
N LEU E 66 -1.00 36.91 -43.47
CA LEU E 66 -2.21 36.12 -43.70
C LEU E 66 -3.42 37.00 -43.98
N LEU E 67 -3.58 38.08 -43.22
CA LEU E 67 -4.80 38.89 -43.34
C LEU E 67 -4.83 39.66 -44.66
N LYS E 68 -3.68 40.10 -45.16
CA LYS E 68 -3.68 40.84 -46.42
C LYS E 68 -3.96 39.92 -47.61
N ASN E 69 -3.68 38.62 -47.48
CA ASN E 69 -4.02 37.64 -48.49
C ASN E 69 -5.44 37.08 -48.32
N GLY E 70 -6.31 37.81 -47.64
CA GLY E 70 -7.72 37.46 -47.62
C GLY E 70 -8.15 36.44 -46.59
N ALA E 71 -7.32 36.16 -45.59
CA ALA E 71 -7.70 35.20 -44.56
C ALA E 71 -8.95 35.66 -43.84
N ASP E 72 -9.89 34.73 -43.64
CA ASP E 72 -11.11 35.03 -42.90
C ASP E 72 -10.78 35.40 -41.47
N VAL E 73 -11.03 36.66 -41.10
CA VAL E 73 -10.66 37.14 -39.78
C VAL E 73 -11.59 36.59 -38.69
N ASN E 74 -12.79 36.13 -39.06
CA ASN E 74 -13.78 35.69 -38.10
C ASN E 74 -14.06 34.19 -38.19
N ALA E 75 -13.14 33.41 -38.75
CA ALA E 75 -13.33 31.97 -38.81
C ALA E 75 -13.37 31.38 -37.40
N TYR E 76 -14.21 30.37 -37.22
CA TYR E 76 -14.39 29.73 -35.93
C TYR E 76 -14.04 28.25 -36.03
N ASP E 77 -13.52 27.70 -34.93
CA ASP E 77 -13.17 26.29 -34.90
C ASP E 77 -14.42 25.46 -34.63
N THR E 78 -14.24 24.14 -34.44
CA THR E 78 -15.39 23.27 -34.22
C THR E 78 -16.09 23.54 -32.90
N LEU E 79 -15.54 24.39 -32.03
CA LEU E 79 -16.19 24.77 -30.78
C LEU E 79 -16.50 26.25 -30.73
N GLY E 80 -16.51 26.93 -31.88
CA GLY E 80 -16.97 28.30 -31.96
C GLY E 80 -15.96 29.37 -31.61
N SER E 81 -14.68 29.01 -31.45
CA SER E 81 -13.66 29.97 -31.04
C SER E 81 -12.98 30.58 -32.25
N THR E 82 -12.80 31.91 -32.22
CA THR E 82 -12.22 32.72 -33.29
C THR E 82 -10.77 33.06 -32.97
N PRO E 83 -9.99 33.49 -33.98
CA PRO E 83 -8.60 33.89 -33.69
C PRO E 83 -8.48 35.00 -32.66
N LEU E 84 -9.49 35.87 -32.56
CA LEU E 84 -9.45 36.91 -31.53
C LEU E 84 -9.55 36.31 -30.14
N HIS E 85 -10.37 35.28 -29.97
CA HIS E 85 -10.41 34.54 -28.71
C HIS E 85 -9.01 34.13 -28.28
N LEU E 86 -8.31 33.43 -29.16
CA LEU E 86 -6.99 32.91 -28.83
C LEU E 86 -6.02 34.05 -28.50
N ALA E 87 -5.98 35.07 -29.35
CA ALA E 87 -5.05 36.18 -29.13
C ALA E 87 -5.32 36.89 -27.81
N ALA E 88 -6.60 37.14 -27.50
CA ALA E 88 -6.93 37.80 -26.25
C ALA E 88 -6.65 36.90 -25.05
N HIS E 89 -6.91 35.59 -25.19
CA HIS E 89 -6.75 34.68 -24.08
C HIS E 89 -5.29 34.61 -23.61
N PHE E 90 -4.36 34.56 -24.55
CA PHE E 90 -2.96 34.34 -24.23
C PHE E 90 -2.12 35.61 -24.35
N GLY E 91 -2.75 36.77 -24.25
CA GLY E 91 -2.04 38.02 -24.01
C GLY E 91 -1.21 38.56 -25.15
N HIS E 92 -1.61 38.31 -26.40
CA HIS E 92 -0.89 38.83 -27.56
C HIS E 92 -1.53 40.15 -27.95
N LEU E 93 -1.04 41.24 -27.34
CA LEU E 93 -1.67 42.55 -27.51
C LEU E 93 -1.59 43.02 -28.95
N GLU E 94 -0.42 42.88 -29.58
CA GLU E 94 -0.26 43.37 -30.95
C GLU E 94 -1.18 42.64 -31.92
N ILE E 95 -1.36 41.33 -31.72
CA ILE E 95 -2.23 40.57 -32.62
C ILE E 95 -3.69 40.95 -32.39
N VAL E 96 -4.07 41.21 -31.13
CA VAL E 96 -5.45 41.61 -30.85
C VAL E 96 -5.81 42.87 -31.60
N GLU E 97 -4.87 43.82 -31.67
CA GLU E 97 -5.15 45.10 -32.33
C GLU E 97 -5.31 44.91 -33.84
N VAL E 98 -4.37 44.20 -34.46
CA VAL E 98 -4.43 44.03 -35.91
C VAL E 98 -5.65 43.20 -36.30
N LEU E 99 -6.07 42.26 -35.45
CA LEU E 99 -7.30 41.52 -35.72
C LEU E 99 -8.52 42.43 -35.67
N LEU E 100 -8.61 43.27 -34.64
CA LEU E 100 -9.73 44.21 -34.55
C LEU E 100 -9.69 45.23 -35.67
N LYS E 101 -8.49 45.68 -36.04
CA LYS E 101 -8.34 46.63 -37.15
C LYS E 101 -8.87 46.03 -38.45
N ASN E 102 -8.70 44.73 -38.63
CA ASN E 102 -9.14 44.05 -39.85
C ASN E 102 -10.57 43.53 -39.74
N GLY E 103 -11.32 43.98 -38.74
CA GLY E 103 -12.74 43.66 -38.64
C GLY E 103 -13.09 42.42 -37.85
N ALA E 104 -12.26 42.02 -36.89
CA ALA E 104 -12.60 40.88 -36.05
C ALA E 104 -13.80 41.21 -35.17
N ASP E 105 -14.73 40.27 -35.06
CA ASP E 105 -15.91 40.45 -34.23
C ASP E 105 -15.49 40.52 -32.76
N VAL E 106 -15.61 41.71 -32.17
CA VAL E 106 -15.17 41.91 -30.80
C VAL E 106 -16.11 41.24 -29.80
N ASN E 107 -17.34 40.92 -30.20
CA ASN E 107 -18.31 40.28 -29.32
C ASN E 107 -18.61 38.84 -29.72
N ALA E 108 -17.69 38.20 -30.46
CA ALA E 108 -17.89 36.81 -30.85
C ALA E 108 -17.96 35.92 -29.62
N LYS E 109 -18.95 35.02 -29.62
CA LYS E 109 -19.12 34.04 -28.56
C LYS E 109 -18.84 32.65 -29.11
N ASP E 110 -18.13 31.84 -28.33
CA ASP E 110 -17.89 30.46 -28.73
C ASP E 110 -19.10 29.62 -28.34
N ASP E 111 -18.97 28.29 -28.40
CA ASP E 111 -20.07 27.41 -28.07
C ASP E 111 -20.54 27.58 -26.63
N ASN E 112 -19.67 28.07 -25.75
CA ASN E 112 -20.01 28.25 -24.34
C ASN E 112 -20.46 29.66 -24.01
N GLY E 113 -20.63 30.51 -25.03
CA GLY E 113 -20.96 31.89 -24.77
C GLY E 113 -19.81 32.72 -24.24
N ILE E 114 -18.59 32.24 -24.39
CA ILE E 114 -17.40 32.93 -23.88
C ILE E 114 -16.88 33.88 -24.96
N THR E 115 -16.69 35.15 -24.58
CA THR E 115 -16.23 36.22 -25.44
C THR E 115 -14.74 36.45 -25.27
N PRO E 116 -14.10 37.17 -26.20
CA PRO E 116 -12.70 37.56 -25.97
C PRO E 116 -12.51 38.38 -24.71
N LEU E 117 -13.52 39.13 -24.28
CA LEU E 117 -13.39 39.90 -23.05
C LEU E 117 -13.33 38.99 -21.83
N HIS E 118 -14.14 37.92 -21.81
CA HIS E 118 -14.10 36.96 -20.72
C HIS E 118 -12.71 36.32 -20.61
N LEU E 119 -12.16 35.86 -21.74
CA LEU E 119 -10.87 35.21 -21.71
C LEU E 119 -9.77 36.17 -21.28
N ALA E 120 -9.78 37.38 -21.82
CA ALA E 120 -8.76 38.36 -21.45
C ALA E 120 -8.86 38.72 -19.98
N ALA E 121 -10.09 38.88 -19.47
CA ALA E 121 -10.27 39.20 -18.05
C ALA E 121 -9.84 38.05 -17.15
N ASN E 122 -10.03 36.82 -17.59
CA ASN E 122 -9.72 35.67 -16.73
C ASN E 122 -8.22 35.54 -16.48
N ARG E 123 -7.41 35.79 -17.50
CA ARG E 123 -5.96 35.75 -17.35
C ARG E 123 -5.35 37.12 -17.06
N GLY E 124 -6.19 38.10 -16.74
CA GLY E 124 -5.70 39.38 -16.23
C GLY E 124 -4.98 40.27 -17.22
N HIS E 125 -5.27 40.14 -18.51
CA HIS E 125 -4.62 40.95 -19.54
C HIS E 125 -5.32 42.30 -19.59
N LEU E 126 -4.85 43.24 -18.76
CA LEU E 126 -5.53 44.53 -18.63
C LEU E 126 -5.45 45.34 -19.92
N GLU E 127 -4.26 45.39 -20.54
CA GLU E 127 -4.10 46.14 -21.78
C GLU E 127 -5.07 45.66 -22.85
N ILE E 128 -5.21 44.34 -22.98
CA ILE E 128 -6.10 43.79 -24.00
C ILE E 128 -7.55 44.07 -23.66
N VAL E 129 -7.91 44.00 -22.38
CA VAL E 129 -9.26 44.33 -21.95
C VAL E 129 -9.61 45.75 -22.36
N GLU E 130 -8.66 46.67 -22.23
CA GLU E 130 -8.89 48.06 -22.63
C GLU E 130 -9.08 48.17 -24.14
N VAL E 131 -8.25 47.47 -24.91
CA VAL E 131 -8.36 47.52 -26.37
C VAL E 131 -9.69 46.94 -26.82
N LEU E 132 -10.14 45.85 -26.18
CA LEU E 132 -11.42 45.25 -26.54
C LEU E 132 -12.57 46.20 -26.28
N LEU E 133 -12.56 46.85 -25.11
CA LEU E 133 -13.63 47.80 -24.79
C LEU E 133 -13.60 48.99 -25.74
N LYS E 134 -12.41 49.40 -26.17
CA LYS E 134 -12.32 50.52 -27.12
C LYS E 134 -13.03 50.20 -28.42
N TYR E 135 -12.92 48.96 -28.89
CA TYR E 135 -13.57 48.53 -30.13
C TYR E 135 -15.02 48.10 -29.92
N GLY E 136 -15.57 48.32 -28.73
CA GLY E 136 -16.98 48.12 -28.49
C GLY E 136 -17.38 46.79 -27.86
N ALA E 137 -16.50 46.16 -27.09
CA ALA E 137 -16.86 44.92 -26.43
C ALA E 137 -17.96 45.15 -25.40
N ASP E 138 -18.97 44.27 -25.41
CA ASP E 138 -20.09 44.40 -24.49
C ASP E 138 -19.64 44.04 -23.08
N VAL E 139 -19.73 45.01 -22.16
CA VAL E 139 -19.29 44.80 -20.79
C VAL E 139 -20.23 43.87 -20.03
N ASN E 140 -21.49 43.75 -20.46
CA ASN E 140 -22.47 42.93 -19.76
C ASN E 140 -22.72 41.58 -20.44
N ALA E 141 -21.88 41.20 -21.39
CA ALA E 141 -22.01 39.90 -22.02
C ALA E 141 -21.83 38.80 -20.98
N GLN E 142 -22.74 37.84 -20.98
CA GLN E 142 -22.70 36.70 -20.07
C GLN E 142 -22.42 35.43 -20.86
N ASP E 143 -21.70 34.50 -20.23
CA ASP E 143 -21.47 33.19 -20.84
C ASP E 143 -22.64 32.28 -20.48
N LYS E 144 -22.48 30.97 -20.69
CA LYS E 144 -23.57 30.04 -20.44
C LYS E 144 -23.93 29.97 -18.95
N PHE E 145 -23.03 30.38 -18.06
CA PHE E 145 -23.25 30.31 -16.63
C PHE E 145 -23.72 31.64 -16.03
N GLY E 146 -23.96 32.65 -16.85
CA GLY E 146 -24.41 33.94 -16.36
C GLY E 146 -23.31 34.87 -15.88
N LYS E 147 -22.04 34.53 -16.11
CA LYS E 147 -20.93 35.32 -15.60
C LYS E 147 -20.52 36.38 -16.61
N THR E 148 -20.22 37.58 -16.10
CA THR E 148 -19.68 38.66 -16.89
C THR E 148 -18.18 38.78 -16.64
N ALA E 149 -17.54 39.67 -17.39
CA ALA E 149 -16.13 39.95 -17.14
C ALA E 149 -15.92 40.54 -15.75
N PHE E 150 -16.92 41.23 -15.21
CA PHE E 150 -16.82 41.76 -13.86
C PHE E 150 -16.87 40.64 -12.83
N ASP E 151 -17.76 39.67 -13.01
CA ASP E 151 -17.82 38.52 -12.12
C ASP E 151 -16.49 37.77 -12.13
N ILE E 152 -15.84 37.67 -13.29
CA ILE E 152 -14.55 37.00 -13.39
C ILE E 152 -13.51 37.73 -12.56
N SER E 153 -13.50 39.06 -12.64
CA SER E 153 -12.55 39.85 -11.87
C SER E 153 -12.76 39.67 -10.37
N ILE E 154 -14.03 39.67 -9.94
CA ILE E 154 -14.33 39.50 -8.52
C ILE E 154 -13.87 38.14 -8.03
N ASN E 155 -14.15 37.09 -8.81
CA ASN E 155 -13.79 35.75 -8.39
C ASN E 155 -12.27 35.58 -8.31
N ASN E 156 -11.54 36.18 -9.25
CA ASN E 156 -10.09 36.11 -9.25
C ASN E 156 -9.46 37.06 -8.24
N GLY E 157 -10.22 37.99 -7.67
CA GLY E 157 -9.66 38.96 -6.74
C GLY E 157 -8.71 39.92 -7.40
N ASN E 158 -9.11 40.45 -8.55
CA ASN E 158 -8.30 41.38 -9.35
C ASN E 158 -9.02 42.72 -9.35
N GLU E 159 -8.75 43.55 -8.33
CA GLU E 159 -9.50 44.79 -8.17
C GLU E 159 -9.12 45.85 -9.18
N ASP E 160 -7.89 45.80 -9.72
CA ASP E 160 -7.52 46.76 -10.75
C ASP E 160 -8.30 46.50 -12.04
N LEU E 161 -8.50 45.22 -12.39
CA LEU E 161 -9.36 44.91 -13.52
C LEU E 161 -10.81 45.24 -13.20
N ALA E 162 -11.25 44.97 -11.96
CA ALA E 162 -12.60 45.29 -11.56
C ALA E 162 -12.87 46.79 -11.63
N GLU E 163 -11.86 47.61 -11.37
CA GLU E 163 -12.03 49.06 -11.43
C GLU E 163 -12.28 49.52 -12.87
N ILE E 164 -11.52 48.97 -13.83
CA ILE E 164 -11.73 49.32 -15.23
C ILE E 164 -13.15 48.99 -15.66
N LEU E 165 -13.59 47.76 -15.40
CA LEU E 165 -14.92 47.33 -15.76
C LEU E 165 -15.97 48.04 -14.92
N GLY F 15 -23.11 -47.78 9.51
CA GLY F 15 -23.57 -47.22 8.26
C GLY F 15 -22.71 -46.10 7.70
N LYS F 16 -21.59 -45.83 8.37
CA LYS F 16 -20.68 -44.79 7.89
C LYS F 16 -19.89 -45.29 6.68
N LYS F 17 -19.51 -46.56 6.71
CA LYS F 17 -18.77 -47.19 5.62
C LYS F 17 -19.60 -47.19 4.34
N LEU F 18 -20.93 -47.25 4.47
CA LEU F 18 -21.81 -47.20 3.29
C LEU F 18 -21.96 -45.77 2.79
N LEU F 19 -22.00 -44.80 3.70
CA LEU F 19 -21.91 -43.41 3.28
C LEU F 19 -20.65 -43.16 2.47
N GLU F 20 -19.51 -43.65 2.98
CA GLU F 20 -18.27 -43.54 2.21
C GLU F 20 -18.35 -44.31 0.89
N ALA F 21 -18.98 -45.49 0.91
CA ALA F 21 -19.05 -46.31 -0.30
C ALA F 21 -19.94 -45.66 -1.35
N ALA F 22 -21.09 -45.14 -0.95
CA ALA F 22 -22.00 -44.51 -1.91
C ALA F 22 -21.42 -43.21 -2.48
N ARG F 23 -20.40 -42.64 -1.84
CA ARG F 23 -19.80 -41.40 -2.30
C ARG F 23 -18.67 -41.65 -3.30
N ALA F 24 -17.73 -42.53 -2.96
CA ALA F 24 -16.57 -42.76 -3.80
C ALA F 24 -16.89 -43.53 -5.07
N GLY F 25 -18.12 -44.02 -5.23
CA GLY F 25 -18.49 -44.72 -6.44
C GLY F 25 -17.80 -46.07 -6.60
N ARG F 26 -18.09 -46.99 -5.68
CA ARG F 26 -17.56 -48.35 -5.72
C ARG F 26 -18.75 -49.28 -5.56
N ASP F 27 -19.33 -49.68 -6.70
CA ASP F 27 -20.58 -50.45 -6.69
C ASP F 27 -20.45 -51.74 -5.88
N ASP F 28 -19.33 -52.45 -6.04
CA ASP F 28 -19.19 -53.76 -5.43
C ASP F 28 -19.26 -53.67 -3.90
N GLU F 29 -18.49 -52.76 -3.31
CA GLU F 29 -18.54 -52.57 -1.85
C GLU F 29 -19.96 -52.34 -1.38
N VAL F 30 -20.67 -51.44 -2.06
CA VAL F 30 -22.00 -51.01 -1.61
C VAL F 30 -22.91 -52.22 -1.38
N ARG F 31 -23.00 -53.10 -2.38
CA ARG F 31 -23.90 -54.24 -2.27
C ARG F 31 -23.45 -55.26 -1.23
N ILE F 32 -22.15 -55.28 -0.88
CA ILE F 32 -21.72 -56.09 0.26
C ILE F 32 -22.38 -55.59 1.54
N LEU F 33 -22.65 -54.29 1.62
CA LEU F 33 -23.07 -53.68 2.88
C LEU F 33 -24.53 -53.98 3.19
N MET F 34 -25.41 -53.96 2.18
CA MET F 34 -26.79 -54.36 2.44
C MET F 34 -26.96 -55.88 2.47
N ALA F 35 -26.08 -56.61 1.77
CA ALA F 35 -26.01 -58.05 1.99
C ALA F 35 -25.55 -58.37 3.40
N ASN F 36 -24.83 -57.43 4.04
CA ASN F 36 -24.47 -57.53 5.44
C ASN F 36 -25.41 -56.76 6.35
N GLY F 37 -26.40 -56.06 5.79
CA GLY F 37 -27.43 -55.42 6.58
C GLY F 37 -27.14 -54.01 7.03
N ALA F 38 -26.27 -53.28 6.35
CA ALA F 38 -26.01 -51.89 6.71
C ALA F 38 -27.26 -51.04 6.46
N ASP F 39 -27.47 -50.04 7.33
CA ASP F 39 -28.66 -49.21 7.23
C ASP F 39 -28.67 -48.43 5.92
N VAL F 40 -29.64 -48.74 5.06
CA VAL F 40 -29.80 -48.03 3.80
C VAL F 40 -30.17 -46.57 4.00
N ASN F 41 -30.62 -46.20 5.20
CA ASN F 41 -31.02 -44.83 5.51
C ASN F 41 -30.08 -44.18 6.53
N ALA F 42 -28.82 -44.60 6.56
CA ALA F 42 -27.85 -43.98 7.45
C ALA F 42 -27.54 -42.56 6.98
N ALA F 43 -27.23 -41.68 7.95
CA ALA F 43 -27.02 -40.28 7.65
C ALA F 43 -25.74 -39.78 8.30
N ASP F 44 -25.05 -38.87 7.62
CA ASP F 44 -23.90 -38.18 8.20
C ASP F 44 -24.41 -36.95 8.95
N VAL F 45 -23.47 -36.12 9.43
CA VAL F 45 -23.85 -35.01 10.30
C VAL F 45 -24.69 -33.97 9.58
N VAL F 46 -24.60 -33.88 8.26
CA VAL F 46 -25.39 -32.91 7.52
C VAL F 46 -26.70 -33.53 7.05
N GLY F 47 -26.95 -34.76 7.46
CA GLY F 47 -28.21 -35.42 7.12
C GLY F 47 -28.28 -36.01 5.75
N TRP F 48 -27.14 -36.33 5.14
CA TRP F 48 -27.10 -36.86 3.78
C TRP F 48 -27.08 -38.39 3.84
N THR F 49 -28.14 -39.01 3.33
CA THR F 49 -28.20 -40.47 3.24
C THR F 49 -27.29 -40.94 2.11
N PRO F 50 -27.05 -42.25 1.99
CA PRO F 50 -26.28 -42.74 0.83
C PRO F 50 -26.97 -42.43 -0.49
N LEU F 51 -28.29 -42.28 -0.50
CA LEU F 51 -28.99 -41.87 -1.71
C LEU F 51 -28.62 -40.43 -2.08
N HIS F 52 -28.49 -39.55 -1.08
CA HIS F 52 -28.01 -38.20 -1.33
C HIS F 52 -26.63 -38.22 -1.97
N LEU F 53 -25.70 -38.97 -1.37
CA LEU F 53 -24.33 -39.01 -1.86
C LEU F 53 -24.26 -39.55 -3.29
N ALA F 54 -25.04 -40.60 -3.59
CA ALA F 54 -25.01 -41.18 -4.92
C ALA F 54 -25.60 -40.23 -5.95
N ALA F 55 -26.67 -39.52 -5.58
CA ALA F 55 -27.28 -38.57 -6.52
C ALA F 55 -26.39 -37.34 -6.74
N TYR F 56 -25.59 -36.98 -5.74
CA TYR F 56 -24.72 -35.82 -5.88
C TYR F 56 -23.59 -36.09 -6.88
N TRP F 57 -22.80 -37.11 -6.62
CA TRP F 57 -21.67 -37.45 -7.49
C TRP F 57 -22.09 -38.20 -8.74
N GLY F 58 -23.37 -38.51 -8.90
CA GLY F 58 -23.87 -39.08 -10.13
C GLY F 58 -23.50 -40.54 -10.36
N HIS F 59 -23.72 -41.37 -9.35
CA HIS F 59 -23.48 -42.82 -9.46
C HIS F 59 -24.84 -43.50 -9.66
N LEU F 60 -25.16 -43.78 -10.92
CA LEU F 60 -26.50 -44.30 -11.24
C LEU F 60 -26.71 -45.67 -10.64
N GLU F 61 -25.73 -46.57 -10.78
CA GLU F 61 -25.91 -47.95 -10.34
C GLU F 61 -26.20 -48.02 -8.84
N ILE F 62 -25.53 -47.18 -8.05
CA ILE F 62 -25.77 -47.20 -6.61
C ILE F 62 -27.14 -46.62 -6.28
N VAL F 63 -27.59 -45.62 -7.04
CA VAL F 63 -28.94 -45.10 -6.86
C VAL F 63 -29.97 -46.21 -7.06
N GLU F 64 -29.76 -47.05 -8.07
CA GLU F 64 -30.69 -48.14 -8.32
C GLU F 64 -30.61 -49.21 -7.23
N VAL F 65 -29.39 -49.55 -6.79
CA VAL F 65 -29.23 -50.60 -5.79
C VAL F 65 -29.81 -50.16 -4.46
N LEU F 66 -29.49 -48.93 -4.03
CA LEU F 66 -29.98 -48.44 -2.75
C LEU F 66 -31.51 -48.41 -2.72
N LEU F 67 -32.13 -47.88 -3.79
CA LEU F 67 -33.58 -47.88 -3.87
C LEU F 67 -34.13 -49.30 -3.89
N LYS F 68 -33.37 -50.25 -4.44
CA LYS F 68 -33.79 -51.64 -4.43
C LYS F 68 -33.87 -52.20 -3.01
N ASN F 69 -33.02 -51.71 -2.11
CA ASN F 69 -32.97 -52.18 -0.74
C ASN F 69 -33.77 -51.30 0.21
N GLY F 70 -34.76 -50.57 -0.30
CA GLY F 70 -35.64 -49.80 0.56
C GLY F 70 -35.11 -48.46 1.01
N ALA F 71 -34.28 -47.82 0.19
CA ALA F 71 -33.78 -46.49 0.53
C ALA F 71 -34.92 -45.48 0.50
N ASP F 72 -34.95 -44.59 1.48
CA ASP F 72 -35.95 -43.52 1.51
C ASP F 72 -35.76 -42.61 0.31
N VAL F 73 -36.67 -42.69 -0.66
CA VAL F 73 -36.56 -41.89 -1.87
C VAL F 73 -36.84 -40.41 -1.57
N ASN F 74 -37.50 -40.11 -0.46
CA ASN F 74 -37.82 -38.74 -0.08
C ASN F 74 -37.09 -38.31 1.20
N ALA F 75 -35.88 -38.84 1.42
CA ALA F 75 -35.12 -38.49 2.60
C ALA F 75 -34.67 -37.04 2.55
N TYR F 76 -34.80 -36.35 3.68
CA TYR F 76 -34.42 -34.95 3.80
C TYR F 76 -33.08 -34.83 4.51
N ASP F 77 -32.33 -33.79 4.15
CA ASP F 77 -31.16 -33.41 4.93
C ASP F 77 -31.57 -32.35 5.94
N THR F 78 -30.58 -31.84 6.70
CA THR F 78 -30.90 -30.92 7.78
C THR F 78 -31.53 -29.62 7.30
N LEU F 79 -31.45 -29.33 5.99
CA LEU F 79 -32.08 -28.14 5.44
C LEU F 79 -33.20 -28.48 4.46
N GLY F 80 -33.69 -29.72 4.49
CA GLY F 80 -34.89 -30.08 3.73
C GLY F 80 -34.66 -30.41 2.27
N SER F 81 -33.44 -30.76 1.88
CA SER F 81 -33.14 -31.12 0.51
C SER F 81 -33.20 -32.62 0.33
N THR F 82 -33.81 -33.06 -0.77
CA THR F 82 -33.99 -34.47 -1.09
C THR F 82 -32.99 -34.91 -2.15
N PRO F 83 -32.75 -36.21 -2.31
CA PRO F 83 -31.86 -36.66 -3.38
C PRO F 83 -32.30 -36.23 -4.77
N LEU F 84 -33.59 -35.97 -4.97
CA LEU F 84 -34.04 -35.47 -6.27
C LEU F 84 -33.54 -34.05 -6.52
N HIS F 85 -33.48 -33.23 -5.47
CA HIS F 85 -32.93 -31.89 -5.59
C HIS F 85 -31.51 -31.93 -6.13
N LEU F 86 -30.68 -32.80 -5.57
CA LEU F 86 -29.27 -32.88 -5.97
C LEU F 86 -29.13 -33.34 -7.41
N ALA F 87 -29.90 -34.36 -7.80
CA ALA F 87 -29.79 -34.89 -9.16
C ALA F 87 -30.31 -33.90 -10.19
N ALA F 88 -31.44 -33.25 -9.90
CA ALA F 88 -31.95 -32.24 -10.82
C ALA F 88 -31.02 -31.05 -10.93
N HIS F 89 -30.34 -30.70 -9.83
CA HIS F 89 -29.46 -29.53 -9.83
C HIS F 89 -28.22 -29.76 -10.69
N PHE F 90 -27.63 -30.95 -10.60
CA PHE F 90 -26.33 -31.21 -11.21
C PHE F 90 -26.43 -31.99 -12.51
N GLY F 91 -27.58 -31.97 -13.17
CA GLY F 91 -27.68 -32.47 -14.53
C GLY F 91 -27.62 -33.97 -14.68
N HIS F 92 -28.11 -34.73 -13.71
CA HIS F 92 -28.06 -36.19 -13.76
C HIS F 92 -29.42 -36.70 -14.25
N LEU F 93 -29.57 -36.72 -15.58
CA LEU F 93 -30.84 -37.08 -16.19
C LEU F 93 -31.19 -38.54 -15.93
N GLU F 94 -30.19 -39.43 -15.95
CA GLU F 94 -30.46 -40.83 -15.66
C GLU F 94 -30.98 -41.02 -14.25
N ILE F 95 -30.50 -40.19 -13.31
CA ILE F 95 -30.85 -40.39 -11.91
C ILE F 95 -32.18 -39.72 -11.56
N VAL F 96 -32.52 -38.60 -12.20
CA VAL F 96 -33.82 -38.00 -11.93
C VAL F 96 -34.94 -38.92 -12.41
N GLU F 97 -34.71 -39.67 -13.49
CA GLU F 97 -35.70 -40.65 -13.94
C GLU F 97 -35.87 -41.76 -12.90
N VAL F 98 -34.75 -42.34 -12.45
CA VAL F 98 -34.80 -43.47 -11.52
C VAL F 98 -35.45 -43.06 -10.20
N LEU F 99 -35.24 -41.82 -9.76
CA LEU F 99 -35.85 -41.38 -8.51
C LEU F 99 -37.34 -41.10 -8.68
N LEU F 100 -37.73 -40.53 -9.83
CA LEU F 100 -39.14 -40.20 -10.03
C LEU F 100 -40.00 -41.44 -10.24
N LYS F 101 -39.44 -42.50 -10.83
CA LYS F 101 -40.20 -43.74 -10.99
C LYS F 101 -40.37 -44.45 -9.65
N ASN F 102 -39.47 -44.21 -8.70
CA ASN F 102 -39.55 -44.80 -7.37
C ASN F 102 -40.31 -43.94 -6.38
N GLY F 103 -40.85 -42.81 -6.80
CA GLY F 103 -41.73 -42.03 -5.95
C GLY F 103 -41.13 -40.81 -5.31
N ALA F 104 -40.23 -40.13 -6.00
CA ALA F 104 -39.69 -38.87 -5.50
C ALA F 104 -40.74 -37.76 -5.65
N ASP F 105 -41.00 -37.05 -4.55
CA ASP F 105 -41.93 -35.93 -4.57
C ASP F 105 -41.42 -34.87 -5.54
N VAL F 106 -42.01 -34.84 -6.74
CA VAL F 106 -41.55 -33.93 -7.78
C VAL F 106 -41.72 -32.47 -7.36
N ASN F 107 -42.61 -32.18 -6.41
CA ASN F 107 -42.85 -30.83 -5.93
C ASN F 107 -42.29 -30.61 -4.53
N ALA F 108 -41.25 -31.37 -4.15
CA ALA F 108 -40.68 -31.26 -2.82
C ALA F 108 -40.00 -29.92 -2.63
N LYS F 109 -40.31 -29.24 -1.52
CA LYS F 109 -39.74 -27.95 -1.18
C LYS F 109 -38.73 -28.11 -0.04
N ASP F 110 -37.58 -27.46 -0.18
CA ASP F 110 -36.64 -27.38 0.92
C ASP F 110 -37.03 -26.21 1.83
N ASP F 111 -36.20 -25.94 2.84
CA ASP F 111 -36.51 -24.88 3.80
C ASP F 111 -36.65 -23.51 3.14
N ASN F 112 -36.15 -23.35 1.92
CA ASN F 112 -36.24 -22.09 1.20
C ASN F 112 -37.36 -22.08 0.15
N GLY F 113 -38.17 -23.13 0.10
CA GLY F 113 -39.19 -23.21 -0.93
C GLY F 113 -38.67 -23.52 -2.31
N ILE F 114 -37.48 -24.08 -2.40
CA ILE F 114 -36.86 -24.39 -3.69
C ILE F 114 -37.24 -25.81 -4.08
N THR F 115 -37.79 -25.96 -5.29
CA THR F 115 -38.18 -27.24 -5.86
C THR F 115 -37.13 -27.72 -6.84
N PRO F 116 -37.13 -29.02 -7.17
CA PRO F 116 -36.21 -29.50 -8.21
C PRO F 116 -36.38 -28.81 -9.55
N LEU F 117 -37.57 -28.31 -9.86
CA LEU F 117 -37.76 -27.55 -11.09
C LEU F 117 -36.96 -26.25 -11.06
N HIS F 118 -36.87 -25.61 -9.89
CA HIS F 118 -36.07 -24.40 -9.76
C HIS F 118 -34.60 -24.70 -10.04
N LEU F 119 -34.04 -25.72 -9.39
CA LEU F 119 -32.64 -26.04 -9.55
C LEU F 119 -32.33 -26.46 -10.98
N ALA F 120 -33.24 -27.21 -11.61
CA ALA F 120 -33.02 -27.63 -12.99
C ALA F 120 -33.09 -26.45 -13.94
N ALA F 121 -34.06 -25.54 -13.75
CA ALA F 121 -34.20 -24.40 -14.63
C ALA F 121 -33.00 -23.45 -14.50
N ASN F 122 -32.46 -23.32 -13.29
CA ASN F 122 -31.34 -22.41 -13.08
C ASN F 122 -30.10 -22.87 -13.84
N ARG F 123 -29.82 -24.16 -13.83
CA ARG F 123 -28.65 -24.69 -14.51
C ARG F 123 -28.89 -24.96 -15.99
N GLY F 124 -30.10 -24.68 -16.50
CA GLY F 124 -30.37 -24.87 -17.91
C GLY F 124 -30.48 -26.32 -18.34
N HIS F 125 -30.84 -27.22 -17.42
CA HIS F 125 -30.97 -28.64 -17.73
C HIS F 125 -32.36 -28.88 -18.33
N LEU F 126 -32.50 -28.51 -19.61
CA LEU F 126 -33.80 -28.57 -20.27
C LEU F 126 -34.32 -29.99 -20.36
N GLU F 127 -33.43 -30.98 -20.51
CA GLU F 127 -33.87 -32.37 -20.56
C GLU F 127 -34.50 -32.79 -19.24
N ILE F 128 -33.90 -32.38 -18.12
CA ILE F 128 -34.46 -32.73 -16.81
C ILE F 128 -35.73 -31.93 -16.53
N VAL F 129 -35.82 -30.71 -17.06
CA VAL F 129 -37.02 -29.90 -16.88
C VAL F 129 -38.22 -30.59 -17.50
N GLU F 130 -38.03 -31.20 -18.68
CA GLU F 130 -39.12 -31.92 -19.33
C GLU F 130 -39.58 -33.11 -18.50
N VAL F 131 -38.63 -33.92 -18.03
CA VAL F 131 -38.97 -35.10 -17.23
C VAL F 131 -39.69 -34.68 -15.95
N LEU F 132 -39.22 -33.60 -15.32
CA LEU F 132 -39.88 -33.09 -14.12
C LEU F 132 -41.30 -32.66 -14.42
N LEU F 133 -41.49 -31.88 -15.50
CA LEU F 133 -42.83 -31.46 -15.91
C LEU F 133 -43.71 -32.67 -16.19
N LYS F 134 -43.16 -33.68 -16.87
CA LYS F 134 -43.94 -34.86 -17.24
C LYS F 134 -44.47 -35.58 -16.01
N TYR F 135 -43.75 -35.54 -14.89
CA TYR F 135 -44.16 -36.21 -13.66
C TYR F 135 -45.06 -35.35 -12.79
N GLY F 136 -45.51 -34.21 -13.29
CA GLY F 136 -46.44 -33.37 -12.55
C GLY F 136 -45.82 -32.22 -11.79
N ALA F 137 -44.67 -31.70 -12.22
CA ALA F 137 -44.07 -30.57 -11.54
C ALA F 137 -44.94 -29.33 -11.70
N ASP F 138 -45.23 -28.67 -10.58
CA ASP F 138 -46.02 -27.45 -10.60
C ASP F 138 -45.17 -26.31 -11.20
N VAL F 139 -45.50 -25.92 -12.42
CA VAL F 139 -44.69 -24.89 -13.09
C VAL F 139 -44.83 -23.55 -12.40
N ASN F 140 -45.94 -23.33 -11.68
CA ASN F 140 -46.18 -22.07 -11.00
C ASN F 140 -45.68 -22.06 -9.56
N ALA F 141 -44.88 -23.05 -9.17
CA ALA F 141 -44.38 -23.12 -7.81
C ALA F 141 -43.41 -21.97 -7.54
N GLN F 142 -43.62 -21.26 -6.44
CA GLN F 142 -42.75 -20.17 -6.01
C GLN F 142 -41.87 -20.64 -4.85
N ASP F 143 -40.76 -19.93 -4.67
CA ASP F 143 -39.92 -20.09 -3.49
C ASP F 143 -40.25 -18.99 -2.49
N LYS F 144 -39.43 -18.87 -1.44
CA LYS F 144 -39.68 -17.86 -0.42
C LYS F 144 -39.64 -16.45 -1.00
N PHE F 145 -38.88 -16.27 -2.09
CA PHE F 145 -38.79 -14.97 -2.75
C PHE F 145 -39.85 -14.81 -3.85
N GLY F 146 -40.78 -15.75 -3.97
CA GLY F 146 -41.85 -15.64 -4.94
C GLY F 146 -41.47 -15.89 -6.37
N LYS F 147 -40.28 -16.45 -6.62
CA LYS F 147 -39.82 -16.70 -7.97
C LYS F 147 -40.27 -18.08 -8.44
N THR F 148 -40.69 -18.15 -9.70
CA THR F 148 -41.03 -19.41 -10.35
C THR F 148 -39.95 -19.77 -11.36
N ALA F 149 -40.07 -20.97 -11.94
CA ALA F 149 -39.09 -21.41 -12.92
C ALA F 149 -39.06 -20.50 -14.14
N PHE F 150 -40.19 -19.86 -14.47
CA PHE F 150 -40.22 -18.94 -15.59
C PHE F 150 -39.40 -17.69 -15.30
N ASP F 151 -39.51 -17.14 -14.09
CA ASP F 151 -38.72 -15.98 -13.72
C ASP F 151 -37.22 -16.29 -13.81
N ILE F 152 -36.84 -17.52 -13.48
CA ILE F 152 -35.44 -17.92 -13.59
C ILE F 152 -35.00 -17.92 -15.04
N SER F 153 -35.84 -18.43 -15.94
CA SER F 153 -35.48 -18.45 -17.36
C SER F 153 -35.36 -17.04 -17.93
N ILE F 154 -36.23 -16.13 -17.49
CA ILE F 154 -36.15 -14.75 -17.95
C ILE F 154 -34.90 -14.07 -17.39
N ASN F 155 -34.60 -14.30 -16.12
CA ASN F 155 -33.45 -13.65 -15.50
C ASN F 155 -32.14 -14.17 -16.05
N ASN F 156 -32.11 -15.44 -16.49
CA ASN F 156 -30.90 -16.01 -17.07
C ASN F 156 -30.79 -15.78 -18.57
N GLY F 157 -31.88 -15.39 -19.23
CA GLY F 157 -31.86 -15.20 -20.66
C GLY F 157 -31.94 -16.48 -21.47
N ASN F 158 -32.40 -17.58 -20.86
CA ASN F 158 -32.50 -18.86 -21.54
C ASN F 158 -33.81 -18.87 -22.33
N GLU F 159 -33.70 -18.62 -23.64
CA GLU F 159 -34.89 -18.47 -24.47
C GLU F 159 -35.64 -19.78 -24.61
N ASP F 160 -34.93 -20.87 -24.88
CA ASP F 160 -35.59 -22.15 -25.10
C ASP F 160 -36.31 -22.62 -23.84
N LEU F 161 -35.57 -22.73 -22.72
CA LEU F 161 -36.20 -23.09 -21.45
C LEU F 161 -37.41 -22.22 -21.14
N ALA F 162 -37.38 -20.95 -21.57
CA ALA F 162 -38.48 -20.04 -21.25
C ALA F 162 -39.78 -20.49 -21.90
N GLU F 163 -39.72 -20.98 -23.15
CA GLU F 163 -40.93 -21.37 -23.85
C GLU F 163 -41.40 -22.77 -23.48
N ILE F 164 -40.54 -23.59 -22.88
CA ILE F 164 -40.99 -24.91 -22.44
C ILE F 164 -41.94 -24.78 -21.25
N LEU F 165 -41.84 -23.69 -20.48
CA LEU F 165 -42.77 -23.38 -19.42
C LEU F 165 -43.91 -22.48 -19.88
N GLN F 166 -44.08 -22.30 -21.19
CA GLN F 166 -45.09 -21.42 -21.77
C GLN F 166 -44.96 -19.99 -21.25
C1 PEG G . -28.67 1.57 8.53
O1 PEG G . -27.30 1.17 8.51
C2 PEG G . -28.79 3.00 9.05
O2 PEG G . -30.12 3.24 9.46
C3 PEG G . -30.17 4.12 10.59
C4 PEG G . -31.53 4.01 11.26
O4 PEG G . -31.39 4.20 12.67
C1 PEG H . -7.17 -3.75 10.86
O1 PEG H . -8.00 -2.79 10.21
C2 PEG H . -5.72 -3.23 10.91
O2 PEG H . -5.66 -2.06 11.72
C3 PEG H . -4.45 -2.03 12.47
C4 PEG H . -4.17 -0.62 12.98
O4 PEG H . -5.11 -0.27 14.00
C1 PEG I . -24.97 18.90 6.94
O1 PEG I . -24.91 20.33 7.03
C2 PEG I . -24.57 18.27 8.27
O2 PEG I . -23.17 18.07 8.32
C3 PEG I . -22.78 17.30 9.45
C4 PEG I . -21.26 17.20 9.52
O4 PEG I . -20.77 16.48 8.38
C1 PEG J . 26.34 7.78 22.94
O1 PEG J . 27.52 7.89 22.13
C2 PEG J . 25.18 7.29 22.07
O2 PEG J . 24.75 8.34 21.20
C3 PEG J . 23.61 7.95 20.43
C4 PEG J . 23.00 9.20 19.81
O4 PEG J . 22.77 10.16 20.85
C1 DXT K . -0.59 -3.08 -23.78
O1 DXT K . -0.76 -2.36 -24.76
C2 DXT K . -0.35 -2.50 -22.46
O21 DXT K . -0.43 -0.58 -21.15
C21 DXT K . -0.50 -1.06 -22.28
N21 DXT K . -0.67 -0.30 -23.36
C3 DXT K . -0.02 -3.29 -21.44
O3 DXT K . -0.27 -2.89 -20.20
C4 DXT K . 0.66 -4.63 -21.65
N4 DXT K . 0.27 -5.63 -20.63
C41 DXT K . 1.12 -6.83 -20.75
C42 DXT K . -1.15 -6.01 -20.67
C4A DXT K . 0.54 -5.15 -23.10
C5 DXT K . 1.86 -4.80 -23.78
O5 DXT K . 2.89 -5.36 -22.95
C5A DXT K . 1.98 -5.33 -25.22
C6 DXT K . 3.01 -4.55 -26.03
C61 DXT K . 4.40 -4.52 -25.40
C6A DXT K . 3.14 -5.13 -27.39
C7 DXT K . 4.36 -5.17 -28.05
C8 DXT K . 4.45 -5.72 -29.34
C9 DXT K . 3.35 -6.24 -30.01
C10 DXT K . 2.09 -6.23 -29.43
O10 DXT K . 1.01 -6.73 -30.08
C6B DXT K . 1.94 -5.66 -28.07
C11 DXT K . 0.63 -5.61 -27.36
O11 DXT K . -0.41 -5.85 -27.94
C5B DXT K . 0.64 -5.28 -25.93
C12 DXT K . -0.52 -4.96 -25.35
O12 DXT K . -1.63 -5.02 -26.07
C4B DXT K . -0.62 -4.57 -23.91
O13 DXT K . -1.90 -5.04 -23.42
C1 DXT L . 13.39 -4.42 -29.41
O1 DXT L . 13.85 -5.53 -29.29
C2 DXT L . 13.41 -3.47 -28.30
O21 DXT L . 14.62 -2.90 -26.42
C21 DXT L . 14.10 -3.80 -27.06
N21 DXT L . 14.13 -5.07 -26.66
C3 DXT L . 12.80 -2.29 -28.40
O3 DXT L . 13.18 -1.34 -27.55
C4 DXT L . 11.73 -2.00 -29.43
N4 DXT L . 12.04 -0.74 -30.15
C41 DXT L . 11.46 0.39 -29.41
C42 DXT L . 11.48 -0.73 -31.51
C4A DXT L . 11.52 -3.18 -30.40
C5 DXT L . 10.43 -4.12 -29.88
O5 DXT L . 9.32 -3.29 -29.53
C5A DXT L . 10.03 -5.16 -30.93
C6 DXT L . 9.24 -6.36 -30.39
C61 DXT L . 8.01 -5.98 -29.57
C6A DXT L . 8.78 -7.19 -31.54
C7 DXT L . 7.50 -7.72 -31.62
C8 DXT L . 7.12 -8.50 -32.71
C9 DXT L . 7.98 -8.75 -33.78
C10 DXT L . 9.28 -8.26 -33.79
O10 DXT L . 10.11 -8.52 -34.83
C6B DXT L . 9.73 -7.44 -32.64
C11 DXT L . 11.09 -6.85 -32.54
O11 DXT L . 12.02 -7.30 -33.19
C5B DXT L . 11.25 -5.69 -31.68
C12 DXT L . 12.46 -5.13 -31.60
O12 DXT L . 13.44 -5.63 -32.36
C4B DXT L . 12.79 -3.95 -30.72
O13 DXT L . 13.71 -3.09 -31.38
C1 PEG M . -9.18 -2.75 -8.52
O1 PEG M . -9.48 -1.51 -7.86
C2 PEG M . -9.12 -3.85 -7.49
O2 PEG M . -9.01 -5.13 -8.11
C3 PEG M . -8.43 -6.08 -7.21
C4 PEG M . -9.09 -7.43 -7.38
O4 PEG M . -10.50 -7.32 -7.13
#